data_4M1E
#
_entry.id   4M1E
#
_cell.length_a   80.950
_cell.length_b   81.060
_cell.length_c   91.616
_cell.angle_alpha   103.420
_cell.angle_beta   105.360
_cell.angle_gamma   112.730
#
_symmetry.space_group_name_H-M   'P 1'
#
loop_
_entity.id
_entity.type
_entity.pdbx_description
1 polymer 'Purine nucleoside phosphorylase'
2 non-polymer 'SULFATE ION'
3 non-polymer ADENINE
4 non-polymer 'PYRIDINE-2-CARBOXYLIC ACID'
5 water water
#
_entity_poly.entity_id   1
_entity_poly.type   'polypeptide(L)'
_entity_poly.pdbx_seq_one_letter_code
;(MSE)HHHHHHSSGVDLGTENLYFQS(MSE)SELKSRIDQATAKISQLWQGEPAVG(MSE)ILGTGLGGLAEQIEQDIAI
PYSDIPHFPTSTVKSHAGRLVCGRLRGIPIVA(MSE)EGRFHYYEGYSLEQVTFPVRV(MSE)KA(MSE)GVKTLLVTNA
AGGINPQLDLSDVLIIEDHINL(MSE)PENPLRGPNDEELGPRFPD(MSE)SHPYDCQH(MSE)EVARQVALELGIHCPK
GVFVAVSGPNLETRAEYR(MSE)LKL(MSE)GADVVG(MSE)STVPEVLVAVHAGLRVLGFSVVTDLCLPDALEPVELNK
ILEVAARGGAKLARLIPEILPRIAL
;
_entity_poly.pdbx_strand_id   A,B,C,E,D,F
#
# COMPACT_ATOMS: atom_id res chain seq x y z
N GLU A 25 -26.99 -22.62 29.50
CA GLU A 25 -26.46 -21.24 29.79
C GLU A 25 -27.02 -20.18 28.82
N LEU A 26 -26.41 -20.06 27.64
CA LEU A 26 -26.73 -18.99 26.71
C LEU A 26 -28.14 -19.14 26.13
N LYS A 27 -28.39 -20.24 25.43
CA LYS A 27 -29.70 -20.52 24.84
C LYS A 27 -30.82 -20.53 25.89
N SER A 28 -30.47 -20.90 27.12
CA SER A 28 -31.43 -20.87 28.22
C SER A 28 -31.80 -19.44 28.61
N ARG A 29 -30.81 -18.54 28.60
CA ARG A 29 -31.06 -17.11 28.81
C ARG A 29 -31.86 -16.53 27.64
N ILE A 30 -31.59 -17.03 26.43
CA ILE A 30 -32.30 -16.60 25.23
C ILE A 30 -33.77 -17.00 25.33
N ASP A 31 -34.02 -18.28 25.63
CA ASP A 31 -35.38 -18.81 25.81
C ASP A 31 -36.21 -18.05 26.85
N GLN A 32 -35.61 -17.76 28.00
CA GLN A 32 -36.23 -16.91 29.02
C GLN A 32 -36.57 -15.48 28.56
N ALA A 33 -35.66 -14.83 27.84
CA ALA A 33 -35.89 -13.46 27.31
C ALA A 33 -37.08 -13.43 26.34
N THR A 34 -37.17 -14.46 25.51
CA THR A 34 -38.20 -14.58 24.49
C THR A 34 -39.53 -15.02 25.10
N ALA A 35 -39.48 -16.01 26.01
CA ALA A 35 -40.68 -16.43 26.75
C ALA A 35 -41.44 -15.23 27.33
N LYS A 36 -40.72 -14.31 27.98
CA LYS A 36 -41.32 -13.10 28.55
C LYS A 36 -41.94 -12.18 27.48
N ILE A 37 -41.20 -11.93 26.40
CA ILE A 37 -41.63 -11.01 25.33
C ILE A 37 -42.92 -11.47 24.66
N SER A 38 -43.04 -12.78 24.42
CA SER A 38 -44.27 -13.41 23.95
C SER A 38 -45.49 -13.01 24.82
N GLN A 39 -45.29 -12.92 26.13
CA GLN A 39 -46.35 -12.55 27.08
C GLN A 39 -46.72 -11.06 27.03
N LEU A 40 -45.85 -10.25 26.43
CA LEU A 40 -46.15 -8.82 26.27
C LEU A 40 -46.54 -8.41 24.84
N TRP A 41 -46.54 -9.38 23.93
CA TRP A 41 -46.76 -9.13 22.51
C TRP A 41 -46.94 -10.46 21.81
N GLN A 42 -48.05 -10.59 21.10
CA GLN A 42 -48.39 -11.83 20.41
C GLN A 42 -47.80 -11.87 18.99
N GLY A 43 -47.05 -10.82 18.63
CA GLY A 43 -46.44 -10.71 17.31
C GLY A 43 -45.32 -11.70 17.00
N GLU A 44 -45.22 -12.04 15.71
CA GLU A 44 -44.15 -12.88 15.17
C GLU A 44 -43.41 -12.06 14.10
N PRO A 45 -42.36 -11.34 14.53
CA PRO A 45 -41.67 -10.40 13.65
C PRO A 45 -40.95 -11.09 12.50
N ALA A 46 -41.04 -10.51 11.31
CA ALA A 46 -40.26 -10.95 10.16
C ALA A 46 -38.89 -10.27 10.11
N VAL A 47 -38.82 -9.02 10.56
CA VAL A 47 -37.58 -8.22 10.48
C VAL A 47 -37.25 -7.76 11.88
N GLY A 48 -35.97 -7.85 12.25
CA GLY A 48 -35.44 -7.23 13.49
C GLY A 48 -34.65 -5.98 13.12
N ILE A 50 -32.04 -2.65 14.43
CA ILE A 50 -31.19 -1.93 15.40
C ILE A 50 -30.86 -0.52 14.88
N LEU A 51 -31.26 0.48 15.64
CA LEU A 51 -31.19 1.87 15.19
C LEU A 51 -30.12 2.67 15.95
N GLY A 52 -29.23 3.34 15.21
CA GLY A 52 -28.03 3.98 15.78
C GLY A 52 -28.10 5.42 16.28
N THR A 53 -26.95 5.95 16.73
CA THR A 53 -26.88 7.29 17.35
C THR A 53 -27.50 8.39 16.48
N GLY A 54 -28.44 9.14 17.06
CA GLY A 54 -29.18 10.17 16.33
C GLY A 54 -30.15 9.64 15.28
N LEU A 55 -30.33 8.32 15.23
CA LEU A 55 -31.21 7.68 14.25
C LEU A 55 -32.48 7.11 14.88
N GLY A 56 -32.62 7.32 16.18
CA GLY A 56 -33.81 6.91 16.93
C GLY A 56 -35.12 7.44 16.36
N GLY A 57 -35.02 8.51 15.55
CA GLY A 57 -36.18 9.15 14.93
C GLY A 57 -36.94 8.20 14.03
N LEU A 58 -36.24 7.14 13.61
CA LEU A 58 -36.81 6.12 12.69
C LEU A 58 -37.96 5.31 13.28
N ALA A 59 -37.92 5.07 14.60
CA ALA A 59 -39.01 4.36 15.29
C ALA A 59 -40.40 5.02 15.13
N GLU A 60 -40.41 6.33 14.86
CA GLU A 60 -41.65 7.10 14.69
C GLU A 60 -42.49 6.58 13.51
N GLN A 61 -41.83 5.84 12.61
CA GLN A 61 -42.49 5.28 11.42
C GLN A 61 -43.33 4.04 11.74
N ILE A 62 -43.02 3.38 12.86
CA ILE A 62 -43.67 2.14 13.27
C ILE A 62 -45.05 2.39 13.90
N GLU A 63 -46.06 1.61 13.49
CA GLU A 63 -47.32 1.53 14.23
C GLU A 63 -47.08 0.58 15.39
N GLN A 64 -46.90 1.15 16.56
CA GLN A 64 -46.42 0.46 17.75
C GLN A 64 -47.56 -0.17 18.54
N ASP A 65 -47.48 -1.48 18.75
CA ASP A 65 -48.36 -2.19 19.68
C ASP A 65 -47.90 -1.96 21.10
N ILE A 66 -46.60 -2.19 21.31
CA ILE A 66 -46.00 -2.16 22.64
C ILE A 66 -44.54 -1.68 22.58
N ALA A 67 -44.15 -0.92 23.59
CA ALA A 67 -42.77 -0.59 23.84
C ALA A 67 -42.40 -1.28 25.14
N ILE A 68 -41.42 -2.19 25.07
CA ILE A 68 -40.98 -2.93 26.24
C ILE A 68 -39.68 -2.34 26.76
N PRO A 69 -39.70 -1.81 28.00
CA PRO A 69 -38.48 -1.30 28.58
C PRO A 69 -37.48 -2.46 28.79
N TYR A 70 -36.20 -2.20 28.53
CA TYR A 70 -35.16 -3.23 28.58
C TYR A 70 -35.11 -4.03 29.89
N SER A 71 -35.45 -3.37 31.00
CA SER A 71 -35.52 -3.99 32.34
C SER A 71 -36.56 -5.12 32.48
N ASP A 72 -37.63 -5.07 31.69
CA ASP A 72 -38.69 -6.08 31.78
C ASP A 72 -38.32 -7.37 31.05
N ILE A 73 -37.18 -7.34 30.38
CA ILE A 73 -36.70 -8.49 29.62
C ILE A 73 -35.53 -9.16 30.34
N PRO A 74 -35.71 -10.43 30.73
CA PRO A 74 -34.64 -11.14 31.43
C PRO A 74 -33.33 -11.09 30.65
N HIS A 75 -32.30 -10.50 31.28
CA HIS A 75 -30.89 -10.48 30.80
C HIS A 75 -30.49 -9.36 29.81
N PHE A 76 -31.17 -8.22 29.88
CA PHE A 76 -30.87 -7.05 29.05
C PHE A 76 -30.07 -5.98 29.80
N PRO A 77 -29.11 -5.34 29.12
CA PRO A 77 -28.24 -4.25 29.63
C PRO A 77 -28.93 -2.88 29.91
N THR A 78 -28.24 -1.77 29.57
CA THR A 78 -28.72 -0.38 29.75
C THR A 78 -28.13 0.58 28.68
N SER A 79 -28.97 1.42 28.07
CA SER A 79 -28.50 2.43 27.10
C SER A 79 -28.19 3.78 27.77
N THR A 80 -26.94 4.23 27.65
CA THR A 80 -26.47 5.44 28.35
C THR A 80 -25.85 6.52 27.43
N VAL A 81 -25.60 6.16 26.18
CA VAL A 81 -25.12 7.11 25.17
C VAL A 81 -26.28 8.05 24.78
N LYS A 82 -26.00 9.36 24.78
CA LYS A 82 -27.02 10.36 24.44
C LYS A 82 -27.67 10.13 23.08
N SER A 83 -29.01 10.15 23.08
CA SER A 83 -29.89 9.87 21.92
C SER A 83 -30.37 8.40 21.86
N HIS A 84 -29.64 7.51 22.52
CA HIS A 84 -30.07 6.11 22.66
C HIS A 84 -31.12 6.01 23.78
N ALA A 85 -32.38 5.90 23.38
CA ALA A 85 -33.52 5.92 24.29
C ALA A 85 -33.66 4.65 25.15
N GLY A 86 -33.34 3.50 24.57
CA GLY A 86 -33.30 2.22 25.30
C GLY A 86 -34.62 1.51 25.62
N ARG A 87 -35.32 1.01 24.60
CA ARG A 87 -36.55 0.22 24.79
C ARG A 87 -36.85 -0.63 23.55
N LEU A 88 -37.60 -1.72 23.72
CA LEU A 88 -37.91 -2.62 22.61
C LEU A 88 -39.28 -2.31 21.98
N VAL A 89 -39.25 -1.65 20.83
CA VAL A 89 -40.43 -1.23 20.09
C VAL A 89 -40.98 -2.36 19.20
N CYS A 90 -42.20 -2.82 19.51
CA CYS A 90 -42.81 -3.87 18.72
C CYS A 90 -44.06 -3.36 18.00
N GLY A 91 -44.24 -3.81 16.77
CA GLY A 91 -45.38 -3.37 15.96
C GLY A 91 -45.28 -3.78 14.50
N ARG A 92 -45.67 -2.83 13.63
CA ARG A 92 -45.79 -3.08 12.21
C ARG A 92 -45.36 -1.85 11.42
N LEU A 93 -44.65 -2.09 10.33
CA LEU A 93 -44.28 -1.02 9.41
C LEU A 93 -44.65 -1.53 8.03
N ARG A 94 -45.50 -0.78 7.33
CA ARG A 94 -46.10 -1.24 6.06
C ARG A 94 -46.64 -2.67 6.15
N GLY A 95 -47.39 -2.94 7.21
CA GLY A 95 -47.98 -4.27 7.44
C GLY A 95 -46.99 -5.40 7.65
N ILE A 96 -45.72 -5.07 7.90
CA ILE A 96 -44.69 -6.08 8.14
C ILE A 96 -44.39 -6.08 9.63
N PRO A 97 -44.66 -7.22 10.32
CA PRO A 97 -44.41 -7.31 11.75
C PRO A 97 -42.92 -7.15 12.04
N ILE A 98 -42.59 -6.26 12.97
CA ILE A 98 -41.18 -5.94 13.25
C ILE A 98 -40.92 -5.68 14.72
N VAL A 99 -39.65 -5.85 15.10
CA VAL A 99 -39.15 -5.52 16.44
C VAL A 99 -37.94 -4.61 16.25
N ALA A 100 -37.90 -3.50 16.97
CA ALA A 100 -36.84 -2.51 16.81
C ALA A 100 -36.19 -2.14 18.15
N GLU A 102 -34.55 0.72 19.77
CA GLU A 102 -34.33 2.16 19.69
C GLU A 102 -33.26 2.59 20.69
N GLY A 103 -32.02 2.61 20.19
CA GLY A 103 -30.85 2.79 21.02
C GLY A 103 -30.20 1.45 21.31
N ARG A 104 -28.88 1.40 21.21
CA ARG A 104 -28.15 0.14 21.32
C ARG A 104 -27.17 0.16 22.50
N PHE A 105 -26.36 -0.89 22.59
CA PHE A 105 -25.31 -1.01 23.61
C PHE A 105 -23.97 -0.99 22.89
N HIS A 106 -22.97 -0.35 23.50
CA HIS A 106 -21.67 -0.23 22.83
C HIS A 106 -20.55 -0.81 23.65
N TYR A 107 -19.60 -1.44 22.97
CA TYR A 107 -18.44 -1.98 23.63
C TYR A 107 -17.71 -0.89 24.45
N TYR A 108 -17.56 0.31 23.90
CA TYR A 108 -16.83 1.38 24.60
C TYR A 108 -17.50 1.80 25.90
N GLU A 109 -18.78 1.45 26.08
CA GLU A 109 -19.54 1.72 27.32
C GLU A 109 -19.12 0.86 28.51
N GLY A 110 -18.49 -0.27 28.23
CA GLY A 110 -18.15 -1.25 29.25
C GLY A 110 -18.97 -2.53 29.16
N TYR A 111 -19.83 -2.66 28.15
CA TYR A 111 -20.54 -3.92 27.90
C TYR A 111 -19.65 -4.95 27.20
N SER A 112 -19.77 -6.22 27.59
CA SER A 112 -19.11 -7.28 26.85
C SER A 112 -19.84 -7.45 25.52
N LEU A 113 -19.18 -8.07 24.55
CA LEU A 113 -19.85 -8.28 23.27
C LEU A 113 -20.97 -9.32 23.36
N GLU A 114 -20.89 -10.24 24.34
CA GLU A 114 -22.06 -11.08 24.68
C GLU A 114 -23.26 -10.24 25.07
N GLN A 115 -23.05 -9.24 25.92
CA GLN A 115 -24.13 -8.32 26.30
C GLN A 115 -24.61 -7.50 25.11
N VAL A 116 -23.67 -6.94 24.35
CA VAL A 116 -24.00 -6.16 23.15
C VAL A 116 -24.92 -6.92 22.18
N THR A 117 -24.63 -8.20 21.97
CA THR A 117 -25.24 -8.98 20.89
C THR A 117 -26.41 -9.87 21.35
N PHE A 118 -26.71 -9.84 22.64
CA PHE A 118 -27.79 -10.66 23.17
C PHE A 118 -29.14 -10.32 22.49
N PRO A 119 -29.48 -9.02 22.33
CA PRO A 119 -30.73 -8.72 21.62
C PRO A 119 -30.85 -9.36 20.23
N VAL A 120 -29.74 -9.54 19.54
CA VAL A 120 -29.74 -10.23 18.23
C VAL A 120 -30.19 -11.70 18.35
N ARG A 121 -29.60 -12.41 19.32
CA ARG A 121 -30.02 -13.79 19.66
C ARG A 121 -31.53 -13.87 19.93
N VAL A 122 -32.03 -12.86 20.61
CA VAL A 122 -33.43 -12.77 21.02
C VAL A 122 -34.31 -12.55 19.78
N LYS A 124 -33.54 -13.49 16.70
CA LYS A 124 -33.54 -14.82 16.08
C LYS A 124 -34.56 -15.77 16.68
N ALA A 125 -34.61 -15.80 18.03
CA ALA A 125 -35.51 -16.67 18.78
C ALA A 125 -36.97 -16.31 18.56
N GLY A 127 -38.01 -15.16 15.84
CA GLY A 127 -38.26 -15.70 14.52
C GLY A 127 -38.00 -14.73 13.38
N VAL A 128 -37.27 -13.65 13.64
CA VAL A 128 -36.95 -12.71 12.57
C VAL A 128 -36.04 -13.43 11.56
N LYS A 129 -36.19 -13.06 10.29
CA LYS A 129 -35.36 -13.68 9.24
C LYS A 129 -34.27 -12.73 8.80
N THR A 130 -34.49 -11.45 9.06
CA THR A 130 -33.61 -10.40 8.56
C THR A 130 -33.32 -9.41 9.67
N LEU A 131 -32.04 -9.02 9.80
CA LEU A 131 -31.65 -7.96 10.72
C LEU A 131 -31.30 -6.73 9.89
N LEU A 132 -31.95 -5.62 10.17
CA LEU A 132 -31.52 -4.37 9.61
C LEU A 132 -30.81 -3.58 10.70
N VAL A 133 -29.61 -3.11 10.38
CA VAL A 133 -28.76 -2.40 11.35
C VAL A 133 -28.42 -1.07 10.73
N THR A 134 -28.49 -0.02 11.53
CA THR A 134 -28.03 1.28 11.10
C THR A 134 -27.04 1.78 12.13
N ASN A 135 -26.17 2.69 11.70
CA ASN A 135 -25.24 3.35 12.61
C ASN A 135 -24.83 4.71 12.08
N ALA A 136 -24.14 5.48 12.91
CA ALA A 136 -23.50 6.71 12.48
C ALA A 136 -22.01 6.39 12.29
N ALA A 137 -21.42 6.95 11.24
CA ALA A 137 -20.04 6.62 10.91
C ALA A 137 -19.24 7.81 10.39
N GLY A 138 -17.91 7.75 10.53
CA GLY A 138 -17.05 8.77 9.91
C GLY A 138 -16.79 8.37 8.48
N GLY A 139 -16.80 9.33 7.57
CA GLY A 139 -16.58 9.06 6.13
C GLY A 139 -15.10 9.15 5.81
N ILE A 140 -14.49 7.99 5.53
CA ILE A 140 -13.06 7.96 5.15
C ILE A 140 -12.88 8.13 3.65
N ASN A 141 -13.72 7.48 2.85
CA ASN A 141 -13.67 7.62 1.40
C ASN A 141 -13.97 9.08 1.00
N PRO A 142 -13.03 9.76 0.29
CA PRO A 142 -13.22 11.20 -0.06
C PRO A 142 -14.39 11.44 -1.03
N GLN A 143 -14.87 10.38 -1.70
CA GLN A 143 -16.03 10.49 -2.60
C GLN A 143 -17.36 10.63 -1.84
N LEU A 144 -17.32 10.43 -0.51
CA LEU A 144 -18.52 10.62 0.36
C LEU A 144 -18.86 12.08 0.66
N ASP A 145 -20.15 12.31 0.90
CA ASP A 145 -20.68 13.60 1.34
C ASP A 145 -21.30 13.45 2.72
N LEU A 146 -21.30 14.54 3.47
CA LEU A 146 -21.92 14.65 4.77
C LEU A 146 -23.40 14.28 4.68
N SER A 147 -23.84 13.39 5.57
CA SER A 147 -25.22 12.89 5.63
C SER A 147 -25.62 11.91 4.52
N ASP A 148 -24.64 11.41 3.77
CA ASP A 148 -24.86 10.27 2.89
C ASP A 148 -25.30 9.05 3.69
N VAL A 149 -26.15 8.24 3.08
CA VAL A 149 -26.47 6.94 3.61
C VAL A 149 -25.76 5.93 2.75
N LEU A 150 -24.86 5.18 3.38
CA LEU A 150 -24.14 4.19 2.66
C LEU A 150 -24.72 2.82 2.94
N ILE A 151 -24.87 2.05 1.88
CA ILE A 151 -25.20 0.65 1.99
C ILE A 151 -23.93 -0.16 2.35
N ILE A 152 -23.95 -0.80 3.50
CA ILE A 152 -22.78 -1.59 3.91
C ILE A 152 -22.65 -2.88 3.10
N GLU A 153 -21.54 -3.01 2.38
CA GLU A 153 -21.36 -4.11 1.43
C GLU A 153 -20.49 -5.18 2.07
N ASP A 154 -19.68 -4.75 3.03
CA ASP A 154 -18.71 -5.64 3.68
C ASP A 154 -18.16 -4.90 4.89
N HIS A 155 -17.40 -5.60 5.73
CA HIS A 155 -16.79 -4.94 6.87
C HIS A 155 -15.39 -5.48 7.23
N ILE A 156 -14.69 -4.70 8.04
CA ILE A 156 -13.40 -5.10 8.64
C ILE A 156 -13.60 -4.98 10.15
N ASN A 157 -13.32 -6.05 10.91
CA ASN A 157 -13.48 -5.97 12.37
C ASN A 157 -12.15 -5.66 13.06
N LEU A 158 -11.99 -4.45 13.59
CA LEU A 158 -10.74 -4.11 14.33
C LEU A 158 -10.98 -3.90 15.81
N PRO A 160 -11.11 -5.30 19.66
CA PRO A 160 -10.19 -6.21 20.32
C PRO A 160 -10.87 -7.42 20.98
N GLU A 161 -12.19 -7.56 20.81
CA GLU A 161 -12.94 -8.75 21.27
C GLU A 161 -13.91 -9.25 20.16
N ASN A 162 -14.29 -10.52 20.27
CA ASN A 162 -15.21 -11.19 19.32
C ASN A 162 -16.38 -11.81 20.07
N PRO A 163 -17.67 -11.57 19.65
CA PRO A 163 -18.80 -12.11 20.43
C PRO A 163 -18.96 -13.64 20.41
N LEU A 164 -18.32 -14.30 19.45
CA LEU A 164 -18.36 -15.77 19.34
C LEU A 164 -17.27 -16.52 20.11
N ARG A 165 -16.29 -15.81 20.65
CA ARG A 165 -15.29 -16.46 21.50
C ARG A 165 -15.99 -17.12 22.69
N GLY A 166 -15.61 -18.35 22.98
CA GLY A 166 -16.25 -19.11 24.02
C GLY A 166 -16.71 -20.42 23.43
N PRO A 167 -17.28 -21.32 24.28
CA PRO A 167 -17.89 -22.54 23.80
C PRO A 167 -18.94 -22.21 22.75
N ASN A 168 -19.07 -23.07 21.75
CA ASN A 168 -20.08 -22.89 20.73
C ASN A 168 -21.18 -23.92 20.92
N ASP A 169 -22.42 -23.48 20.77
CA ASP A 169 -23.57 -24.38 20.82
C ASP A 169 -24.08 -24.54 19.39
N GLU A 170 -23.93 -25.75 18.84
CA GLU A 170 -24.25 -25.96 17.43
C GLU A 170 -25.74 -25.85 17.13
N GLU A 171 -26.56 -25.91 18.19
CA GLU A 171 -27.99 -25.61 18.11
C GLU A 171 -28.21 -24.11 17.87
N LEU A 172 -27.21 -23.29 18.21
CA LEU A 172 -27.25 -21.86 17.88
C LEU A 172 -26.63 -21.47 16.52
N GLY A 173 -25.50 -22.10 16.18
CA GLY A 173 -24.80 -21.84 14.90
C GLY A 173 -23.47 -22.59 14.83
N PRO A 174 -22.75 -22.48 13.70
CA PRO A 174 -21.54 -23.27 13.55
C PRO A 174 -20.34 -22.75 14.34
N ARG A 175 -19.35 -23.62 14.53
CA ARG A 175 -18.14 -23.23 15.24
C ARG A 175 -17.34 -22.15 14.51
N PHE A 176 -17.40 -22.16 13.17
CA PHE A 176 -16.54 -21.32 12.33
C PHE A 176 -17.40 -20.62 11.26
N PRO A 177 -18.22 -19.61 11.64
CA PRO A 177 -19.16 -19.08 10.64
C PRO A 177 -18.44 -18.51 9.46
N ASP A 178 -19.03 -18.73 8.29
CA ASP A 178 -18.52 -18.20 7.04
C ASP A 178 -18.96 -16.76 6.89
N SER A 180 -18.25 -14.79 3.94
CA SER A 180 -18.01 -14.41 2.57
C SER A 180 -19.08 -13.46 2.01
N HIS A 181 -20.29 -13.49 2.59
CA HIS A 181 -21.33 -12.51 2.27
C HIS A 181 -22.21 -12.12 3.48
N PRO A 182 -21.60 -11.48 4.49
CA PRO A 182 -22.33 -11.16 5.70
C PRO A 182 -23.53 -10.23 5.45
N TYR A 183 -23.42 -9.36 4.45
CA TYR A 183 -24.51 -8.46 4.05
C TYR A 183 -25.21 -9.05 2.86
N ASP A 184 -26.51 -9.32 3.01
CA ASP A 184 -27.28 -10.03 1.97
C ASP A 184 -27.28 -9.38 0.58
N CYS A 185 -26.87 -10.15 -0.42
CA CYS A 185 -26.78 -9.63 -1.80
C CYS A 185 -28.13 -9.15 -2.32
N GLN A 186 -29.17 -9.94 -2.09
CA GLN A 186 -30.52 -9.58 -2.52
C GLN A 186 -31.06 -8.34 -1.79
N HIS A 187 -30.86 -8.27 -0.47
CA HIS A 187 -31.29 -7.08 0.28
C HIS A 187 -30.67 -5.78 -0.24
N GLU A 189 -29.38 -5.11 -3.25
CA GLU A 189 -30.02 -4.90 -4.54
C GLU A 189 -31.36 -4.13 -4.38
N VAL A 190 -32.21 -4.60 -3.47
CA VAL A 190 -33.49 -3.94 -3.18
C VAL A 190 -33.26 -2.53 -2.62
N ALA A 191 -32.35 -2.41 -1.65
CA ALA A 191 -32.02 -1.10 -1.09
C ALA A 191 -31.63 -0.09 -2.18
N ARG A 192 -30.80 -0.53 -3.15
CA ARG A 192 -30.36 0.33 -4.26
C ARG A 192 -31.52 0.72 -5.20
N GLN A 193 -32.33 -0.28 -5.55
CA GLN A 193 -33.52 -0.08 -6.40
C GLN A 193 -34.44 0.98 -5.79
N VAL A 194 -34.66 0.90 -4.49
CA VAL A 194 -35.50 1.90 -3.78
C VAL A 194 -34.87 3.29 -3.76
N ALA A 195 -33.58 3.37 -3.39
CA ALA A 195 -32.84 4.62 -3.41
C ALA A 195 -33.01 5.33 -4.74
N LEU A 196 -32.84 4.58 -5.84
CA LEU A 196 -32.92 5.18 -7.17
C LEU A 196 -34.33 5.62 -7.48
N GLU A 197 -35.30 4.79 -7.12
CA GLU A 197 -36.70 5.16 -7.25
C GLU A 197 -37.01 6.47 -6.51
N LEU A 198 -36.39 6.65 -5.36
CA LEU A 198 -36.64 7.84 -4.55
C LEU A 198 -35.72 8.99 -4.98
N GLY A 199 -34.77 8.70 -5.86
CA GLY A 199 -33.83 9.72 -6.32
C GLY A 199 -32.82 10.09 -5.22
N ILE A 200 -32.41 9.09 -4.45
CA ILE A 200 -31.41 9.26 -3.38
C ILE A 200 -30.12 8.51 -3.76
N HIS A 201 -28.98 9.18 -3.65
CA HIS A 201 -27.69 8.52 -3.83
C HIS A 201 -27.28 7.73 -2.58
N CYS A 202 -27.24 6.40 -2.72
CA CYS A 202 -26.75 5.53 -1.68
C CYS A 202 -25.58 4.74 -2.23
N PRO A 203 -24.36 5.23 -2.00
CA PRO A 203 -23.20 4.43 -2.42
C PRO A 203 -23.02 3.17 -1.54
N LYS A 204 -22.31 2.16 -2.06
CA LYS A 204 -21.98 0.95 -1.30
C LYS A 204 -20.53 1.09 -0.88
N GLY A 205 -20.18 0.55 0.30
CA GLY A 205 -18.82 0.69 0.82
C GLY A 205 -18.54 -0.29 1.97
N VAL A 206 -17.29 -0.30 2.43
CA VAL A 206 -16.83 -1.18 3.50
C VAL A 206 -16.78 -0.40 4.84
N PHE A 207 -17.41 -0.99 5.87
CA PHE A 207 -17.50 -0.41 7.21
C PHE A 207 -16.39 -1.02 8.07
N VAL A 208 -15.61 -0.18 8.76
CA VAL A 208 -14.62 -0.68 9.70
C VAL A 208 -15.08 -0.35 11.12
N ALA A 209 -15.07 -1.36 11.97
CA ALA A 209 -15.43 -1.22 13.36
C ALA A 209 -14.17 -1.08 14.21
N VAL A 210 -14.16 -0.06 15.05
CA VAL A 210 -13.11 0.16 16.03
C VAL A 210 -13.78 0.35 17.40
N SER A 211 -13.03 0.06 18.47
CA SER A 211 -13.55 0.15 19.84
C SER A 211 -14.11 1.55 20.19
N GLY A 212 -13.36 2.59 19.88
CA GLY A 212 -13.64 3.93 20.47
C GLY A 212 -13.19 3.89 21.93
N PRO A 213 -13.68 4.85 22.78
CA PRO A 213 -14.66 5.89 22.47
C PRO A 213 -14.07 7.13 21.80
N ASN A 214 -12.75 7.31 21.85
CA ASN A 214 -12.12 8.47 21.22
C ASN A 214 -12.28 8.36 19.73
N LEU A 215 -12.28 9.50 19.07
CA LEU A 215 -12.24 9.51 17.62
C LEU A 215 -10.83 9.18 17.16
N GLU A 216 -10.68 8.91 15.88
CA GLU A 216 -9.36 8.57 15.34
C GLU A 216 -8.40 9.74 15.08
N THR A 217 -7.09 9.48 15.17
CA THR A 217 -6.11 10.48 14.78
C THR A 217 -6.03 10.57 13.24
N ARG A 218 -5.45 11.65 12.74
CA ARG A 218 -5.09 11.78 11.31
C ARG A 218 -4.33 10.54 10.77
N ALA A 219 -3.27 10.13 11.50
CA ALA A 219 -2.52 8.96 11.08
C ALA A 219 -3.35 7.65 11.08
N GLU A 220 -4.25 7.49 12.04
CA GLU A 220 -5.19 6.35 12.04
C GLU A 220 -6.16 6.36 10.85
N TYR A 221 -6.70 7.54 10.53
CA TYR A 221 -7.54 7.64 9.36
C TYR A 221 -6.78 7.26 8.07
N ARG A 222 -5.53 7.67 7.94
CA ARG A 222 -4.75 7.31 6.73
C ARG A 222 -4.66 5.78 6.64
N LEU A 224 -6.61 3.33 8.20
CA LEU A 224 -7.91 2.73 7.89
C LEU A 224 -8.25 2.83 6.38
N LYS A 225 -7.95 3.99 5.78
CA LYS A 225 -8.15 4.14 4.32
C LYS A 225 -7.32 3.16 3.53
N LEU A 226 -6.03 3.08 3.86
CA LEU A 226 -5.11 2.12 3.27
C LEU A 226 -5.56 0.67 3.42
N GLY A 228 -8.57 -0.37 3.50
CA GLY A 228 -9.77 -0.67 2.72
C GLY A 228 -11.10 -0.16 3.21
N ALA A 229 -11.10 0.62 4.32
CA ALA A 229 -12.34 1.15 4.87
C ALA A 229 -12.89 2.39 4.16
N ASP A 230 -14.20 2.42 3.93
CA ASP A 230 -14.86 3.62 3.41
C ASP A 230 -15.49 4.46 4.51
N VAL A 231 -15.96 3.78 5.55
CA VAL A 231 -16.48 4.45 6.75
C VAL A 231 -16.00 3.76 8.00
N VAL A 232 -16.00 4.49 9.11
CA VAL A 232 -15.55 3.94 10.37
C VAL A 232 -16.58 4.22 11.48
N GLY A 233 -16.88 3.20 12.30
CA GLY A 233 -17.83 3.42 13.41
C GLY A 233 -17.43 2.57 14.60
N SER A 235 -19.58 0.41 16.32
CA SER A 235 -20.67 -0.54 16.57
C SER A 235 -20.77 -1.58 15.47
N THR A 236 -21.88 -2.31 15.51
CA THR A 236 -22.50 -2.94 14.35
C THR A 236 -21.91 -4.29 13.97
N VAL A 237 -20.59 -4.32 13.78
CA VAL A 237 -19.89 -5.57 13.44
C VAL A 237 -20.17 -6.75 14.41
N PRO A 238 -20.10 -6.51 15.74
CA PRO A 238 -20.46 -7.59 16.69
C PRO A 238 -21.86 -8.17 16.42
N GLU A 239 -22.86 -7.30 16.23
CA GLU A 239 -24.21 -7.75 15.90
C GLU A 239 -24.30 -8.49 14.59
N VAL A 240 -23.56 -8.01 13.58
CA VAL A 240 -23.55 -8.67 12.25
C VAL A 240 -22.97 -10.08 12.34
N LEU A 241 -21.83 -10.17 13.05
CA LEU A 241 -21.19 -11.44 13.35
C LEU A 241 -22.16 -12.42 13.99
N VAL A 242 -22.88 -11.98 15.02
CA VAL A 242 -23.87 -12.85 15.68
C VAL A 242 -25.08 -13.19 14.77
N ALA A 243 -25.52 -12.22 13.96
CA ALA A 243 -26.62 -12.46 13.02
C ALA A 243 -26.25 -13.57 12.04
N VAL A 244 -25.04 -13.53 11.50
CA VAL A 244 -24.58 -14.51 10.50
C VAL A 244 -24.42 -15.90 11.13
N HIS A 245 -23.82 -15.96 12.30
CA HIS A 245 -23.75 -17.21 13.07
C HIS A 245 -25.15 -17.85 13.26
N ALA A 246 -26.15 -16.99 13.49
CA ALA A 246 -27.55 -17.41 13.73
C ALA A 246 -28.37 -17.64 12.46
N GLY A 247 -27.78 -17.38 11.29
CA GLY A 247 -28.44 -17.60 10.02
C GLY A 247 -29.38 -16.49 9.58
N LEU A 248 -29.22 -15.30 10.15
CA LEU A 248 -30.04 -14.17 9.73
C LEU A 248 -29.43 -13.44 8.54
N ARG A 249 -30.31 -12.90 7.69
CA ARG A 249 -29.89 -12.15 6.52
C ARG A 249 -29.76 -10.68 6.93
N VAL A 250 -28.68 -10.03 6.53
CA VAL A 250 -28.38 -8.70 7.09
C VAL A 250 -28.45 -7.61 6.02
N LEU A 251 -29.08 -6.50 6.38
CA LEU A 251 -28.98 -5.27 5.59
C LEU A 251 -28.47 -4.19 6.55
N GLY A 252 -27.34 -3.55 6.22
CA GLY A 252 -26.80 -2.49 7.09
C GLY A 252 -26.67 -1.14 6.37
N PHE A 253 -26.87 -0.04 7.09
CA PHE A 253 -26.68 1.27 6.50
C PHE A 253 -25.80 2.06 7.46
N SER A 254 -24.89 2.88 6.93
CA SER A 254 -24.22 3.91 7.73
C SER A 254 -24.60 5.31 7.29
N VAL A 255 -24.86 6.18 8.25
CA VAL A 255 -25.03 7.57 7.94
C VAL A 255 -23.67 8.25 8.18
N VAL A 256 -23.13 8.90 7.15
CA VAL A 256 -21.86 9.64 7.25
C VAL A 256 -22.07 10.95 8.04
N THR A 257 -21.69 10.94 9.32
CA THR A 257 -21.95 12.09 10.20
C THR A 257 -20.85 13.17 10.24
N ASP A 258 -19.65 12.79 9.84
CA ASP A 258 -18.50 13.69 9.84
C ASP A 258 -17.53 13.20 8.78
N LEU A 259 -16.79 14.11 8.19
CA LEU A 259 -15.82 13.72 7.19
C LEU A 259 -14.44 13.55 7.86
N CYS A 260 -13.74 12.51 7.47
CA CYS A 260 -12.45 12.18 8.08
C CYS A 260 -11.31 12.27 7.06
N LEU A 261 -11.03 13.48 6.57
CA LEU A 261 -9.92 13.65 5.61
C LEU A 261 -8.71 14.12 6.40
N PRO A 262 -7.67 13.25 6.53
CA PRO A 262 -6.60 13.62 7.48
C PRO A 262 -5.82 14.89 7.14
N ASP A 263 -5.83 15.31 5.88
CA ASP A 263 -5.10 16.50 5.54
C ASP A 263 -5.94 17.77 5.63
N ALA A 264 -7.20 17.63 6.00
CA ALA A 264 -8.05 18.76 6.32
C ALA A 264 -9.07 18.32 7.37
N LEU A 265 -8.59 17.93 8.54
CA LEU A 265 -9.44 17.35 9.58
C LEU A 265 -9.81 18.39 10.65
N GLU A 266 -11.10 18.63 10.82
CA GLU A 266 -11.59 19.59 11.82
C GLU A 266 -12.04 18.87 13.09
N PRO A 267 -11.94 19.54 14.27
CA PRO A 267 -12.47 18.90 15.50
C PRO A 267 -13.95 18.52 15.36
N VAL A 268 -14.31 17.36 15.90
CA VAL A 268 -15.68 16.87 15.85
C VAL A 268 -16.27 17.02 17.23
N GLU A 269 -17.51 17.51 17.31
CA GLU A 269 -18.25 17.49 18.59
C GLU A 269 -19.62 16.78 18.46
N LEU A 270 -19.95 16.01 19.50
CA LEU A 270 -21.13 15.16 19.51
C LEU A 270 -22.40 15.84 18.95
N ASN A 271 -22.62 17.10 19.29
CA ASN A 271 -23.85 17.79 18.85
C ASN A 271 -23.96 18.02 17.36
N LYS A 272 -22.82 18.29 16.71
CA LYS A 272 -22.78 18.39 15.24
C LYS A 272 -23.09 17.04 14.59
N ILE A 273 -22.50 15.98 15.14
CA ILE A 273 -22.74 14.60 14.74
C ILE A 273 -24.25 14.27 14.73
N LEU A 274 -24.92 14.59 15.84
CA LEU A 274 -26.35 14.28 16.00
C LEU A 274 -27.19 15.07 14.97
N GLU A 275 -26.79 16.30 14.68
CA GLU A 275 -27.47 17.12 13.67
C GLU A 275 -27.41 16.50 12.27
N VAL A 276 -26.21 16.06 11.88
CA VAL A 276 -26.00 15.47 10.54
C VAL A 276 -26.62 14.08 10.48
N ALA A 277 -26.58 13.34 11.59
CA ALA A 277 -27.27 12.04 11.72
C ALA A 277 -28.79 12.14 11.49
N ALA A 278 -29.38 13.23 11.98
CA ALA A 278 -30.81 13.51 11.77
C ALA A 278 -31.16 13.69 10.28
N ARG A 279 -30.33 14.42 9.54
CA ARG A 279 -30.55 14.60 8.10
C ARG A 279 -30.41 13.29 7.33
N GLY A 280 -29.45 12.44 7.73
CA GLY A 280 -29.32 11.12 7.15
C GLY A 280 -30.52 10.27 7.57
N GLY A 281 -30.93 10.41 8.82
CA GLY A 281 -32.10 9.71 9.37
C GLY A 281 -33.37 10.02 8.61
N ALA A 282 -33.53 11.27 8.19
CA ALA A 282 -34.68 11.66 7.35
C ALA A 282 -34.71 10.78 6.09
N LYS A 283 -33.53 10.48 5.52
CA LYS A 283 -33.46 9.70 4.28
C LYS A 283 -33.81 8.22 4.50
N LEU A 284 -33.31 7.66 5.59
CA LEU A 284 -33.68 6.29 6.00
C LEU A 284 -35.16 6.17 6.32
N ALA A 285 -35.75 7.24 6.83
CA ALA A 285 -37.19 7.24 7.10
C ALA A 285 -38.00 7.12 5.80
N ARG A 286 -37.40 7.48 4.67
CA ARG A 286 -38.06 7.32 3.37
C ARG A 286 -37.77 5.91 2.84
N LEU A 287 -36.50 5.51 2.94
CA LEU A 287 -35.98 4.27 2.35
C LEU A 287 -36.53 3.02 3.02
N ILE A 288 -36.42 2.98 4.34
CA ILE A 288 -36.73 1.76 5.06
C ILE A 288 -38.21 1.26 4.86
N PRO A 289 -39.20 2.15 4.96
CA PRO A 289 -40.57 1.67 4.71
C PRO A 289 -40.82 1.15 3.30
N GLU A 290 -40.10 1.67 2.31
CA GLU A 290 -40.26 1.14 0.96
C GLU A 290 -39.51 -0.16 0.81
N ILE A 291 -38.41 -0.29 1.53
CA ILE A 291 -37.59 -1.49 1.45
C ILE A 291 -38.23 -2.74 2.06
N LEU A 292 -38.79 -2.60 3.27
CA LEU A 292 -39.30 -3.76 4.03
C LEU A 292 -40.28 -4.68 3.30
N PRO A 293 -41.31 -4.13 2.60
CA PRO A 293 -42.23 -5.02 1.89
C PRO A 293 -41.56 -5.77 0.74
N ARG A 294 -40.47 -5.21 0.23
CA ARG A 294 -39.76 -5.76 -0.91
C ARG A 294 -38.72 -6.83 -0.52
N ILE A 295 -38.34 -6.90 0.75
CA ILE A 295 -37.39 -7.92 1.22
C ILE A 295 -38.00 -9.03 2.11
N ALA A 296 -39.27 -8.88 2.51
CA ALA A 296 -39.92 -9.88 3.36
C ALA A 296 -41.24 -10.38 2.78
N SER B 24 4.09 -15.66 38.60
CA SER B 24 5.19 -16.02 39.53
C SER B 24 5.03 -17.44 40.13
N GLU B 25 3.82 -17.99 40.03
CA GLU B 25 3.47 -19.32 40.58
C GLU B 25 3.37 -20.38 39.45
N LEU B 26 3.80 -19.97 38.28
CA LEU B 26 3.70 -20.77 37.06
C LEU B 26 4.68 -21.94 37.10
N LYS B 27 5.87 -21.71 37.66
CA LYS B 27 6.86 -22.78 37.81
C LYS B 27 6.33 -23.98 38.62
N SER B 28 5.66 -23.67 39.74
CA SER B 28 4.96 -24.67 40.53
C SER B 28 4.01 -25.50 39.68
N ARG B 29 3.19 -24.84 38.86
CA ARG B 29 2.27 -25.51 37.94
C ARG B 29 3.04 -26.32 36.88
N ILE B 30 4.18 -25.80 36.48
CA ILE B 30 5.02 -26.49 35.50
C ILE B 30 5.64 -27.74 36.10
N ASP B 31 6.18 -27.63 37.31
CA ASP B 31 6.79 -28.78 38.02
C ASP B 31 5.75 -29.87 38.31
N GLN B 32 4.61 -29.45 38.84
CA GLN B 32 3.46 -30.34 39.08
C GLN B 32 3.04 -31.17 37.86
N ALA B 33 3.12 -30.57 36.67
CA ALA B 33 2.75 -31.24 35.41
C ALA B 33 3.90 -32.09 34.86
N THR B 34 5.14 -31.62 35.06
CA THR B 34 6.33 -32.33 34.59
C THR B 34 6.61 -33.55 35.48
N ALA B 35 6.28 -33.42 36.77
CA ALA B 35 6.36 -34.53 37.73
C ALA B 35 5.40 -35.66 37.37
N LYS B 36 4.14 -35.31 37.12
CA LYS B 36 3.13 -36.30 36.76
C LYS B 36 3.48 -37.02 35.44
N ILE B 37 4.04 -36.27 34.50
CA ILE B 37 4.43 -36.81 33.19
C ILE B 37 5.63 -37.75 33.30
N SER B 38 6.60 -37.43 34.17
CA SER B 38 7.74 -38.33 34.48
C SER B 38 7.29 -39.61 35.17
N GLN B 39 6.20 -39.51 35.92
CA GLN B 39 5.54 -40.63 36.57
C GLN B 39 4.99 -41.59 35.50
N LEU B 40 4.59 -41.06 34.34
CA LEU B 40 4.03 -41.88 33.26
C LEU B 40 5.03 -42.21 32.13
N TRP B 41 6.12 -41.45 32.06
CA TRP B 41 7.08 -41.58 30.97
C TRP B 41 8.42 -40.95 31.35
N GLN B 42 9.46 -41.78 31.47
CA GLN B 42 10.80 -41.34 31.88
C GLN B 42 11.65 -40.86 30.71
N GLY B 43 11.03 -40.58 29.58
CA GLY B 43 11.72 -40.09 28.40
C GLY B 43 12.31 -38.69 28.54
N GLU B 44 13.33 -38.41 27.73
CA GLU B 44 13.94 -37.09 27.71
C GLU B 44 13.81 -36.57 26.28
N PRO B 45 12.69 -35.90 25.98
CA PRO B 45 12.38 -35.49 24.60
C PRO B 45 13.31 -34.41 24.03
N ALA B 46 13.75 -34.61 22.79
CA ALA B 46 14.54 -33.62 22.06
C ALA B 46 13.62 -32.62 21.35
N VAL B 47 12.45 -33.09 20.94
CA VAL B 47 11.52 -32.28 20.17
C VAL B 47 10.12 -32.31 20.78
N GLY B 48 9.47 -31.15 20.76
CA GLY B 48 8.05 -31.05 21.05
C GLY B 48 7.31 -30.78 19.74
N ILE B 50 3.37 -29.88 17.98
CA ILE B 50 1.96 -29.47 18.15
C ILE B 50 1.23 -29.71 16.85
N LEU B 51 0.22 -30.57 16.94
CA LEU B 51 -0.51 -31.05 15.77
C LEU B 51 -1.84 -30.35 15.65
N GLY B 52 -2.07 -29.75 14.49
CA GLY B 52 -3.18 -28.82 14.29
C GLY B 52 -4.42 -29.53 13.82
N THR B 53 -5.44 -28.75 13.46
CA THR B 53 -6.75 -29.22 12.98
C THR B 53 -6.60 -30.15 11.78
N GLY B 54 -7.07 -31.38 11.95
CA GLY B 54 -7.04 -32.40 10.90
C GLY B 54 -5.69 -33.04 10.66
N LEU B 55 -4.72 -32.74 11.53
CA LEU B 55 -3.34 -33.19 11.34
C LEU B 55 -2.93 -34.23 12.38
N GLY B 56 -3.88 -34.60 13.24
CA GLY B 56 -3.64 -35.50 14.37
C GLY B 56 -3.08 -36.85 13.99
N GLY B 57 -3.29 -37.24 12.73
CA GLY B 57 -2.81 -38.52 12.17
C GLY B 57 -1.29 -38.58 12.16
N LEU B 58 -0.65 -37.40 12.18
CA LEU B 58 0.83 -37.36 12.29
C LEU B 58 1.36 -38.08 13.54
N ALA B 59 0.50 -38.24 14.54
CA ALA B 59 0.86 -38.98 15.76
C ALA B 59 1.07 -40.49 15.56
N GLU B 60 0.53 -41.06 14.48
CA GLU B 60 0.75 -42.47 14.13
C GLU B 60 2.16 -42.74 13.60
N GLN B 61 2.97 -41.69 13.50
CA GLN B 61 4.34 -41.79 13.02
C GLN B 61 5.26 -41.99 14.23
N ILE B 62 4.69 -41.81 15.41
CA ILE B 62 5.41 -41.95 16.64
C ILE B 62 5.24 -43.39 17.10
N GLU B 63 6.35 -44.03 17.39
CA GLU B 63 6.31 -45.32 18.05
C GLU B 63 6.17 -44.99 19.54
N GLN B 64 4.89 -44.91 19.93
CA GLN B 64 4.46 -44.47 21.26
C GLN B 64 4.96 -45.40 22.35
N ASP B 65 5.14 -44.86 23.54
CA ASP B 65 5.34 -45.66 24.75
C ASP B 65 4.12 -45.47 25.64
N ILE B 66 3.49 -44.30 25.49
CA ILE B 66 2.34 -43.90 26.31
C ILE B 66 1.53 -42.73 25.66
N ALA B 67 0.21 -42.85 25.69
CA ALA B 67 -0.71 -41.75 25.37
C ALA B 67 -1.35 -41.26 26.66
N ILE B 68 -1.21 -39.96 26.95
CA ILE B 68 -1.69 -39.35 28.19
C ILE B 68 -2.83 -38.35 27.93
N PRO B 69 -4.08 -38.70 28.32
CA PRO B 69 -5.15 -37.71 28.19
C PRO B 69 -4.79 -36.44 28.95
N TYR B 70 -5.05 -35.28 28.36
CA TYR B 70 -4.78 -34.00 29.02
C TYR B 70 -5.46 -33.90 30.38
N SER B 71 -6.60 -34.58 30.51
CA SER B 71 -7.36 -34.60 31.77
C SER B 71 -6.60 -35.17 32.95
N ASP B 72 -5.67 -36.08 32.69
CA ASP B 72 -4.82 -36.66 33.72
C ASP B 72 -3.56 -35.86 34.05
N ILE B 73 -3.35 -34.75 33.34
CA ILE B 73 -2.18 -33.91 33.59
C ILE B 73 -2.60 -32.64 34.33
N PRO B 74 -2.01 -32.40 35.51
CA PRO B 74 -2.20 -31.16 36.26
C PRO B 74 -2.11 -29.92 35.38
N HIS B 75 -3.19 -29.15 35.35
CA HIS B 75 -3.24 -27.80 34.77
C HIS B 75 -3.48 -27.69 33.27
N PHE B 76 -3.45 -28.83 32.58
CA PHE B 76 -3.78 -28.86 31.14
C PHE B 76 -5.27 -28.63 30.91
N PRO B 77 -5.62 -27.73 29.98
CA PRO B 77 -7.02 -27.57 29.55
C PRO B 77 -7.52 -28.73 28.66
N THR B 78 -8.72 -28.54 28.10
CA THR B 78 -9.42 -29.54 27.28
C THR B 78 -9.58 -29.05 25.83
N SER B 79 -9.18 -29.89 24.87
CA SER B 79 -9.36 -29.60 23.43
C SER B 79 -10.81 -29.84 23.03
N THR B 80 -11.43 -28.86 22.36
CA THR B 80 -12.88 -28.93 22.08
C THR B 80 -13.27 -28.77 20.61
N VAL B 81 -12.30 -28.46 19.75
CA VAL B 81 -12.55 -28.45 18.31
C VAL B 81 -12.40 -29.87 17.73
N LYS B 82 -13.25 -30.18 16.75
CA LYS B 82 -13.25 -31.48 16.07
C LYS B 82 -11.92 -31.76 15.39
N SER B 83 -11.48 -33.02 15.49
CA SER B 83 -10.16 -33.52 15.02
C SER B 83 -9.05 -33.45 16.10
N HIS B 84 -9.23 -32.56 17.08
CA HIS B 84 -8.30 -32.45 18.23
C HIS B 84 -8.62 -33.48 19.31
N ALA B 85 -7.86 -34.58 19.31
CA ALA B 85 -8.10 -35.71 20.24
C ALA B 85 -7.88 -35.38 21.73
N GLY B 86 -6.99 -34.43 22.02
CA GLY B 86 -6.70 -34.06 23.41
C GLY B 86 -5.88 -35.09 24.17
N ARG B 87 -4.81 -35.60 23.56
CA ARG B 87 -3.87 -36.50 24.24
C ARG B 87 -2.43 -36.00 24.11
N LEU B 88 -1.64 -36.20 25.15
CA LEU B 88 -0.18 -36.00 25.06
C LEU B 88 0.49 -37.30 24.64
N VAL B 89 1.08 -37.31 23.44
CA VAL B 89 1.69 -38.55 22.89
C VAL B 89 3.23 -38.52 23.07
N CYS B 90 3.77 -39.53 23.74
CA CYS B 90 5.19 -39.63 24.06
C CYS B 90 5.83 -40.86 23.40
N GLY B 91 7.01 -40.68 22.82
CA GLY B 91 7.70 -41.80 22.20
C GLY B 91 8.92 -41.42 21.42
N ARG B 92 9.10 -42.11 20.29
CA ARG B 92 10.25 -41.98 19.42
C ARG B 92 9.72 -41.87 18.01
N LEU B 93 10.14 -40.82 17.30
CA LEU B 93 9.80 -40.66 15.90
C LEU B 93 11.11 -40.78 15.12
N ARG B 94 11.21 -41.85 14.34
CA ARG B 94 12.44 -42.26 13.66
C ARG B 94 13.69 -42.10 14.55
N GLY B 95 13.60 -42.56 15.79
CA GLY B 95 14.75 -42.57 16.70
C GLY B 95 14.85 -41.36 17.61
N ILE B 96 14.04 -40.33 17.34
CA ILE B 96 14.12 -39.10 18.14
C ILE B 96 13.09 -39.12 19.29
N PRO B 97 13.57 -39.04 20.54
CA PRO B 97 12.61 -38.99 21.66
C PRO B 97 11.78 -37.70 21.47
N ILE B 98 10.47 -37.82 21.61
CA ILE B 98 9.56 -36.70 21.30
C ILE B 98 8.30 -36.70 22.14
N VAL B 99 7.75 -35.49 22.34
CA VAL B 99 6.45 -35.30 22.96
C VAL B 99 5.56 -34.52 21.99
N ALA B 100 4.35 -35.03 21.76
CA ALA B 100 3.45 -34.44 20.77
C ALA B 100 2.09 -34.18 21.39
N GLU B 102 -1.37 -34.12 20.54
CA GLU B 102 -2.29 -34.54 19.48
C GLU B 102 -3.59 -33.78 19.67
N GLY B 103 -3.64 -32.61 19.04
CA GLY B 103 -4.68 -31.61 19.31
C GLY B 103 -4.16 -30.49 20.19
N ARG B 104 -4.62 -29.27 19.93
CA ARG B 104 -4.12 -28.10 20.64
C ARG B 104 -5.26 -27.31 21.31
N PHE B 105 -4.92 -26.18 21.92
CA PHE B 105 -5.91 -25.27 22.47
C PHE B 105 -5.92 -23.94 21.73
N HIS B 106 -7.07 -23.28 21.75
CA HIS B 106 -7.25 -22.06 20.96
C HIS B 106 -7.87 -20.97 21.76
N TYR B 107 -7.43 -19.75 21.49
CA TYR B 107 -7.95 -18.58 22.13
C TYR B 107 -9.46 -18.49 21.94
N TYR B 108 -9.93 -18.83 20.74
CA TYR B 108 -11.36 -18.66 20.39
C TYR B 108 -12.28 -19.58 21.20
N GLU B 109 -11.71 -20.66 21.75
CA GLU B 109 -12.44 -21.58 22.63
C GLU B 109 -12.80 -20.97 23.98
N GLY B 110 -12.11 -19.89 24.35
CA GLY B 110 -12.36 -19.19 25.63
C GLY B 110 -11.17 -19.41 26.56
N TYR B 111 -10.07 -19.91 26.01
CA TYR B 111 -8.87 -20.07 26.82
C TYR B 111 -8.04 -18.78 26.84
N SER B 112 -7.45 -18.47 27.97
CA SER B 112 -6.43 -17.42 28.01
C SER B 112 -5.27 -17.99 27.23
N LEU B 113 -4.37 -17.12 26.78
CA LEU B 113 -3.18 -17.57 26.09
C LEU B 113 -2.15 -18.14 27.04
N GLU B 114 -2.25 -17.80 28.32
CA GLU B 114 -1.47 -18.47 29.36
C GLU B 114 -1.81 -19.94 29.40
N GLN B 115 -3.10 -20.25 29.25
CA GLN B 115 -3.54 -21.66 29.23
C GLN B 115 -3.11 -22.34 27.93
N VAL B 116 -3.32 -21.65 26.80
CA VAL B 116 -2.94 -22.15 25.46
C VAL B 116 -1.49 -22.62 25.39
N THR B 117 -0.61 -21.85 26.04
CA THR B 117 0.82 -22.01 25.88
C THR B 117 1.49 -22.73 27.05
N PHE B 118 0.69 -23.11 28.04
CA PHE B 118 1.21 -23.85 29.20
C PHE B 118 1.93 -25.12 28.75
N PRO B 119 1.34 -25.90 27.80
CA PRO B 119 2.02 -27.09 27.28
C PRO B 119 3.43 -26.85 26.69
N VAL B 120 3.65 -25.68 26.07
CA VAL B 120 4.98 -25.28 25.61
C VAL B 120 5.96 -25.10 26.81
N ARG B 121 5.53 -24.41 27.87
CA ARG B 121 6.32 -24.29 29.12
C ARG B 121 6.67 -25.67 29.68
N VAL B 122 5.67 -26.54 29.68
CA VAL B 122 5.90 -27.91 30.13
C VAL B 122 6.95 -28.58 29.25
N LYS B 124 9.43 -27.29 27.42
CA LYS B 124 10.72 -26.73 27.81
C LYS B 124 11.26 -27.39 29.09
N ALA B 125 10.37 -27.56 30.07
CA ALA B 125 10.75 -28.11 31.38
C ALA B 125 11.10 -29.59 31.29
N GLY B 127 12.70 -30.71 28.81
CA GLY B 127 13.98 -30.68 28.11
C GLY B 127 14.02 -30.50 26.60
N VAL B 128 12.85 -30.44 25.93
CA VAL B 128 12.86 -30.26 24.45
C VAL B 128 13.73 -29.06 24.05
N LYS B 129 14.37 -29.13 22.89
CA LYS B 129 15.21 -28.05 22.39
C LYS B 129 14.58 -27.39 21.15
N THR B 130 13.68 -28.12 20.52
CA THR B 130 13.03 -27.67 19.28
C THR B 130 11.53 -27.90 19.36
N LEU B 131 10.77 -26.88 18.98
CA LEU B 131 9.31 -27.01 18.86
C LEU B 131 8.91 -27.03 17.38
N LEU B 132 8.20 -28.08 16.95
CA LEU B 132 7.68 -28.15 15.62
C LEU B 132 6.20 -27.89 15.70
N VAL B 133 5.74 -26.85 15.02
CA VAL B 133 4.34 -26.46 15.12
C VAL B 133 3.71 -26.66 13.79
N THR B 134 2.49 -27.18 13.77
CA THR B 134 1.75 -27.26 12.55
C THR B 134 0.36 -26.61 12.70
N ASN B 135 -0.22 -26.21 11.58
CA ASN B 135 -1.61 -25.74 11.63
C ASN B 135 -2.30 -25.89 10.27
N ALA B 136 -3.60 -25.67 10.25
CA ALA B 136 -4.35 -25.53 9.00
C ALA B 136 -4.54 -24.04 8.82
N ALA B 137 -4.37 -23.54 7.59
CA ALA B 137 -4.48 -22.10 7.33
C ALA B 137 -5.30 -21.80 6.09
N GLY B 138 -5.76 -20.55 5.98
CA GLY B 138 -6.30 -20.04 4.70
C GLY B 138 -5.15 -19.56 3.81
N GLY B 139 -5.18 -19.89 2.51
CA GLY B 139 -4.14 -19.39 1.59
C GLY B 139 -4.49 -18.00 1.06
N ILE B 140 -3.71 -16.98 1.40
CA ILE B 140 -4.03 -15.62 0.96
C ILE B 140 -3.26 -15.29 -0.33
N ASN B 141 -1.98 -15.68 -0.35
CA ASN B 141 -1.13 -15.53 -1.52
C ASN B 141 -1.65 -16.36 -2.69
N PRO B 142 -1.95 -15.69 -3.82
CA PRO B 142 -2.56 -16.36 -4.97
C PRO B 142 -1.66 -17.40 -5.66
N GLN B 143 -0.36 -17.45 -5.31
CA GLN B 143 0.59 -18.41 -5.85
C GLN B 143 0.50 -19.79 -5.14
N LEU B 144 -0.21 -19.83 -4.00
CA LEU B 144 -0.43 -21.09 -3.26
C LEU B 144 -1.50 -21.95 -3.90
N ASP B 145 -1.39 -23.26 -3.69
CA ASP B 145 -2.41 -24.21 -4.09
C ASP B 145 -3.02 -24.91 -2.88
N LEU B 146 -4.19 -25.48 -3.10
CA LEU B 146 -4.85 -26.27 -2.08
C LEU B 146 -3.93 -27.43 -1.65
N SER B 147 -3.84 -27.68 -0.35
CA SER B 147 -3.01 -28.77 0.21
C SER B 147 -1.51 -28.52 0.25
N ASP B 148 -1.10 -27.33 -0.20
CA ASP B 148 0.31 -26.89 -0.08
C ASP B 148 0.77 -27.00 1.36
N VAL B 149 2.01 -27.38 1.55
CA VAL B 149 2.59 -27.37 2.86
C VAL B 149 3.58 -26.22 2.86
N LEU B 150 3.32 -25.17 3.62
CA LEU B 150 4.18 -23.99 3.58
C LEU B 150 5.12 -23.99 4.76
N ILE B 151 6.39 -23.66 4.51
CA ILE B 151 7.36 -23.46 5.55
C ILE B 151 7.17 -22.04 6.09
N ILE B 152 6.78 -21.95 7.35
CA ILE B 152 6.61 -20.66 8.00
C ILE B 152 7.97 -19.99 8.22
N GLU B 153 8.15 -18.82 7.59
CA GLU B 153 9.44 -18.08 7.59
C GLU B 153 9.40 -16.90 8.54
N ASP B 154 8.19 -16.39 8.79
CA ASP B 154 8.00 -15.30 9.75
C ASP B 154 6.51 -15.23 10.10
N HIS B 155 6.12 -14.41 11.09
CA HIS B 155 4.69 -14.21 11.38
C HIS B 155 4.29 -12.77 11.69
N ILE B 156 2.98 -12.53 11.66
CA ILE B 156 2.41 -11.28 12.10
C ILE B 156 1.39 -11.68 13.15
N ASN B 157 1.45 -11.05 14.33
CA ASN B 157 0.52 -11.39 15.39
C ASN B 157 -0.59 -10.36 15.48
N LEU B 158 -1.78 -10.71 14.98
CA LEU B 158 -2.95 -9.86 15.11
C LEU B 158 -3.92 -10.31 16.22
N PRO B 160 -5.57 -10.38 19.96
CA PRO B 160 -5.75 -9.28 20.92
C PRO B 160 -5.18 -9.45 22.32
N GLU B 161 -4.43 -10.54 22.56
CA GLU B 161 -3.80 -10.79 23.85
C GLU B 161 -2.39 -11.36 23.57
N ASN B 162 -1.49 -11.24 24.52
CA ASN B 162 -0.11 -11.72 24.35
C ASN B 162 0.20 -12.65 25.54
N PRO B 163 0.77 -13.84 25.25
CA PRO B 163 0.99 -14.79 26.35
C PRO B 163 2.05 -14.38 27.39
N LEU B 164 2.85 -13.35 27.07
CA LEU B 164 3.95 -12.94 27.95
C LEU B 164 3.65 -11.69 28.77
N ARG B 165 2.42 -11.19 28.65
CA ARG B 165 1.99 -10.03 29.41
C ARG B 165 1.90 -10.47 30.86
N GLY B 166 2.30 -9.61 31.79
CA GLY B 166 2.34 -9.96 33.20
C GLY B 166 3.78 -9.93 33.69
N PRO B 167 4.00 -10.25 34.98
CA PRO B 167 5.38 -10.26 35.48
C PRO B 167 6.19 -11.27 34.69
N ASN B 168 7.46 -10.96 34.50
CA ASN B 168 8.34 -11.86 33.79
C ASN B 168 9.31 -12.56 34.75
N ASP B 169 9.48 -13.87 34.57
CA ASP B 169 10.44 -14.62 35.39
C ASP B 169 11.71 -14.82 34.57
N GLU B 170 12.80 -14.19 35.03
CA GLU B 170 14.08 -14.25 34.31
C GLU B 170 14.59 -15.67 34.14
N GLU B 171 14.24 -16.54 35.09
CA GLU B 171 14.61 -17.95 35.02
C GLU B 171 13.99 -18.63 33.80
N LEU B 172 12.85 -18.11 33.32
CA LEU B 172 12.16 -18.67 32.16
C LEU B 172 12.55 -17.98 30.84
N GLY B 173 12.88 -16.69 30.92
CA GLY B 173 13.23 -15.92 29.74
C GLY B 173 13.26 -14.42 29.95
N PRO B 174 13.68 -13.68 28.92
CA PRO B 174 13.87 -12.24 29.04
C PRO B 174 12.54 -11.47 29.09
N ARG B 175 12.59 -10.28 29.70
CA ARG B 175 11.46 -9.36 29.70
C ARG B 175 11.02 -9.00 28.29
N PHE B 176 12.00 -8.77 27.41
CA PHE B 176 11.76 -8.35 26.04
C PHE B 176 12.38 -9.28 24.97
N PRO B 177 11.72 -10.42 24.69
CA PRO B 177 12.36 -11.32 23.72
C PRO B 177 12.55 -10.69 22.32
N ASP B 178 13.67 -11.00 21.71
CA ASP B 178 13.95 -10.64 20.33
C ASP B 178 13.19 -11.51 19.37
N SER B 180 13.60 -11.26 15.85
CA SER B 180 14.18 -11.08 14.52
C SER B 180 14.27 -12.37 13.70
N HIS B 181 14.28 -13.52 14.37
CA HIS B 181 14.23 -14.84 13.70
C HIS B 181 13.50 -15.91 14.51
N PRO B 182 12.18 -15.77 14.66
CA PRO B 182 11.37 -16.68 15.46
C PRO B 182 11.38 -18.12 14.93
N TYR B 183 11.45 -18.26 13.61
CA TYR B 183 11.51 -19.55 12.92
C TYR B 183 12.96 -19.80 12.55
N ASP B 184 13.52 -20.88 13.10
CA ASP B 184 14.96 -21.11 13.07
C ASP B 184 15.49 -21.24 11.64
N CYS B 185 16.57 -20.51 11.34
CA CYS B 185 17.14 -20.44 9.98
C CYS B 185 17.64 -21.80 9.48
N GLN B 186 18.39 -22.52 10.32
CA GLN B 186 18.88 -23.86 9.97
C GLN B 186 17.82 -24.94 9.85
N HIS B 187 16.84 -24.95 10.73
CA HIS B 187 15.70 -25.87 10.64
C HIS B 187 14.94 -25.74 9.31
N GLU B 189 16.09 -24.40 6.52
CA GLU B 189 17.01 -24.83 5.46
C GLU B 189 17.00 -26.36 5.31
N VAL B 190 16.95 -27.10 6.43
CA VAL B 190 16.81 -28.56 6.38
C VAL B 190 15.43 -29.00 5.87
N ALA B 191 14.37 -28.33 6.29
CA ALA B 191 13.02 -28.64 5.78
C ALA B 191 12.97 -28.54 4.24
N ARG B 192 13.61 -27.51 3.70
CA ARG B 192 13.66 -27.31 2.24
C ARG B 192 14.51 -28.35 1.53
N GLN B 193 15.71 -28.64 2.05
CA GLN B 193 16.54 -29.71 1.51
C GLN B 193 15.81 -31.06 1.41
N VAL B 194 15.13 -31.45 2.48
CA VAL B 194 14.33 -32.67 2.52
C VAL B 194 13.11 -32.61 1.58
N ALA B 195 12.45 -31.45 1.49
CA ALA B 195 11.35 -31.29 0.53
C ALA B 195 11.81 -31.52 -0.92
N LEU B 196 12.98 -30.97 -1.28
CA LEU B 196 13.49 -31.16 -2.65
C LEU B 196 13.91 -32.60 -2.92
N GLU B 197 14.57 -33.23 -1.96
CA GLU B 197 14.88 -34.67 -2.08
C GLU B 197 13.64 -35.54 -2.31
N LEU B 198 12.56 -35.23 -1.62
CA LEU B 198 11.31 -35.98 -1.76
C LEU B 198 10.46 -35.52 -2.94
N GLY B 199 10.84 -34.40 -3.56
CA GLY B 199 10.11 -33.91 -4.73
C GLY B 199 8.80 -33.28 -4.32
N ILE B 200 8.79 -32.63 -3.17
CA ILE B 200 7.59 -31.93 -2.71
C ILE B 200 7.88 -30.43 -2.87
N HIS B 201 6.90 -29.67 -3.33
CA HIS B 201 7.02 -28.22 -3.34
C HIS B 201 6.57 -27.68 -1.98
N CYS B 202 7.49 -27.09 -1.21
CA CYS B 202 7.18 -26.39 0.06
C CYS B 202 7.60 -24.90 -0.02
N PRO B 203 6.65 -24.02 -0.38
CA PRO B 203 7.05 -22.63 -0.44
C PRO B 203 7.25 -22.08 0.98
N LYS B 204 8.05 -21.02 1.13
CA LYS B 204 8.15 -20.27 2.40
C LYS B 204 7.16 -19.11 2.39
N GLY B 205 6.73 -18.67 3.58
CA GLY B 205 5.84 -17.51 3.66
C GLY B 205 5.55 -17.02 5.07
N VAL B 206 4.79 -15.96 5.14
CA VAL B 206 4.42 -15.36 6.42
C VAL B 206 3.06 -15.78 6.83
N PHE B 207 2.92 -16.17 8.10
CA PHE B 207 1.67 -16.58 8.68
C PHE B 207 1.16 -15.42 9.55
N VAL B 208 -0.12 -15.08 9.38
CA VAL B 208 -0.75 -14.12 10.28
C VAL B 208 -1.78 -14.84 11.16
N ALA B 209 -1.76 -14.50 12.45
CA ALA B 209 -2.61 -15.14 13.43
C ALA B 209 -3.73 -14.17 13.77
N VAL B 210 -4.95 -14.64 13.64
CA VAL B 210 -6.12 -13.86 14.03
C VAL B 210 -6.86 -14.67 15.07
N SER B 211 -7.69 -14.01 15.87
CA SER B 211 -8.38 -14.69 16.96
C SER B 211 -9.43 -15.70 16.47
N GLY B 212 -10.10 -15.43 15.35
CA GLY B 212 -11.32 -16.16 15.02
C GLY B 212 -12.45 -15.95 16.04
N PRO B 213 -13.46 -16.84 16.05
CA PRO B 213 -13.53 -18.07 15.26
C PRO B 213 -14.22 -17.97 13.90
N ASN B 214 -14.95 -16.91 13.63
CA ASN B 214 -15.47 -16.73 12.27
C ASN B 214 -14.30 -16.69 11.27
N LEU B 215 -14.54 -17.15 10.04
CA LEU B 215 -13.59 -16.91 8.95
C LEU B 215 -13.65 -15.42 8.60
N GLU B 216 -12.70 -14.96 7.80
CA GLU B 216 -12.55 -13.54 7.49
C GLU B 216 -13.50 -13.11 6.39
N THR B 217 -13.81 -11.82 6.34
CA THR B 217 -14.56 -11.23 5.24
C THR B 217 -13.61 -11.03 4.06
N ARG B 218 -14.19 -10.77 2.90
CA ARG B 218 -13.43 -10.37 1.68
C ARG B 218 -12.54 -9.14 1.88
N ALA B 219 -13.13 -8.05 2.40
CA ALA B 219 -12.36 -6.86 2.82
C ALA B 219 -11.20 -7.21 3.77
N GLU B 220 -11.44 -8.08 4.74
CA GLU B 220 -10.37 -8.51 5.67
C GLU B 220 -9.24 -9.32 5.01
N TYR B 221 -9.58 -10.23 4.10
CA TYR B 221 -8.57 -10.93 3.27
C TYR B 221 -7.71 -9.97 2.44
N ARG B 222 -8.33 -8.94 1.86
CA ARG B 222 -7.56 -7.92 1.12
C ARG B 222 -6.57 -7.23 2.04
N LEU B 224 -5.36 -8.29 4.99
CA LEU B 224 -4.28 -9.21 5.41
C LEU B 224 -3.18 -9.38 4.31
N LYS B 225 -3.61 -9.52 3.06
CA LYS B 225 -2.66 -9.51 1.93
C LYS B 225 -1.78 -8.24 1.92
N LEU B 226 -2.43 -7.07 1.95
CA LEU B 226 -1.73 -5.75 1.97
C LEU B 226 -0.69 -5.66 3.09
N GLY B 228 1.01 -8.06 4.25
CA GLY B 228 2.12 -8.96 3.94
C GLY B 228 1.92 -10.42 4.37
N ALA B 229 0.69 -10.81 4.68
CA ALA B 229 0.43 -12.23 5.03
C ALA B 229 0.35 -13.14 3.80
N ASP B 230 0.90 -14.35 3.90
CA ASP B 230 0.73 -15.38 2.86
C ASP B 230 -0.37 -16.40 3.22
N VAL B 231 -0.50 -16.68 4.52
CA VAL B 231 -1.54 -17.58 5.03
C VAL B 231 -2.05 -17.03 6.36
N VAL B 232 -3.29 -17.38 6.69
CA VAL B 232 -3.94 -16.91 7.89
C VAL B 232 -4.44 -18.11 8.71
N GLY B 233 -4.24 -18.05 10.03
CA GLY B 233 -4.77 -19.12 10.91
C GLY B 233 -5.17 -18.55 12.26
N SER B 235 -4.17 -19.86 15.37
CA SER B 235 -3.36 -20.51 16.42
C SER B 235 -1.89 -20.19 16.22
N THR B 236 -1.02 -20.93 16.91
CA THR B 236 0.41 -21.06 16.57
C THR B 236 1.30 -19.94 17.08
N VAL B 237 0.94 -18.71 16.74
CA VAL B 237 1.74 -17.57 17.15
C VAL B 237 1.97 -17.47 18.68
N PRO B 238 0.92 -17.62 19.50
CA PRO B 238 1.14 -17.61 20.94
C PRO B 238 2.18 -18.65 21.35
N GLU B 239 2.09 -19.87 20.81
CA GLU B 239 3.04 -20.93 21.18
C GLU B 239 4.47 -20.56 20.75
N VAL B 240 4.61 -19.98 19.55
CA VAL B 240 5.92 -19.55 19.01
C VAL B 240 6.54 -18.45 19.89
N LEU B 241 5.70 -17.51 20.31
CA LEU B 241 6.10 -16.46 21.25
C LEU B 241 6.75 -17.05 22.50
N VAL B 242 6.05 -18.01 23.11
CA VAL B 242 6.49 -18.64 24.35
C VAL B 242 7.71 -19.48 24.11
N ALA B 243 7.69 -20.22 22.99
CA ALA B 243 8.85 -20.97 22.53
C ALA B 243 10.08 -20.06 22.46
N VAL B 244 9.95 -18.91 21.83
CA VAL B 244 11.11 -18.03 21.65
C VAL B 244 11.57 -17.49 23.03
N HIS B 245 10.61 -17.08 23.85
CA HIS B 245 10.91 -16.65 25.21
C HIS B 245 11.68 -17.71 26.00
N ALA B 246 11.35 -18.97 25.73
CA ALA B 246 11.88 -20.11 26.48
C ALA B 246 13.23 -20.63 25.95
N GLY B 247 13.68 -20.06 24.84
CA GLY B 247 14.93 -20.42 24.22
C GLY B 247 14.83 -21.58 23.25
N LEU B 248 13.62 -21.97 22.86
CA LEU B 248 13.45 -23.08 21.92
C LEU B 248 13.58 -22.61 20.47
N ARG B 249 14.11 -23.50 19.64
CA ARG B 249 14.18 -23.27 18.20
CA ARG B 249 14.17 -23.27 18.20
C ARG B 249 12.87 -23.79 17.63
N VAL B 250 12.33 -23.08 16.63
CA VAL B 250 10.99 -23.38 16.11
C VAL B 250 11.06 -23.73 14.64
N LEU B 251 10.34 -24.77 14.24
CA LEU B 251 10.13 -25.05 12.83
C LEU B 251 8.62 -25.11 12.69
N GLY B 252 8.10 -24.35 11.74
CA GLY B 252 6.66 -24.27 11.55
C GLY B 252 6.22 -24.58 10.12
N PHE B 253 5.05 -25.21 10.00
CA PHE B 253 4.47 -25.60 8.73
C PHE B 253 2.99 -25.25 8.75
N SER B 254 2.48 -24.61 7.68
CA SER B 254 1.04 -24.44 7.49
C SER B 254 0.54 -25.32 6.37
N VAL B 255 -0.58 -26.00 6.59
CA VAL B 255 -1.26 -26.69 5.50
C VAL B 255 -2.37 -25.77 4.96
N VAL B 256 -2.34 -25.48 3.66
CA VAL B 256 -3.33 -24.58 3.05
C VAL B 256 -4.62 -25.37 2.86
N THR B 257 -5.66 -25.09 3.65
CA THR B 257 -6.87 -25.94 3.63
C THR B 257 -7.98 -25.35 2.77
N ASP B 258 -7.88 -24.07 2.48
CA ASP B 258 -8.89 -23.35 1.72
C ASP B 258 -8.23 -22.12 1.10
N LEU B 259 -8.72 -21.69 -0.06
CA LEU B 259 -8.14 -20.51 -0.71
C LEU B 259 -8.99 -19.27 -0.42
N CYS B 260 -8.30 -18.18 -0.17
CA CYS B 260 -8.98 -16.99 0.28
C CYS B 260 -8.73 -15.84 -0.71
N LEU B 261 -9.27 -15.98 -1.90
CA LEU B 261 -9.20 -14.93 -2.91
C LEU B 261 -10.49 -14.14 -2.86
N PRO B 262 -10.43 -12.84 -2.45
CA PRO B 262 -11.64 -12.04 -2.21
C PRO B 262 -12.55 -11.79 -3.42
N ASP B 263 -11.98 -11.70 -4.60
CA ASP B 263 -12.79 -11.55 -5.80
C ASP B 263 -13.47 -12.84 -6.28
N ALA B 264 -13.05 -13.97 -5.74
CA ALA B 264 -13.65 -15.26 -6.05
C ALA B 264 -13.66 -16.13 -4.78
N LEU B 265 -14.40 -15.67 -3.78
CA LEU B 265 -14.41 -16.36 -2.49
C LEU B 265 -15.64 -17.25 -2.38
N GLU B 266 -15.41 -18.53 -2.12
CA GLU B 266 -16.49 -19.53 -1.94
C GLU B 266 -16.70 -19.77 -0.45
N PRO B 267 -17.96 -20.11 -0.04
CA PRO B 267 -18.16 -20.42 1.38
C PRO B 267 -17.41 -21.66 1.75
N VAL B 268 -16.93 -21.68 2.99
CA VAL B 268 -16.10 -22.74 3.55
C VAL B 268 -16.87 -23.49 4.66
N GLU B 269 -16.79 -24.82 4.65
CA GLU B 269 -17.29 -25.64 5.80
C GLU B 269 -16.18 -26.45 6.44
N LEU B 270 -16.20 -26.56 7.77
CA LEU B 270 -15.16 -27.33 8.50
C LEU B 270 -14.89 -28.70 7.86
N ASN B 271 -15.93 -29.36 7.35
CA ASN B 271 -15.81 -30.69 6.75
C ASN B 271 -14.82 -30.74 5.58
N LYS B 272 -14.93 -29.79 4.65
CA LYS B 272 -13.96 -29.71 3.54
C LYS B 272 -12.54 -29.42 4.04
N ILE B 273 -12.41 -28.44 4.93
CA ILE B 273 -11.13 -28.10 5.56
C ILE B 273 -10.40 -29.33 6.06
N LEU B 274 -11.11 -30.17 6.83
CA LEU B 274 -10.57 -31.41 7.39
C LEU B 274 -10.06 -32.37 6.29
N GLU B 275 -10.79 -32.48 5.20
CA GLU B 275 -10.36 -33.29 4.03
C GLU B 275 -9.08 -32.76 3.33
N VAL B 276 -8.96 -31.44 3.16
CA VAL B 276 -7.74 -30.86 2.58
C VAL B 276 -6.57 -30.98 3.56
N ALA B 277 -6.83 -30.72 4.84
CA ALA B 277 -5.83 -30.91 5.89
C ALA B 277 -5.19 -32.30 5.83
N ALA B 278 -6.00 -33.34 5.66
CA ALA B 278 -5.46 -34.72 5.61
C ALA B 278 -4.51 -34.91 4.41
N ARG B 279 -4.79 -34.23 3.29
CA ARG B 279 -3.91 -34.33 2.10
C ARG B 279 -2.55 -33.66 2.35
N GLY B 280 -2.57 -32.49 2.99
CA GLY B 280 -1.32 -31.84 3.39
C GLY B 280 -0.69 -32.67 4.48
N GLY B 281 -1.52 -33.21 5.38
CA GLY B 281 -1.09 -34.13 6.43
C GLY B 281 -0.32 -35.35 5.92
N ALA B 282 -0.80 -35.96 4.84
CA ALA B 282 -0.03 -37.05 4.17
C ALA B 282 1.39 -36.60 3.80
N LYS B 283 1.53 -35.35 3.35
CA LYS B 283 2.81 -34.84 2.88
C LYS B 283 3.76 -34.57 4.03
N LEU B 284 3.25 -34.02 5.13
CA LEU B 284 4.03 -33.89 6.38
C LEU B 284 4.42 -35.25 6.98
N ALA B 285 3.53 -36.23 6.84
CA ALA B 285 3.83 -37.61 7.21
C ALA B 285 5.10 -38.14 6.55
N ARG B 286 5.46 -37.54 5.40
CA ARG B 286 6.67 -37.90 4.67
C ARG B 286 7.83 -37.02 5.07
N LEU B 287 7.57 -35.71 5.19
CA LEU B 287 8.62 -34.73 5.48
C LEU B 287 9.24 -34.91 6.86
N ILE B 288 8.38 -34.98 7.87
CA ILE B 288 8.78 -34.82 9.26
C ILE B 288 9.80 -35.88 9.69
N PRO B 289 9.53 -37.17 9.40
CA PRO B 289 10.48 -38.17 9.90
C PRO B 289 11.85 -38.08 9.21
N GLU B 290 11.90 -37.37 8.09
CA GLU B 290 13.17 -37.20 7.39
C GLU B 290 13.92 -36.02 7.96
N ILE B 291 13.15 -35.01 8.34
CA ILE B 291 13.70 -33.78 8.87
C ILE B 291 14.26 -33.98 10.28
N LEU B 292 13.50 -34.64 11.14
CA LEU B 292 13.84 -34.72 12.56
C LEU B 292 15.26 -35.21 12.87
N PRO B 293 15.70 -36.34 12.26
CA PRO B 293 17.07 -36.81 12.52
C PRO B 293 18.15 -35.89 11.95
N ARG B 294 17.75 -34.88 11.15
CA ARG B 294 18.70 -34.01 10.48
C ARG B 294 18.85 -32.61 11.08
N ILE B 295 17.96 -32.23 11.98
CA ILE B 295 18.04 -30.88 12.53
C ILE B 295 18.96 -30.91 13.74
N ALA B 296 19.46 -29.74 14.14
CA ALA B 296 20.45 -29.63 15.22
C ALA B 296 19.75 -29.51 16.57
N SER C 24 -17.05 5.38 38.24
CA SER C 24 -17.63 6.53 39.00
C SER C 24 -16.87 6.77 40.31
N GLU C 25 -16.19 5.73 40.78
CA GLU C 25 -15.41 5.77 42.02
C GLU C 25 -13.96 6.22 41.76
N LEU C 26 -13.67 6.56 40.50
CA LEU C 26 -12.34 7.03 40.10
C LEU C 26 -12.03 8.41 40.67
N LYS C 27 -13.04 9.29 40.62
CA LYS C 27 -12.88 10.68 41.05
C LYS C 27 -12.49 10.75 42.51
N SER C 28 -12.99 9.77 43.28
CA SER C 28 -12.65 9.61 44.69
C SER C 28 -11.22 9.08 44.85
N ARG C 29 -10.84 8.15 43.98
CA ARG C 29 -9.47 7.61 43.95
C ARG C 29 -8.46 8.72 43.65
N ILE C 30 -8.82 9.59 42.70
CA ILE C 30 -8.00 10.75 42.33
C ILE C 30 -7.79 11.68 43.55
N ASP C 31 -8.86 12.10 44.21
CA ASP C 31 -8.75 12.99 45.39
C ASP C 31 -7.98 12.36 46.55
N GLN C 32 -8.23 11.08 46.79
CA GLN C 32 -7.54 10.31 47.82
C GLN C 32 -6.02 10.27 47.60
N ALA C 33 -5.61 10.20 46.33
CA ALA C 33 -4.19 10.23 45.96
C ALA C 33 -3.62 11.65 45.98
N THR C 34 -4.41 12.62 45.51
CA THR C 34 -3.97 14.02 45.37
C THR C 34 -3.73 14.66 46.76
N ALA C 35 -4.72 14.55 47.64
CA ALA C 35 -4.61 15.08 49.00
C ALA C 35 -3.35 14.55 49.70
N LYS C 36 -3.13 13.24 49.64
CA LYS C 36 -1.91 12.66 50.21
C LYS C 36 -0.64 13.33 49.67
N ILE C 37 -0.55 13.47 48.34
CA ILE C 37 0.58 14.16 47.71
C ILE C 37 0.79 15.58 48.27
N SER C 38 -0.29 16.36 48.39
CA SER C 38 -0.22 17.68 49.00
C SER C 38 0.37 17.68 50.42
N GLN C 39 0.19 16.57 51.15
CA GLN C 39 0.71 16.43 52.52
C GLN C 39 2.21 16.18 52.59
N LEU C 40 2.87 16.17 51.43
CA LEU C 40 4.33 16.14 51.38
C LEU C 40 4.91 17.28 50.52
N TRP C 41 4.02 17.98 49.79
CA TRP C 41 4.44 19.04 48.84
C TRP C 41 3.45 20.20 48.66
N GLN C 42 4.01 21.40 48.62
CA GLN C 42 3.24 22.65 48.58
C GLN C 42 2.84 23.10 47.16
N GLY C 43 3.57 22.63 46.15
CA GLY C 43 3.51 23.20 44.80
C GLY C 43 2.24 23.04 43.98
N GLU C 44 2.10 23.93 43.00
CA GLU C 44 1.03 23.90 42.00
C GLU C 44 1.68 23.79 40.61
N PRO C 45 2.07 22.58 40.22
CA PRO C 45 2.82 22.37 38.97
C PRO C 45 2.06 22.85 37.72
N ALA C 46 2.80 23.45 36.78
CA ALA C 46 2.24 23.94 35.52
C ALA C 46 2.47 22.92 34.43
N VAL C 47 3.47 22.08 34.61
CA VAL C 47 3.83 21.02 33.67
C VAL C 47 3.96 19.70 34.43
N GLY C 48 3.46 18.62 33.82
CA GLY C 48 3.77 17.26 34.30
C GLY C 48 4.65 16.54 33.28
N ILE C 50 6.46 12.66 32.14
CA ILE C 50 6.60 11.20 32.29
C ILE C 50 7.89 10.77 31.58
N LEU C 51 8.83 10.16 32.34
CA LEU C 51 10.14 9.76 31.82
C LEU C 51 10.23 8.25 31.58
N GLY C 52 10.68 7.87 30.39
CA GLY C 52 10.64 6.48 29.95
C GLY C 52 11.92 5.71 30.19
N THR C 53 12.00 4.49 29.63
CA THR C 53 13.14 3.58 29.81
C THR C 53 14.51 4.20 29.44
N GLY C 54 15.46 4.11 30.37
CA GLY C 54 16.76 4.76 30.17
C GLY C 54 16.72 6.28 30.32
N LEU C 55 15.54 6.88 30.48
CA LEU C 55 15.50 8.35 30.55
C LEU C 55 15.26 8.94 31.96
N GLY C 56 15.34 8.11 32.98
CA GLY C 56 15.10 8.58 34.35
C GLY C 56 16.06 9.67 34.82
N GLY C 57 17.26 9.67 34.23
CA GLY C 57 18.32 10.63 34.57
C GLY C 57 17.93 12.07 34.36
N LEU C 58 16.92 12.29 33.49
CA LEU C 58 16.36 13.62 33.21
C LEU C 58 15.82 14.32 34.47
N ALA C 59 15.45 13.50 35.46
CA ALA C 59 14.95 13.99 36.74
C ALA C 59 15.97 14.83 37.55
N GLU C 60 17.26 14.64 37.28
CA GLU C 60 18.34 15.38 37.94
C GLU C 60 18.32 16.87 37.65
N GLN C 61 17.76 17.23 36.50
CA GLN C 61 17.60 18.62 36.07
C GLN C 61 16.75 19.46 37.03
N ILE C 62 15.74 18.82 37.62
CA ILE C 62 14.81 19.48 38.54
C ILE C 62 15.45 19.84 39.88
N GLU C 63 15.24 21.07 40.34
CA GLU C 63 15.61 21.43 41.70
C GLU C 63 14.46 20.92 42.54
N GLN C 64 14.78 19.87 43.29
CA GLN C 64 13.79 18.99 43.87
C GLN C 64 13.40 19.43 45.27
N ASP C 65 12.09 19.46 45.52
CA ASP C 65 11.57 19.68 46.87
C ASP C 65 11.47 18.34 47.57
N ILE C 66 10.94 17.35 46.86
CA ILE C 66 10.79 15.99 47.38
C ILE C 66 10.64 14.98 46.23
N ALA C 67 11.09 13.75 46.48
CA ALA C 67 10.84 12.61 45.58
C ALA C 67 10.00 11.55 46.30
N ILE C 68 8.72 11.44 45.92
CA ILE C 68 7.78 10.54 46.59
C ILE C 68 7.72 9.18 45.91
N PRO C 69 8.13 8.11 46.62
CA PRO C 69 8.02 6.75 46.07
C PRO C 69 6.55 6.34 45.83
N TYR C 70 6.29 5.61 44.75
CA TYR C 70 4.90 5.30 44.38
C TYR C 70 4.13 4.51 45.46
N SER C 71 4.86 3.73 46.27
CA SER C 71 4.31 3.04 47.46
C SER C 71 3.48 3.94 48.36
N ASP C 72 3.98 5.14 48.62
CA ASP C 72 3.38 6.08 49.55
C ASP C 72 2.20 6.88 48.98
N ILE C 73 1.82 6.60 47.73
CA ILE C 73 0.66 7.26 47.10
C ILE C 73 -0.49 6.29 46.85
N PRO C 74 -1.66 6.56 47.46
CA PRO C 74 -2.86 5.73 47.33
C PRO C 74 -3.20 5.43 45.87
N HIS C 75 -3.30 4.14 45.56
CA HIS C 75 -3.73 3.63 44.25
C HIS C 75 -2.67 3.62 43.13
N PHE C 76 -1.51 4.24 43.34
CA PHE C 76 -0.42 4.21 42.34
C PHE C 76 0.16 2.80 42.23
N PRO C 77 0.34 2.30 41.00
CA PRO C 77 1.02 1.00 40.76
C PRO C 77 2.51 0.98 41.15
N THR C 78 3.20 -0.14 40.88
CA THR C 78 4.65 -0.28 41.06
C THR C 78 5.35 -0.46 39.67
N SER C 79 6.54 0.12 39.49
CA SER C 79 7.35 -0.12 38.27
C SER C 79 8.19 -1.39 38.41
N THR C 80 8.02 -2.37 37.50
CA THR C 80 8.83 -3.60 37.54
C THR C 80 9.94 -3.67 36.49
N VAL C 81 9.95 -2.72 35.55
CA VAL C 81 10.93 -2.73 34.45
C VAL C 81 12.26 -2.10 34.90
N LYS C 82 13.37 -2.74 34.49
CA LYS C 82 14.74 -2.22 34.68
C LYS C 82 14.85 -0.75 34.26
N SER C 83 15.47 0.05 35.13
CA SER C 83 15.77 1.49 34.94
C SER C 83 14.65 2.47 35.34
N HIS C 84 13.41 1.96 35.42
CA HIS C 84 12.28 2.72 35.96
C HIS C 84 12.38 2.77 37.49
N ALA C 85 12.72 3.96 38.02
CA ALA C 85 12.98 4.15 39.46
C ALA C 85 11.76 4.05 40.37
N GLY C 86 10.58 4.47 39.89
CA GLY C 86 9.34 4.34 40.65
C GLY C 86 9.15 5.42 41.71
N ARG C 87 9.32 6.67 41.34
CA ARG C 87 9.14 7.78 42.29
C ARG C 87 8.58 9.05 41.63
N LEU C 88 7.82 9.83 42.40
CA LEU C 88 7.30 11.11 41.94
C LEU C 88 8.18 12.27 42.37
N VAL C 89 8.84 12.91 41.42
CA VAL C 89 9.74 14.04 41.69
C VAL C 89 9.01 15.38 41.55
N CYS C 90 9.00 16.16 42.62
CA CYS C 90 8.29 17.43 42.70
C CYS C 90 9.32 18.51 42.99
N GLY C 91 9.27 19.59 42.21
CA GLY C 91 10.27 20.65 42.30
C GLY C 91 10.07 21.76 41.28
N ARG C 92 11.18 22.39 40.91
CA ARG C 92 11.18 23.51 39.98
C ARG C 92 12.24 23.27 38.90
N LEU C 93 11.85 23.47 37.66
CA LEU C 93 12.80 23.51 36.57
C LEU C 93 12.76 24.89 35.92
N ARG C 94 13.91 25.57 35.97
CA ARG C 94 14.06 26.93 35.43
C ARG C 94 12.97 27.86 35.94
N GLY C 95 12.70 27.78 37.24
CA GLY C 95 11.64 28.56 37.90
C GLY C 95 10.20 28.16 37.59
N ILE C 96 10.01 27.07 36.86
CA ILE C 96 8.68 26.54 36.50
C ILE C 96 8.35 25.35 37.43
N PRO C 97 7.28 25.47 38.25
CA PRO C 97 6.89 24.35 39.11
C PRO C 97 6.49 23.12 38.28
N ILE C 98 6.90 21.93 38.72
CA ILE C 98 6.83 20.71 37.89
C ILE C 98 6.71 19.41 38.72
N VAL C 99 6.00 18.44 38.16
CA VAL C 99 5.90 17.11 38.74
C VAL C 99 6.37 16.09 37.71
N ALA C 100 7.26 15.18 38.10
CA ALA C 100 7.75 14.17 37.16
C ALA C 100 7.63 12.74 37.66
N GLU C 102 9.33 9.61 37.50
CA GLU C 102 10.61 8.96 37.25
C GLU C 102 10.38 7.44 37.19
N GLY C 103 10.07 6.97 35.98
CA GLY C 103 9.66 5.60 35.76
C GLY C 103 8.15 5.53 35.56
N ARG C 104 7.71 4.67 34.64
CA ARG C 104 6.29 4.61 34.36
C ARG C 104 5.75 3.19 34.52
N PHE C 105 4.46 3.04 34.22
CA PHE C 105 3.79 1.74 34.24
C PHE C 105 3.45 1.36 32.82
N HIS C 106 3.56 0.07 32.51
CA HIS C 106 3.20 -0.38 31.16
C HIS C 106 2.15 -1.44 31.17
N TYR C 107 1.32 -1.41 30.13
CA TYR C 107 0.37 -2.48 29.90
C TYR C 107 0.99 -3.88 29.97
N TYR C 108 2.16 -4.07 29.34
CA TYR C 108 2.79 -5.39 29.27
C TYR C 108 3.25 -5.95 30.63
N GLU C 109 3.19 -5.15 31.70
CA GLU C 109 3.57 -5.63 33.04
C GLU C 109 2.40 -6.30 33.72
N GLY C 110 1.20 -6.06 33.19
CA GLY C 110 -0.03 -6.64 33.72
C GLY C 110 -0.96 -5.61 34.32
N TYR C 111 -0.62 -4.34 34.14
CA TYR C 111 -1.48 -3.26 34.58
C TYR C 111 -2.57 -2.95 33.56
N SER C 112 -3.77 -2.68 34.07
CA SER C 112 -4.84 -2.15 33.21
C SER C 112 -4.40 -0.79 32.73
N LEU C 113 -5.06 -0.29 31.67
CA LEU C 113 -4.76 1.04 31.18
C LEU C 113 -5.32 2.11 32.11
N GLU C 114 -6.35 1.77 32.87
CA GLU C 114 -6.83 2.65 33.95
C GLU C 114 -5.70 2.89 34.99
N GLN C 115 -4.97 1.83 35.36
CA GLN C 115 -3.83 1.93 36.27
C GLN C 115 -2.67 2.72 35.66
N VAL C 116 -2.33 2.40 34.40
CA VAL C 116 -1.26 3.11 33.72
C VAL C 116 -1.49 4.62 33.67
N THR C 117 -2.74 5.04 33.40
CA THR C 117 -3.02 6.45 33.15
C THR C 117 -3.53 7.23 34.38
N PHE C 118 -3.70 6.54 35.50
CA PHE C 118 -4.10 7.16 36.79
C PHE C 118 -3.19 8.35 37.13
N PRO C 119 -1.84 8.19 37.02
CA PRO C 119 -1.05 9.40 37.34
C PRO C 119 -1.39 10.64 36.50
N VAL C 120 -1.82 10.45 35.25
CA VAL C 120 -2.20 11.59 34.40
C VAL C 120 -3.41 12.33 34.97
N ARG C 121 -4.37 11.56 35.49
CA ARG C 121 -5.55 12.11 36.15
C ARG C 121 -5.14 12.91 37.40
N VAL C 122 -4.15 12.37 38.12
CA VAL C 122 -3.66 12.96 39.36
C VAL C 122 -2.94 14.25 39.00
N LYS C 124 -3.46 16.11 36.31
CA LYS C 124 -4.48 17.11 35.92
C LYS C 124 -5.15 17.73 37.16
N ALA C 125 -5.40 16.90 38.17
CA ALA C 125 -6.00 17.37 39.40
C ALA C 125 -5.03 18.34 40.11
N GLY C 127 -3.28 20.39 38.91
CA GLY C 127 -3.30 21.69 38.21
C GLY C 127 -2.43 21.78 36.96
N VAL C 128 -1.74 20.70 36.57
CA VAL C 128 -0.87 20.77 35.38
C VAL C 128 -1.67 21.13 34.13
N LYS C 129 -1.07 21.99 33.29
CA LYS C 129 -1.68 22.43 32.04
C LYS C 129 -1.12 21.61 30.86
N THR C 130 0.14 21.21 30.97
CA THR C 130 0.84 20.54 29.87
C THR C 130 1.46 19.26 30.38
N LEU C 131 1.34 18.21 29.57
CA LEU C 131 2.03 16.97 29.83
C LEU C 131 3.13 16.78 28.79
N LEU C 132 4.35 16.64 29.30
CA LEU C 132 5.47 16.27 28.48
C LEU C 132 5.76 14.79 28.68
N VAL C 133 5.72 14.01 27.61
CA VAL C 133 5.96 12.56 27.67
C VAL C 133 7.17 12.18 26.87
N THR C 134 7.99 11.29 27.43
CA THR C 134 9.16 10.79 26.72
C THR C 134 9.09 9.26 26.67
N ASN C 135 9.69 8.67 25.65
CA ASN C 135 9.79 7.19 25.59
C ASN C 135 11.00 6.74 24.81
N ALA C 136 11.36 5.47 24.97
CA ALA C 136 12.32 4.83 24.07
C ALA C 136 11.49 4.23 22.93
N ALA C 137 12.00 4.25 21.70
CA ALA C 137 11.26 3.64 20.60
C ALA C 137 12.20 3.00 19.57
N GLY C 138 11.65 2.03 18.82
CA GLY C 138 12.31 1.47 17.65
C GLY C 138 12.13 2.37 16.44
N GLY C 139 13.20 2.59 15.69
CA GLY C 139 13.16 3.44 14.50
C GLY C 139 12.74 2.64 13.29
N ILE C 140 11.52 2.87 12.80
CA ILE C 140 11.07 2.22 11.56
C ILE C 140 11.42 3.07 10.32
N ASN C 141 11.25 4.38 10.41
CA ASN C 141 11.64 5.25 9.28
C ASN C 141 13.15 5.18 9.00
N PRO C 142 13.57 4.70 7.80
CA PRO C 142 15.02 4.53 7.52
C PRO C 142 15.85 5.83 7.45
N GLN C 143 15.20 6.99 7.49
CA GLN C 143 15.93 8.27 7.62
C GLN C 143 16.37 8.56 9.08
N LEU C 144 15.80 7.84 10.03
CA LEU C 144 16.23 8.01 11.43
C LEU C 144 17.63 7.49 11.65
N ASP C 145 18.28 8.01 12.69
CA ASP C 145 19.57 7.53 13.19
C ASP C 145 19.44 7.11 14.65
N LEU C 146 20.34 6.23 15.09
CA LEU C 146 20.42 5.85 16.50
C LEU C 146 20.56 7.09 17.40
N SER C 147 19.80 7.09 18.50
CA SER C 147 19.79 8.18 19.50
C SER C 147 19.14 9.49 19.01
N ASP C 148 18.54 9.50 17.81
CA ASP C 148 17.69 10.64 17.40
C ASP C 148 16.63 10.93 18.45
N VAL C 149 16.34 12.20 18.64
CA VAL C 149 15.23 12.59 19.44
C VAL C 149 14.16 13.02 18.44
N LEU C 150 13.11 12.21 18.33
CA LEU C 150 11.97 12.55 17.47
C LEU C 150 10.89 13.33 18.21
N ILE C 151 10.33 14.33 17.54
CA ILE C 151 9.22 15.07 18.10
C ILE C 151 7.98 14.35 17.60
N ILE C 152 7.13 13.90 18.51
CA ILE C 152 5.94 13.12 18.12
C ILE C 152 4.85 14.05 17.62
N GLU C 153 4.42 13.81 16.38
CA GLU C 153 3.52 14.72 15.70
C GLU C 153 2.11 14.12 15.69
N ASP C 154 2.04 12.80 15.87
CA ASP C 154 0.76 12.09 15.77
C ASP C 154 1.03 10.68 16.19
N HIS C 155 -0.02 9.91 16.41
CA HIS C 155 0.13 8.51 16.80
C HIS C 155 -0.90 7.56 16.16
N ILE C 156 -0.57 6.27 16.27
CA ILE C 156 -1.46 5.16 15.92
C ILE C 156 -1.49 4.23 17.12
N ASN C 157 -2.69 3.98 17.59
CA ASN C 157 -2.92 3.13 18.72
C ASN C 157 -3.27 1.72 18.27
N LEU C 158 -2.30 0.82 18.41
CA LEU C 158 -2.54 -0.61 18.14
C LEU C 158 -2.68 -1.43 19.42
N PRO C 160 -4.58 -3.32 22.47
CA PRO C 160 -5.86 -4.00 22.44
C PRO C 160 -6.84 -3.51 23.51
N GLU C 161 -6.47 -2.49 24.28
CA GLU C 161 -7.39 -1.92 25.28
C GLU C 161 -7.37 -0.41 25.13
N ASN C 162 -8.40 0.27 25.65
CA ASN C 162 -8.50 1.72 25.61
C ASN C 162 -8.74 2.21 27.04
N PRO C 163 -7.97 3.21 27.51
CA PRO C 163 -8.14 3.56 28.93
C PRO C 163 -9.45 4.29 29.23
N LEU C 164 -10.15 4.74 28.19
CA LEU C 164 -11.41 5.48 28.35
C LEU C 164 -12.66 4.59 28.26
N ARG C 165 -12.48 3.31 27.94
CA ARG C 165 -13.59 2.35 27.91
C ARG C 165 -14.25 2.29 29.28
N GLY C 166 -15.58 2.25 29.30
CA GLY C 166 -16.35 2.20 30.55
C GLY C 166 -17.17 3.47 30.72
N PRO C 167 -17.87 3.63 31.86
CA PRO C 167 -18.68 4.83 32.03
C PRO C 167 -17.85 6.11 31.94
N ASN C 168 -18.38 7.15 31.29
CA ASN C 168 -17.70 8.43 31.23
C ASN C 168 -18.27 9.42 32.23
N ASP C 169 -17.37 10.08 32.97
CA ASP C 169 -17.70 11.20 33.85
C ASP C 169 -17.46 12.55 33.15
N GLU C 170 -18.55 13.22 32.79
CA GLU C 170 -18.50 14.48 32.04
C GLU C 170 -17.65 15.55 32.73
N GLU C 171 -17.48 15.43 34.03
CA GLU C 171 -16.66 16.35 34.81
C GLU C 171 -15.17 16.11 34.61
N LEU C 172 -14.81 14.92 34.10
CA LEU C 172 -13.41 14.66 33.73
C LEU C 172 -13.14 14.98 32.26
N GLY C 173 -14.09 14.63 31.39
CA GLY C 173 -13.92 14.90 29.96
C GLY C 173 -15.11 14.42 29.14
N PRO C 174 -15.09 14.68 27.82
CA PRO C 174 -16.21 14.27 26.96
C PRO C 174 -16.22 12.76 26.71
N ARG C 175 -17.38 12.24 26.34
CA ARG C 175 -17.55 10.84 26.00
C ARG C 175 -16.71 10.44 24.80
N PHE C 176 -16.63 11.33 23.81
CA PHE C 176 -15.94 11.03 22.57
C PHE C 176 -14.86 12.08 22.29
N PRO C 177 -13.68 11.94 22.92
CA PRO C 177 -12.69 13.00 22.75
C PRO C 177 -12.22 13.14 21.31
N ASP C 178 -12.03 14.38 20.86
CA ASP C 178 -11.48 14.62 19.54
C ASP C 178 -9.96 14.39 19.49
N SER C 180 -7.91 15.14 16.62
CA SER C 180 -7.30 15.72 15.43
C SER C 180 -5.95 16.39 15.70
N HIS C 181 -5.68 16.71 16.96
CA HIS C 181 -4.43 17.35 17.33
C HIS C 181 -3.98 16.94 18.72
N PRO C 182 -3.66 15.66 18.88
CA PRO C 182 -3.30 15.18 20.21
C PRO C 182 -1.98 15.76 20.72
N TYR C 183 -1.08 16.06 19.80
CA TYR C 183 0.19 16.67 20.22
C TYR C 183 0.08 18.17 19.88
N ASP C 184 0.27 19.00 20.90
CA ASP C 184 0.06 20.44 20.75
C ASP C 184 0.93 21.12 19.67
N CYS C 185 0.28 21.90 18.81
CA CYS C 185 0.92 22.53 17.63
C CYS C 185 2.00 23.53 18.00
N GLN C 186 1.65 24.46 18.90
CA GLN C 186 2.58 25.45 19.44
C GLN C 186 3.71 24.82 20.30
N HIS C 187 3.40 23.79 21.09
CA HIS C 187 4.47 23.13 21.84
C HIS C 187 5.50 22.52 20.91
N GLU C 189 6.12 23.47 17.85
CA GLU C 189 6.82 24.58 17.19
C GLU C 189 7.97 25.13 18.05
N VAL C 190 7.72 25.31 19.35
CA VAL C 190 8.77 25.68 20.30
C VAL C 190 9.84 24.59 20.40
N ALA C 191 9.43 23.34 20.45
CA ALA C 191 10.45 22.27 20.53
C ALA C 191 11.38 22.34 19.30
N ARG C 192 10.83 22.64 18.14
CA ARG C 192 11.69 22.74 16.93
C ARG C 192 12.61 23.95 16.96
N GLN C 193 12.09 25.12 17.35
CA GLN C 193 12.97 26.28 17.39
C GLN C 193 14.12 26.12 18.38
N VAL C 194 13.85 25.49 19.51
CA VAL C 194 14.89 25.27 20.50
C VAL C 194 15.94 24.29 19.95
N ALA C 195 15.45 23.21 19.33
CA ALA C 195 16.34 22.23 18.71
C ALA C 195 17.31 22.93 17.76
N LEU C 196 16.75 23.80 16.91
CA LEU C 196 17.52 24.55 15.92
C LEU C 196 18.48 25.54 16.55
N GLU C 197 18.08 26.26 17.60
CA GLU C 197 19.09 27.12 18.22
C GLU C 197 20.18 26.34 18.98
N LEU C 198 19.88 25.12 19.39
CA LEU C 198 20.87 24.29 20.06
C LEU C 198 21.69 23.53 19.04
N GLY C 199 21.31 23.62 17.77
CA GLY C 199 21.96 22.85 16.72
C GLY C 199 21.74 21.34 16.79
N ILE C 200 20.54 20.91 17.13
CA ILE C 200 20.23 19.48 17.24
C ILE C 200 19.15 19.14 16.24
N HIS C 201 19.30 18.05 15.49
CA HIS C 201 18.27 17.62 14.55
C HIS C 201 17.20 16.77 15.25
N CYS C 202 16.00 17.30 15.32
CA CYS C 202 14.86 16.60 15.90
C CYS C 202 13.81 16.49 14.82
N PRO C 203 13.76 15.35 14.09
CA PRO C 203 12.71 15.18 13.08
C PRO C 203 11.35 14.99 13.80
N LYS C 204 10.26 15.35 13.12
CA LYS C 204 8.91 15.00 13.57
C LYS C 204 8.47 13.64 12.97
N GLY C 205 7.60 12.90 13.66
CA GLY C 205 6.99 11.74 13.00
C GLY C 205 5.93 11.03 13.82
N VAL C 206 5.46 9.88 13.30
CA VAL C 206 4.32 9.19 13.86
C VAL C 206 4.77 8.03 14.74
N PHE C 207 4.26 8.05 15.97
CA PHE C 207 4.51 6.99 16.96
C PHE C 207 3.37 5.99 16.92
N VAL C 208 3.72 4.70 16.87
CA VAL C 208 2.75 3.62 16.92
C VAL C 208 2.95 2.89 18.25
N ALA C 209 1.87 2.74 19.01
CA ALA C 209 1.93 1.98 20.28
C ALA C 209 1.45 0.56 20.08
N VAL C 210 2.30 -0.37 20.47
CA VAL C 210 1.92 -1.78 20.47
C VAL C 210 2.08 -2.31 21.89
N SER C 211 1.47 -3.45 22.19
CA SER C 211 1.48 -3.94 23.60
C SER C 211 2.82 -4.46 24.10
N GLY C 212 3.58 -5.09 23.22
CA GLY C 212 4.77 -5.85 23.67
C GLY C 212 4.31 -7.06 24.47
N PRO C 213 5.21 -7.66 25.28
CA PRO C 213 6.57 -7.23 25.60
C PRO C 213 7.66 -7.67 24.65
N ASN C 214 7.37 -8.66 23.80
CA ASN C 214 8.32 -9.05 22.75
C ASN C 214 8.50 -7.92 21.77
N LEU C 215 9.69 -7.83 21.19
CA LEU C 215 9.92 -6.90 20.08
C LEU C 215 9.22 -7.44 18.83
N GLU C 216 9.16 -6.63 17.79
CA GLU C 216 8.43 -7.01 16.57
C GLU C 216 9.22 -7.89 15.60
N THR C 217 8.50 -8.74 14.85
CA THR C 217 9.06 -9.56 13.79
C THR C 217 9.40 -8.69 12.58
N ARG C 218 10.15 -9.27 11.65
CA ARG C 218 10.51 -8.57 10.43
C ARG C 218 9.24 -8.19 9.65
N ALA C 219 8.40 -9.18 9.39
CA ALA C 219 7.05 -8.95 8.80
C ALA C 219 6.20 -7.89 9.53
N GLU C 220 6.22 -7.88 10.85
CA GLU C 220 5.56 -6.77 11.61
C GLU C 220 6.12 -5.36 11.38
N TYR C 221 7.45 -5.24 11.38
CA TYR C 221 8.10 -3.97 11.03
C TYR C 221 7.70 -3.47 9.63
N ARG C 222 7.58 -4.37 8.66
CA ARG C 222 7.11 -4.00 7.30
C ARG C 222 5.69 -3.48 7.33
N LEU C 224 4.02 -2.25 10.02
CA LEU C 224 4.02 -0.94 10.76
C LEU C 224 4.44 0.23 9.87
N LYS C 225 5.44 -0.01 9.02
CA LYS C 225 5.92 1.04 8.11
C LYS C 225 4.85 1.38 7.08
N LEU C 226 4.28 0.33 6.49
CA LEU C 226 3.20 0.47 5.54
C LEU C 226 2.00 1.22 6.19
N GLY C 228 2.17 3.50 8.28
CA GLY C 228 2.58 4.90 8.34
C GLY C 228 3.34 5.28 9.62
N ALA C 229 3.83 4.29 10.38
CA ALA C 229 4.51 4.58 11.65
C ALA C 229 5.98 4.89 11.34
N ASP C 230 6.57 5.85 12.05
CA ASP C 230 7.99 6.19 11.94
C ASP C 230 8.80 5.60 13.08
N VAL C 231 8.18 5.46 14.25
CA VAL C 231 8.78 4.83 15.43
C VAL C 231 7.72 3.98 16.13
N VAL C 232 8.20 2.96 16.84
CA VAL C 232 7.30 2.02 17.53
C VAL C 232 7.70 1.94 18.99
N GLY C 233 6.70 1.99 19.88
CA GLY C 233 6.95 1.81 21.29
C GLY C 233 5.83 1.06 22.00
N SER C 235 4.34 2.15 25.00
CA SER C 235 3.81 3.05 26.01
C SER C 235 3.20 4.28 25.36
N THR C 236 2.92 5.28 26.20
CA THR C 236 2.71 6.67 25.81
C THR C 236 1.30 6.99 25.29
N VAL C 237 0.84 6.27 24.28
CA VAL C 237 -0.50 6.49 23.71
C VAL C 237 -1.66 6.50 24.76
N PRO C 238 -1.71 5.50 25.68
CA PRO C 238 -2.71 5.49 26.77
C PRO C 238 -2.68 6.78 27.54
N GLU C 239 -1.49 7.20 27.99
CA GLU C 239 -1.35 8.46 28.78
C GLU C 239 -1.80 9.69 28.00
N VAL C 240 -1.45 9.73 26.71
CA VAL C 240 -1.86 10.81 25.79
C VAL C 240 -3.38 10.87 25.59
N LEU C 241 -4.01 9.70 25.41
CA LEU C 241 -5.47 9.58 25.27
C LEU C 241 -6.16 10.22 26.49
N VAL C 242 -5.67 9.84 27.66
CA VAL C 242 -6.18 10.36 28.95
C VAL C 242 -5.88 11.83 29.12
N ALA C 243 -4.65 12.25 28.75
CA ALA C 243 -4.30 13.69 28.75
C ALA C 243 -5.26 14.53 27.89
N VAL C 244 -5.57 14.04 26.69
CA VAL C 244 -6.44 14.77 25.75
C VAL C 244 -7.87 14.86 26.29
N HIS C 245 -8.36 13.74 26.84
CA HIS C 245 -9.68 13.64 27.46
C HIS C 245 -9.80 14.67 28.61
N ALA C 246 -8.70 14.84 29.34
CA ALA C 246 -8.64 15.75 30.46
C ALA C 246 -8.37 17.20 30.06
N GLY C 247 -8.12 17.43 28.77
CA GLY C 247 -7.79 18.77 28.28
C GLY C 247 -6.36 19.28 28.54
N LEU C 248 -5.41 18.38 28.78
CA LEU C 248 -4.02 18.79 28.85
C LEU C 248 -3.42 18.94 27.46
N ARG C 249 -2.50 19.88 27.32
CA ARG C 249 -1.70 20.02 26.12
C ARG C 249 -0.51 19.05 26.21
N VAL C 250 -0.18 18.40 25.10
CA VAL C 250 0.80 17.33 25.14
C VAL C 250 2.02 17.67 24.30
N LEU C 251 3.21 17.45 24.86
CA LEU C 251 4.42 17.49 24.06
C LEU C 251 5.07 16.10 24.25
N GLY C 252 5.44 15.47 23.16
CA GLY C 252 5.98 14.08 23.21
C GLY C 252 7.26 13.92 22.40
N PHE C 253 8.22 13.14 22.95
CA PHE C 253 9.51 12.87 22.33
C PHE C 253 9.75 11.37 22.41
N SER C 254 10.21 10.77 21.31
CA SER C 254 10.79 9.41 21.32
C SER C 254 12.28 9.45 21.08
N VAL C 255 13.04 8.73 21.89
CA VAL C 255 14.46 8.51 21.62
C VAL C 255 14.57 7.19 20.84
N VAL C 256 15.18 7.25 19.65
CA VAL C 256 15.37 6.06 18.85
C VAL C 256 16.50 5.20 19.45
N THR C 257 16.14 4.04 19.99
CA THR C 257 17.12 3.23 20.72
C THR C 257 17.67 2.09 19.91
N ASP C 258 16.96 1.70 18.85
CA ASP C 258 17.34 0.59 18.00
C ASP C 258 16.73 0.78 16.62
N LEU C 259 17.41 0.33 15.59
CA LEU C 259 16.89 0.55 14.25
C LEU C 259 16.13 -0.69 13.81
N CYS C 260 15.01 -0.48 13.11
CA CYS C 260 14.14 -1.62 12.80
C CYS C 260 13.98 -1.76 11.29
N LEU C 261 15.06 -2.05 10.60
CA LEU C 261 15.03 -2.28 9.15
C LEU C 261 14.92 -3.78 8.83
N PRO C 262 13.79 -4.21 8.27
CA PRO C 262 13.60 -5.67 8.20
C PRO C 262 14.57 -6.43 7.31
N ASP C 263 15.05 -5.81 6.21
CA ASP C 263 16.04 -6.45 5.27
C ASP C 263 17.41 -6.66 5.94
N ALA C 264 17.66 -5.95 7.04
CA ALA C 264 18.91 -6.11 7.81
C ALA C 264 18.69 -5.87 9.31
N LEU C 265 17.87 -6.70 9.95
CA LEU C 265 17.56 -6.59 11.38
C LEU C 265 18.52 -7.44 12.25
N GLU C 266 19.18 -6.77 13.20
CA GLU C 266 20.05 -7.45 14.17
C GLU C 266 19.29 -7.74 15.48
N PRO C 267 19.71 -8.79 16.24
CA PRO C 267 19.12 -8.99 17.58
C PRO C 267 19.30 -7.74 18.45
N VAL C 268 18.30 -7.44 19.27
CA VAL C 268 18.39 -6.34 20.22
C VAL C 268 18.36 -6.93 21.62
N GLU C 269 19.13 -6.35 22.52
CA GLU C 269 19.06 -6.73 23.94
C GLU C 269 18.84 -5.49 24.81
N LEU C 270 18.10 -5.65 25.90
CA LEU C 270 17.76 -4.56 26.83
C LEU C 270 18.95 -3.65 27.20
N ASN C 271 20.13 -4.24 27.37
CA ASN C 271 21.31 -3.47 27.81
C ASN C 271 21.84 -2.50 26.76
N LYS C 272 21.73 -2.87 25.50
CA LYS C 272 22.07 -1.93 24.40
C LYS C 272 21.05 -0.79 24.28
N ILE C 273 19.76 -1.14 24.38
CA ILE C 273 18.69 -0.15 24.41
C ILE C 273 18.87 0.91 25.51
N LEU C 274 19.43 0.52 26.66
CA LEU C 274 19.61 1.46 27.75
C LEU C 274 20.76 2.44 27.46
N GLU C 275 21.81 1.93 26.83
CA GLU C 275 22.97 2.74 26.43
C GLU C 275 22.61 3.83 25.41
N VAL C 276 21.96 3.44 24.32
CA VAL C 276 21.52 4.40 23.30
C VAL C 276 20.55 5.42 23.89
N ALA C 277 19.64 4.93 24.74
CA ALA C 277 18.66 5.78 25.44
C ALA C 277 19.33 6.94 26.18
N ALA C 278 20.50 6.66 26.74
CA ALA C 278 21.25 7.66 27.51
C ALA C 278 21.79 8.79 26.64
N ARG C 279 22.27 8.48 25.43
CA ARG C 279 22.72 9.53 24.50
C ARG C 279 21.58 10.43 24.05
N GLY C 280 20.41 9.84 23.80
CA GLY C 280 19.22 10.63 23.49
C GLY C 280 18.73 11.44 24.68
N GLY C 281 18.75 10.83 25.88
CA GLY C 281 18.41 11.56 27.11
C GLY C 281 19.26 12.81 27.34
N ALA C 282 20.55 12.70 27.06
CA ALA C 282 21.45 13.84 27.25
C ALA C 282 21.06 14.97 26.29
N LYS C 283 20.51 14.60 25.13
CA LYS C 283 20.00 15.58 24.19
C LYS C 283 18.75 16.21 24.81
N LEU C 284 17.87 15.37 25.35
CA LEU C 284 16.64 15.86 26.02
C LEU C 284 16.96 16.75 27.23
N ALA C 285 18.02 16.39 27.95
CA ALA C 285 18.49 17.18 29.11
C ALA C 285 18.94 18.58 28.69
N ARG C 286 19.33 18.74 27.42
CA ARG C 286 19.60 20.06 26.84
C ARG C 286 18.35 20.75 26.31
N LEU C 287 17.49 20.00 25.62
CA LEU C 287 16.26 20.54 25.02
C LEU C 287 15.22 20.98 26.07
N ILE C 288 14.87 20.07 26.98
CA ILE C 288 13.75 20.32 27.93
C ILE C 288 13.84 21.62 28.76
N PRO C 289 14.98 21.92 29.38
CA PRO C 289 15.02 23.16 30.19
C PRO C 289 14.88 24.42 29.36
N GLU C 290 15.19 24.33 28.06
CA GLU C 290 15.11 25.49 27.20
C GLU C 290 13.66 25.64 26.70
N ILE C 291 12.97 24.54 26.53
CA ILE C 291 11.57 24.52 26.06
C ILE C 291 10.56 24.95 27.12
N LEU C 292 10.75 24.44 28.34
CA LEU C 292 9.74 24.66 29.41
C LEU C 292 9.32 26.11 29.63
N PRO C 293 10.31 27.04 29.74
CA PRO C 293 9.93 28.44 29.95
C PRO C 293 9.16 29.08 28.77
N ARG C 294 9.33 28.52 27.58
CA ARG C 294 8.68 29.05 26.37
C ARG C 294 7.28 28.46 26.10
N ILE C 295 6.91 27.42 26.83
CA ILE C 295 5.59 26.84 26.67
C ILE C 295 4.72 27.01 27.93
N ALA C 296 5.36 27.35 29.06
CA ALA C 296 4.65 27.46 30.34
C ALA C 296 4.62 28.92 30.80
N SER D 24 2.94 -1.54 -42.49
CA SER D 24 2.33 -2.65 -43.22
C SER D 24 3.33 -3.43 -44.09
N GLU D 25 4.56 -2.92 -44.15
CA GLU D 25 5.68 -3.59 -44.80
C GLU D 25 6.38 -4.54 -43.83
N LEU D 26 5.70 -4.90 -42.76
CA LEU D 26 6.25 -5.72 -41.68
C LEU D 26 6.26 -7.18 -42.09
N LYS D 27 5.20 -7.63 -42.74
CA LYS D 27 5.10 -9.03 -43.18
C LYS D 27 6.11 -9.34 -44.27
N SER D 28 6.32 -8.38 -45.17
CA SER D 28 7.33 -8.52 -46.23
C SER D 28 8.74 -8.69 -45.64
N ARG D 29 9.06 -7.90 -44.61
CA ARG D 29 10.34 -8.05 -43.91
C ARG D 29 10.42 -9.39 -43.17
N ILE D 30 9.28 -9.81 -42.59
CA ILE D 30 9.19 -11.10 -41.90
C ILE D 30 9.49 -12.23 -42.89
N ASP D 31 8.87 -12.16 -44.06
CA ASP D 31 9.01 -13.18 -45.11
C ASP D 31 10.41 -13.21 -45.72
N GLN D 32 11.04 -12.04 -45.80
CA GLN D 32 12.39 -11.93 -46.32
C GLN D 32 13.40 -12.59 -45.39
N ALA D 33 13.35 -12.25 -44.10
CA ALA D 33 14.20 -12.90 -43.09
C ALA D 33 14.02 -14.42 -43.08
N THR D 34 12.76 -14.85 -43.16
CA THR D 34 12.37 -16.26 -43.05
C THR D 34 12.74 -17.02 -44.33
N ALA D 35 12.52 -16.41 -45.49
CA ALA D 35 12.98 -17.00 -46.75
C ALA D 35 14.49 -17.24 -46.71
N LYS D 36 15.24 -16.19 -46.37
CA LYS D 36 16.68 -16.29 -46.17
C LYS D 36 17.06 -17.45 -45.24
N ILE D 37 16.48 -17.47 -44.04
CA ILE D 37 16.76 -18.53 -43.07
C ILE D 37 16.45 -19.92 -43.64
N SER D 38 15.36 -20.04 -44.39
CA SER D 38 14.97 -21.32 -45.01
C SER D 38 16.05 -21.88 -45.94
N GLN D 39 16.74 -20.99 -46.66
CA GLN D 39 17.89 -21.34 -47.49
C GLN D 39 18.97 -22.01 -46.64
N LEU D 40 19.38 -21.34 -45.56
CA LEU D 40 20.46 -21.86 -44.71
C LEU D 40 20.04 -23.03 -43.81
N TRP D 41 18.72 -23.23 -43.62
CA TRP D 41 18.21 -24.29 -42.72
C TRP D 41 16.90 -24.95 -43.16
N GLN D 42 16.93 -26.28 -43.13
CA GLN D 42 15.88 -27.17 -43.57
C GLN D 42 14.74 -27.24 -42.54
N GLY D 43 15.08 -26.95 -41.29
CA GLY D 43 14.23 -27.21 -40.15
C GLY D 43 12.91 -26.45 -40.05
N GLU D 44 11.99 -27.11 -39.35
CA GLU D 44 10.68 -26.60 -38.99
C GLU D 44 10.66 -26.66 -37.44
N PRO D 45 11.16 -25.61 -36.77
CA PRO D 45 11.27 -25.64 -35.31
C PRO D 45 9.90 -25.60 -34.59
N ALA D 46 9.77 -26.39 -33.51
CA ALA D 46 8.58 -26.38 -32.66
C ALA D 46 8.72 -25.44 -31.45
N VAL D 47 9.96 -25.15 -31.05
CA VAL D 47 10.22 -24.22 -29.93
C VAL D 47 11.23 -23.14 -30.34
N GLY D 48 10.94 -21.89 -30.00
CA GLY D 48 11.91 -20.78 -30.11
C GLY D 48 12.45 -20.44 -28.73
N ILE D 50 14.91 -17.69 -26.39
CA ILE D 50 15.72 -16.47 -26.25
C ILE D 50 16.55 -16.53 -24.98
N LEU D 51 17.87 -16.57 -25.15
CA LEU D 51 18.81 -16.67 -24.04
C LEU D 51 19.37 -15.31 -23.61
N GLY D 52 19.30 -15.01 -22.30
CA GLY D 52 19.67 -13.69 -21.78
C GLY D 52 21.12 -13.50 -21.35
N THR D 53 21.42 -12.32 -20.76
CA THR D 53 22.76 -11.97 -20.26
C THR D 53 23.37 -13.09 -19.40
N GLY D 54 24.57 -13.52 -19.80
CA GLY D 54 25.32 -14.57 -19.09
C GLY D 54 24.73 -15.94 -19.26
N LEU D 55 23.71 -16.05 -20.11
CA LEU D 55 22.98 -17.29 -20.32
C LEU D 55 23.18 -17.88 -21.73
N GLY D 56 24.02 -17.23 -22.54
CA GLY D 56 24.24 -17.64 -23.91
C GLY D 56 24.81 -19.05 -24.04
N GLY D 57 25.51 -19.50 -22.99
CA GLY D 57 26.12 -20.84 -22.96
C GLY D 57 25.12 -21.97 -22.94
N LEU D 58 23.85 -21.63 -22.69
CA LEU D 58 22.74 -22.60 -22.76
C LEU D 58 22.55 -23.15 -24.17
N ALA D 59 23.16 -22.49 -25.16
CA ALA D 59 23.10 -22.92 -26.55
C ALA D 59 23.98 -24.14 -26.83
N GLU D 60 24.99 -24.35 -25.99
CA GLU D 60 25.99 -25.40 -26.19
C GLU D 60 25.36 -26.78 -26.24
N GLN D 61 24.19 -26.89 -25.61
CA GLN D 61 23.49 -28.16 -25.50
C GLN D 61 22.71 -28.54 -26.76
N ILE D 62 22.42 -27.56 -27.60
CA ILE D 62 21.79 -27.82 -28.90
C ILE D 62 22.76 -28.53 -29.82
N GLU D 63 22.35 -29.68 -30.36
CA GLU D 63 23.03 -30.31 -31.48
C GLU D 63 22.74 -29.41 -32.68
N GLN D 64 23.71 -28.56 -32.99
CA GLN D 64 23.54 -27.50 -33.98
C GLN D 64 23.63 -28.03 -35.40
N ASP D 65 22.78 -27.50 -36.26
CA ASP D 65 22.87 -27.72 -37.70
C ASP D 65 23.66 -26.56 -38.34
N ILE D 66 23.26 -25.33 -38.06
CA ILE D 66 24.00 -24.11 -38.44
C ILE D 66 23.70 -22.99 -37.44
N ALA D 67 24.59 -21.99 -37.36
CA ALA D 67 24.41 -20.86 -36.45
C ALA D 67 24.49 -19.51 -37.16
N ILE D 68 23.41 -19.13 -37.86
CA ILE D 68 23.38 -17.89 -38.66
C ILE D 68 23.73 -16.65 -37.84
N PRO D 69 24.80 -15.92 -38.21
CA PRO D 69 25.04 -14.66 -37.52
C PRO D 69 23.91 -13.67 -37.85
N TYR D 70 23.55 -12.82 -36.88
CA TYR D 70 22.45 -11.87 -37.07
C TYR D 70 22.65 -10.95 -38.29
N SER D 71 23.92 -10.63 -38.58
CA SER D 71 24.32 -9.78 -39.72
C SER D 71 23.80 -10.29 -41.06
N ASP D 72 23.76 -11.62 -41.20
CA ASP D 72 23.34 -12.30 -42.42
C ASP D 72 21.84 -12.23 -42.67
N ILE D 73 21.06 -11.95 -41.63
CA ILE D 73 19.58 -11.95 -41.74
C ILE D 73 19.01 -10.57 -42.06
N PRO D 74 18.14 -10.48 -43.09
CA PRO D 74 17.52 -9.20 -43.40
C PRO D 74 16.79 -8.63 -42.18
N HIS D 75 17.09 -7.40 -41.85
CA HIS D 75 16.40 -6.66 -40.83
C HIS D 75 16.73 -7.02 -39.37
N PHE D 76 17.63 -7.93 -39.10
CA PHE D 76 18.02 -8.18 -37.71
C PHE D 76 18.88 -7.10 -37.13
N PRO D 77 18.47 -6.72 -35.85
CA PRO D 77 19.39 -5.81 -35.17
C PRO D 77 20.74 -6.42 -34.80
N THR D 78 21.59 -5.62 -34.15
CA THR D 78 22.90 -6.03 -33.61
C THR D 78 22.98 -5.95 -32.05
N SER D 79 23.39 -7.05 -31.39
CA SER D 79 23.60 -7.11 -29.96
C SER D 79 24.83 -6.29 -29.56
N THR D 80 24.74 -5.48 -28.52
CA THR D 80 25.90 -4.72 -28.09
C THR D 80 26.37 -5.06 -26.68
N VAL D 81 25.55 -5.80 -25.95
CA VAL D 81 25.80 -6.02 -24.54
C VAL D 81 26.76 -7.18 -24.36
N LYS D 82 27.70 -6.99 -23.46
CA LYS D 82 28.70 -7.98 -23.23
C LYS D 82 27.99 -9.27 -22.86
N SER D 83 28.51 -10.36 -23.40
CA SER D 83 28.01 -11.71 -23.16
C SER D 83 26.90 -12.07 -24.12
N HIS D 84 26.53 -11.14 -24.99
CA HIS D 84 25.51 -11.43 -25.99
C HIS D 84 26.15 -11.75 -27.36
N ALA D 85 26.13 -13.04 -27.70
CA ALA D 85 26.85 -13.57 -28.87
C ALA D 85 26.45 -13.02 -30.26
N GLY D 86 25.14 -12.93 -30.54
CA GLY D 86 24.67 -12.37 -31.82
C GLY D 86 24.55 -13.35 -32.98
N ARG D 87 23.80 -14.43 -32.76
CA ARG D 87 23.82 -15.57 -33.67
C ARG D 87 22.52 -16.36 -33.46
N LEU D 88 21.91 -16.78 -34.56
CA LEU D 88 20.73 -17.64 -34.53
C LEU D 88 21.11 -19.11 -34.63
N VAL D 89 21.05 -19.82 -33.50
CA VAL D 89 21.40 -21.25 -33.41
C VAL D 89 20.22 -22.15 -33.83
N CYS D 90 20.40 -22.92 -34.90
CA CYS D 90 19.34 -23.81 -35.40
C CYS D 90 19.80 -25.24 -35.22
N GLY D 91 18.92 -26.10 -34.73
CA GLY D 91 19.30 -27.50 -34.53
C GLY D 91 18.23 -28.31 -33.83
N ARG D 92 18.68 -29.23 -33.00
CA ARG D 92 17.80 -30.10 -32.23
C ARG D 92 18.29 -30.24 -30.81
N LEU D 93 17.35 -30.37 -29.87
CA LEU D 93 17.63 -30.70 -28.46
C LEU D 93 16.62 -31.74 -28.03
N ARG D 94 17.14 -32.86 -27.53
CA ARG D 94 16.34 -34.05 -27.21
CA ARG D 94 16.32 -34.04 -27.20
C ARG D 94 15.45 -34.48 -28.38
N GLY D 95 15.89 -34.16 -29.60
CA GLY D 95 15.16 -34.50 -30.81
C GLY D 95 14.12 -33.49 -31.26
N ILE D 96 13.80 -32.53 -30.38
CA ILE D 96 12.87 -31.45 -30.70
C ILE D 96 13.61 -30.42 -31.56
N PRO D 97 13.08 -30.10 -32.76
CA PRO D 97 13.73 -29.06 -33.57
C PRO D 97 13.53 -27.71 -32.89
N ILE D 98 14.62 -26.94 -32.81
CA ILE D 98 14.65 -25.68 -32.04
C ILE D 98 15.42 -24.59 -32.78
N VAL D 99 15.04 -23.34 -32.52
CA VAL D 99 15.82 -22.20 -32.95
C VAL D 99 16.08 -21.31 -31.74
N ALA D 100 17.35 -21.01 -31.47
CA ALA D 100 17.70 -20.27 -30.26
C ALA D 100 18.43 -18.96 -30.59
N GLU D 102 20.85 -16.75 -29.41
CA GLU D 102 22.02 -16.68 -28.54
C GLU D 102 22.45 -15.21 -28.37
N GLY D 103 21.87 -14.56 -27.36
CA GLY D 103 22.03 -13.12 -27.21
C GLY D 103 20.80 -12.37 -27.67
N ARG D 104 20.57 -11.21 -27.05
CA ARG D 104 19.33 -10.48 -27.15
C ARG D 104 19.52 -9.07 -27.72
N PHE D 105 18.40 -8.43 -28.08
CA PHE D 105 18.37 -7.00 -28.33
C PHE D 105 17.65 -6.30 -27.20
N HIS D 106 18.18 -5.17 -26.77
CA HIS D 106 17.58 -4.43 -25.66
C HIS D 106 17.16 -3.02 -26.02
N TYR D 107 16.00 -2.61 -25.56
CA TYR D 107 15.58 -1.21 -25.64
C TYR D 107 16.66 -0.20 -25.20
N TYR D 108 17.31 -0.43 -24.07
CA TYR D 108 18.32 0.51 -23.54
C TYR D 108 19.55 0.70 -24.42
N GLU D 109 19.71 -0.16 -25.43
CA GLU D 109 20.80 -0.03 -26.41
C GLU D 109 20.47 1.01 -27.48
N GLY D 110 19.20 1.39 -27.57
CA GLY D 110 18.74 2.30 -28.61
C GLY D 110 17.90 1.66 -29.72
N TYR D 111 17.52 0.39 -29.56
CA TYR D 111 16.58 -0.25 -30.50
C TYR D 111 15.13 0.02 -30.15
N SER D 112 14.30 0.23 -31.17
CA SER D 112 12.86 0.25 -30.99
C SER D 112 12.40 -1.14 -30.56
N LEU D 113 11.21 -1.19 -29.98
CA LEU D 113 10.66 -2.48 -29.56
C LEU D 113 10.20 -3.29 -30.78
N GLU D 114 9.98 -2.59 -31.90
CA GLU D 114 9.79 -3.21 -33.22
C GLU D 114 10.98 -4.06 -33.60
N GLN D 115 12.16 -3.47 -33.43
CA GLN D 115 13.44 -4.10 -33.71
C GLN D 115 13.73 -5.22 -32.70
N VAL D 116 13.53 -4.94 -31.41
CA VAL D 116 13.72 -5.97 -30.36
C VAL D 116 12.87 -7.20 -30.64
N THR D 117 11.60 -7.00 -31.05
CA THR D 117 10.66 -8.10 -31.18
C THR D 117 10.58 -8.79 -32.55
N PHE D 118 11.32 -8.28 -33.53
CA PHE D 118 11.31 -8.86 -34.87
C PHE D 118 11.69 -10.36 -34.85
N PRO D 119 12.69 -10.75 -34.04
CA PRO D 119 13.00 -12.20 -34.06
C PRO D 119 11.85 -13.12 -33.61
N VAL D 120 10.95 -12.61 -32.75
CA VAL D 120 9.82 -13.39 -32.29
C VAL D 120 8.83 -13.64 -33.44
N ARG D 121 8.58 -12.59 -34.23
CA ARG D 121 7.73 -12.66 -35.43
C ARG D 121 8.25 -13.68 -36.44
N VAL D 122 9.56 -13.66 -36.64
CA VAL D 122 10.27 -14.55 -37.54
C VAL D 122 10.15 -15.99 -37.00
N LYS D 124 7.79 -17.10 -35.13
CA LYS D 124 6.41 -17.48 -35.42
C LYS D 124 6.27 -17.98 -36.87
N ALA D 125 6.80 -17.21 -37.82
CA ALA D 125 6.66 -17.53 -39.24
C ALA D 125 7.38 -18.84 -39.56
N GLY D 127 7.42 -21.27 -37.68
CA GLY D 127 6.48 -22.31 -37.26
C GLY D 127 6.44 -22.67 -35.79
N VAL D 128 7.25 -22.00 -34.96
CA VAL D 128 7.36 -22.38 -33.54
C VAL D 128 5.99 -22.27 -32.85
N LYS D 129 5.71 -23.15 -31.89
CA LYS D 129 4.43 -23.08 -31.16
C LYS D 129 4.64 -22.52 -29.77
N THR D 130 5.90 -22.51 -29.33
CA THR D 130 6.22 -22.10 -27.97
C THR D 130 7.47 -21.25 -27.95
N LEU D 131 7.46 -20.17 -27.16
CA LEU D 131 8.66 -19.39 -26.93
C LEU D 131 9.14 -19.63 -25.52
N LEU D 132 10.41 -20.00 -25.38
CA LEU D 132 11.00 -20.16 -24.07
C LEU D 132 11.94 -19.00 -23.92
N VAL D 133 11.72 -18.19 -22.87
CA VAL D 133 12.50 -16.95 -22.66
C VAL D 133 13.24 -16.98 -21.34
N THR D 134 14.52 -16.63 -21.38
CA THR D 134 15.31 -16.52 -20.15
C THR D 134 15.86 -15.11 -20.02
N ASN D 135 16.06 -14.67 -18.78
CA ASN D 135 16.73 -13.40 -18.52
C ASN D 135 17.52 -13.43 -17.21
N ALA D 136 18.37 -12.42 -17.02
CA ALA D 136 18.97 -12.16 -15.73
C ALA D 136 18.11 -11.06 -15.12
N ALA D 137 17.93 -11.10 -13.80
CA ALA D 137 17.04 -10.16 -13.15
C ALA D 137 17.51 -9.90 -11.71
N GLY D 138 17.12 -8.75 -11.16
CA GLY D 138 17.34 -8.44 -9.75
C GLY D 138 16.22 -9.00 -8.88
N GLY D 139 16.60 -9.56 -7.73
CA GLY D 139 15.60 -10.13 -6.79
C GLY D 139 15.06 -9.11 -5.81
N ILE D 140 13.77 -8.78 -5.98
CA ILE D 140 13.09 -7.87 -5.10
C ILE D 140 12.44 -8.57 -3.92
N ASN D 141 11.81 -9.72 -4.18
CA ASN D 141 11.22 -10.48 -3.07
C ASN D 141 12.34 -11.01 -2.18
N PRO D 142 12.34 -10.65 -0.87
CA PRO D 142 13.35 -11.07 0.10
C PRO D 142 13.43 -12.57 0.36
N GLN D 143 12.42 -13.33 -0.07
CA GLN D 143 12.45 -14.81 0.06
C GLN D 143 13.35 -15.47 -0.99
N LEU D 144 13.71 -14.72 -2.02
CA LEU D 144 14.57 -15.21 -3.09
C LEU D 144 16.02 -15.38 -2.61
N ASP D 145 16.71 -16.34 -3.21
CA ASP D 145 18.16 -16.49 -3.03
C ASP D 145 18.89 -16.21 -4.33
N LEU D 146 20.17 -15.85 -4.21
CA LEU D 146 21.02 -15.55 -5.35
C LEU D 146 21.21 -16.81 -6.23
N SER D 147 21.07 -16.61 -7.54
CA SER D 147 21.16 -17.68 -8.55
C SER D 147 19.93 -18.57 -8.56
N ASP D 148 18.89 -18.19 -7.79
CA ASP D 148 17.57 -18.80 -7.95
C ASP D 148 17.14 -18.69 -9.40
N VAL D 149 16.49 -19.76 -9.87
CA VAL D 149 15.78 -19.76 -11.14
C VAL D 149 14.29 -19.63 -10.85
N LEU D 150 13.74 -18.48 -11.22
CA LEU D 150 12.32 -18.24 -10.98
C LEU D 150 11.50 -18.58 -12.24
N ILE D 151 10.37 -19.26 -12.04
CA ILE D 151 9.42 -19.45 -13.12
C ILE D 151 8.53 -18.19 -13.20
N ILE D 152 8.52 -17.52 -14.34
CA ILE D 152 7.73 -16.28 -14.51
C ILE D 152 6.27 -16.64 -14.68
N GLU D 153 5.47 -16.20 -13.73
CA GLU D 153 4.05 -16.52 -13.66
C GLU D 153 3.19 -15.40 -14.26
N ASP D 154 3.74 -14.18 -14.28
CA ASP D 154 2.98 -13.00 -14.72
C ASP D 154 3.99 -11.88 -14.83
N HIS D 155 3.57 -10.73 -15.38
CA HIS D 155 4.52 -9.65 -15.45
C HIS D 155 3.82 -8.31 -15.30
N ILE D 156 4.63 -7.29 -15.03
CA ILE D 156 4.23 -5.89 -15.04
C ILE D 156 5.13 -5.16 -16.07
N ASN D 157 4.50 -4.49 -17.00
CA ASN D 157 5.29 -3.78 -18.02
C ASN D 157 5.46 -2.34 -17.66
N LEU D 158 6.66 -1.89 -17.27
CA LEU D 158 6.88 -0.45 -17.01
C LEU D 158 7.81 0.21 -18.02
N PRO D 160 8.47 2.49 -21.42
CA PRO D 160 7.67 3.60 -21.93
C PRO D 160 7.25 3.42 -23.38
N GLU D 161 7.57 2.27 -23.98
CA GLU D 161 7.10 1.94 -25.33
C GLU D 161 6.44 0.57 -25.35
N ASN D 162 5.63 0.32 -26.37
CA ASN D 162 4.88 -0.94 -26.56
C ASN D 162 5.13 -1.40 -28.00
N PRO D 163 5.59 -2.64 -28.19
CA PRO D 163 5.93 -3.18 -29.50
C PRO D 163 4.74 -3.25 -30.45
N LEU D 164 3.53 -3.13 -29.92
CA LEU D 164 2.29 -3.36 -30.69
C LEU D 164 1.61 -2.07 -31.12
N ARG D 165 2.14 -0.94 -30.66
CA ARG D 165 1.67 0.39 -31.07
C ARG D 165 1.81 0.57 -32.57
N GLY D 166 0.78 1.13 -33.20
CA GLY D 166 0.77 1.29 -34.66
C GLY D 166 -0.39 0.54 -35.27
N PRO D 167 -0.54 0.60 -36.59
CA PRO D 167 -1.65 -0.14 -37.17
C PRO D 167 -1.44 -1.64 -36.95
N ASN D 168 -2.53 -2.38 -36.78
CA ASN D 168 -2.48 -3.78 -36.49
C ASN D 168 -2.75 -4.59 -37.75
N ASP D 169 -1.98 -5.66 -37.97
CA ASP D 169 -2.26 -6.54 -39.10
C ASP D 169 -2.95 -7.79 -38.57
N GLU D 170 -4.25 -7.88 -38.87
CA GLU D 170 -5.13 -8.92 -38.36
C GLU D 170 -4.64 -10.34 -38.71
N GLU D 171 -3.81 -10.44 -39.75
CA GLU D 171 -3.15 -11.70 -40.11
C GLU D 171 -2.08 -12.13 -39.11
N LEU D 172 -1.47 -11.14 -38.45
CA LEU D 172 -0.47 -11.40 -37.42
C LEU D 172 -1.13 -11.63 -36.04
N GLY D 173 -2.20 -10.90 -35.74
CA GLY D 173 -2.84 -11.03 -34.43
C GLY D 173 -3.92 -10.01 -34.18
N PRO D 174 -4.59 -10.09 -33.01
CA PRO D 174 -5.74 -9.24 -32.75
C PRO D 174 -5.36 -7.83 -32.32
N ARG D 175 -6.25 -6.89 -32.56
CA ARG D 175 -6.02 -5.50 -32.18
C ARG D 175 -5.74 -5.36 -30.67
N PHE D 176 -6.50 -6.07 -29.83
CA PHE D 176 -6.39 -5.95 -28.36
C PHE D 176 -6.11 -7.31 -27.73
N PRO D 177 -4.83 -7.75 -27.74
CA PRO D 177 -4.51 -9.07 -27.21
C PRO D 177 -4.84 -9.15 -25.74
N ASP D 178 -5.38 -10.31 -25.35
CA ASP D 178 -5.74 -10.55 -23.98
C ASP D 178 -4.49 -10.98 -23.25
N SER D 180 -4.58 -12.17 -19.84
CA SER D 180 -4.95 -12.82 -18.59
C SER D 180 -4.04 -14.01 -18.26
N HIS D 181 -3.35 -14.55 -19.25
CA HIS D 181 -2.46 -15.70 -19.04
C HIS D 181 -1.33 -15.69 -20.06
N PRO D 182 -0.44 -14.69 -19.98
CA PRO D 182 0.65 -14.58 -20.95
C PRO D 182 1.66 -15.72 -20.82
N TYR D 183 1.77 -16.27 -19.60
CA TYR D 183 2.68 -17.41 -19.33
C TYR D 183 1.82 -18.66 -19.24
N ASP D 184 2.10 -19.61 -20.11
CA ASP D 184 1.22 -20.75 -20.33
C ASP D 184 1.10 -21.58 -19.07
N CYS D 185 -0.14 -21.89 -18.69
CA CYS D 185 -0.37 -22.60 -17.41
C CYS D 185 0.24 -23.99 -17.42
N GLN D 186 0.05 -24.71 -18.52
CA GLN D 186 0.53 -26.06 -18.62
C GLN D 186 2.06 -26.15 -18.70
N HIS D 187 2.71 -25.22 -19.39
CA HIS D 187 4.16 -25.21 -19.44
C HIS D 187 4.73 -25.00 -18.04
N GLU D 189 3.34 -25.63 -15.14
CA GLU D 189 3.10 -26.90 -14.42
C GLU D 189 4.20 -27.94 -14.74
N VAL D 190 4.61 -28.03 -16.01
CA VAL D 190 5.67 -28.97 -16.38
C VAL D 190 7.04 -28.52 -15.85
N ALA D 191 7.31 -27.22 -15.90
CA ALA D 191 8.57 -26.67 -15.40
C ALA D 191 8.75 -27.02 -13.92
N ARG D 192 7.69 -26.81 -13.12
CA ARG D 192 7.71 -27.20 -11.70
C ARG D 192 7.88 -28.72 -11.49
N GLN D 193 7.11 -29.53 -12.23
CA GLN D 193 7.22 -30.99 -12.14
CA GLN D 193 7.20 -30.99 -12.20
C GLN D 193 8.65 -31.43 -12.35
N VAL D 194 9.29 -30.90 -13.39
CA VAL D 194 10.70 -31.18 -13.68
C VAL D 194 11.65 -30.67 -12.60
N ALA D 195 11.44 -29.42 -12.14
CA ALA D 195 12.29 -28.88 -11.10
C ALA D 195 12.28 -29.78 -9.86
N LEU D 196 11.09 -30.24 -9.47
CA LEU D 196 10.96 -31.10 -8.28
C LEU D 196 11.60 -32.49 -8.51
N GLU D 197 11.51 -33.02 -9.73
CA GLU D 197 12.17 -34.28 -10.06
C GLU D 197 13.69 -34.17 -9.98
N LEU D 198 14.20 -33.01 -10.39
CA LEU D 198 15.62 -32.75 -10.31
C LEU D 198 16.07 -32.29 -8.91
N GLY D 199 15.11 -32.11 -7.99
CA GLY D 199 15.42 -31.61 -6.66
C GLY D 199 15.90 -30.17 -6.66
N ILE D 200 15.39 -29.36 -7.59
CA ILE D 200 15.74 -27.94 -7.75
C ILE D 200 14.55 -27.10 -7.30
N HIS D 201 14.78 -26.10 -6.45
CA HIS D 201 13.72 -25.17 -6.03
C HIS D 201 13.55 -24.06 -7.07
N CYS D 202 12.37 -24.00 -7.68
CA CYS D 202 12.05 -22.95 -8.64
C CYS D 202 10.76 -22.23 -8.25
N PRO D 203 10.86 -21.10 -7.53
CA PRO D 203 9.64 -20.38 -7.17
C PRO D 203 8.98 -19.71 -8.37
N LYS D 204 7.68 -19.48 -8.30
CA LYS D 204 7.02 -18.72 -9.34
C LYS D 204 6.95 -17.26 -8.86
N GLY D 205 6.90 -16.33 -9.79
CA GLY D 205 6.71 -14.96 -9.33
C GLY D 205 6.53 -14.01 -10.46
N VAL D 206 6.46 -12.73 -10.13
CA VAL D 206 6.06 -11.71 -11.08
C VAL D 206 7.30 -10.91 -11.55
N PHE D 207 7.50 -10.85 -12.85
CA PHE D 207 8.60 -10.12 -13.44
C PHE D 207 8.14 -8.70 -13.83
N VAL D 208 8.91 -7.70 -13.43
CA VAL D 208 8.64 -6.31 -13.89
C VAL D 208 9.71 -5.86 -14.87
N ALA D 209 9.27 -5.33 -16.01
CA ALA D 209 10.20 -4.80 -17.05
C ALA D 209 10.41 -3.29 -16.89
N VAL D 210 11.65 -2.86 -16.76
CA VAL D 210 11.93 -1.43 -16.74
C VAL D 210 12.93 -1.18 -17.88
N SER D 211 13.14 0.08 -18.27
CA SER D 211 13.92 0.33 -19.49
C SER D 211 15.41 0.15 -19.28
N GLY D 212 15.90 0.47 -18.08
CA GLY D 212 17.33 0.64 -17.84
C GLY D 212 17.85 1.87 -18.58
N PRO D 213 19.17 1.96 -18.78
CA PRO D 213 20.23 1.01 -18.45
C PRO D 213 20.71 1.05 -17.00
N ASN D 214 20.40 2.12 -16.29
CA ASN D 214 20.88 2.23 -14.91
C ASN D 214 20.14 1.22 -14.04
N LEU D 215 20.78 0.71 -12.98
CA LEU D 215 20.04 -0.11 -12.02
C LEU D 215 19.15 0.83 -11.18
N GLU D 216 18.21 0.25 -10.46
CA GLU D 216 17.22 1.02 -9.70
C GLU D 216 17.79 1.57 -8.40
N THR D 217 17.25 2.69 -7.94
CA THR D 217 17.61 3.27 -6.65
C THR D 217 16.93 2.47 -5.53
N ARG D 218 17.32 2.70 -4.28
CA ARG D 218 16.67 2.05 -3.10
C ARG D 218 15.16 2.39 -3.08
N ALA D 219 14.83 3.66 -3.26
CA ALA D 219 13.43 4.10 -3.35
C ALA D 219 12.65 3.43 -4.48
N GLU D 220 13.26 3.27 -5.65
CA GLU D 220 12.59 2.57 -6.74
C GLU D 220 12.38 1.09 -6.40
N TYR D 221 13.32 0.45 -5.69
CA TYR D 221 13.12 -0.97 -5.27
C TYR D 221 11.93 -1.11 -4.29
N ARG D 222 11.80 -0.15 -3.37
CA ARG D 222 10.66 -0.21 -2.43
C ARG D 222 9.35 -0.13 -3.22
N LEU D 224 8.74 -0.84 -6.51
CA LEU D 224 8.53 -2.04 -7.35
C LEU D 224 8.01 -3.20 -6.52
N LYS D 225 8.53 -3.35 -5.31
CA LYS D 225 8.01 -4.35 -4.37
C LYS D 225 6.56 -4.06 -4.03
N LEU D 226 6.28 -2.81 -3.64
CA LEU D 226 4.91 -2.44 -3.32
C LEU D 226 3.91 -2.61 -4.48
N GLY D 228 4.06 -4.99 -6.52
CA GLY D 228 3.82 -6.41 -6.64
C GLY D 228 4.85 -7.18 -7.45
N ALA D 229 6.01 -6.55 -7.74
CA ALA D 229 7.07 -7.27 -8.48
C ALA D 229 7.93 -8.17 -7.58
N ASP D 230 8.25 -9.38 -8.06
CA ASP D 230 9.19 -10.26 -7.39
C ASP D 230 10.64 -10.12 -7.86
N VAL D 231 10.83 -9.88 -9.16
CA VAL D 231 12.13 -9.69 -9.81
C VAL D 231 12.00 -8.55 -10.83
N VAL D 232 13.12 -7.91 -11.16
CA VAL D 232 13.13 -6.80 -12.12
C VAL D 232 14.20 -7.05 -13.17
N GLY D 233 13.89 -6.77 -14.42
CA GLY D 233 14.82 -6.99 -15.54
C GLY D 233 14.60 -5.91 -16.59
N SER D 235 14.32 -6.52 -20.05
CA SER D 235 14.03 -7.22 -21.31
C SER D 235 12.74 -8.01 -21.16
N THR D 236 12.48 -8.86 -22.15
CA THR D 236 11.61 -10.03 -22.01
C THR D 236 10.14 -9.69 -22.24
N VAL D 237 9.63 -8.72 -21.49
CA VAL D 237 8.22 -8.28 -21.62
C VAL D 237 7.77 -7.92 -23.08
N PRO D 238 8.59 -7.17 -23.85
CA PRO D 238 8.29 -6.83 -25.27
C PRO D 238 8.14 -8.10 -26.09
N GLU D 239 9.11 -9.00 -25.98
CA GLU D 239 9.06 -10.27 -26.71
C GLU D 239 7.80 -11.03 -26.32
N VAL D 240 7.49 -11.07 -25.02
CA VAL D 240 6.30 -11.80 -24.53
C VAL D 240 4.98 -11.23 -25.08
N LEU D 241 4.88 -9.88 -25.12
CA LEU D 241 3.71 -9.22 -25.71
C LEU D 241 3.51 -9.61 -27.19
N VAL D 242 4.60 -9.59 -27.94
CA VAL D 242 4.57 -9.96 -29.34
C VAL D 242 4.29 -11.47 -29.49
N ALA D 243 4.84 -12.28 -28.59
CA ALA D 243 4.57 -13.71 -28.60
C ALA D 243 3.06 -13.99 -28.41
N VAL D 244 2.46 -13.40 -27.37
CA VAL D 244 1.02 -13.56 -27.15
C VAL D 244 0.17 -13.03 -28.34
N HIS D 245 0.55 -11.88 -28.86
CA HIS D 245 -0.13 -11.34 -30.04
C HIS D 245 -0.12 -12.37 -31.18
N ALA D 246 1.03 -13.04 -31.35
CA ALA D 246 1.27 -14.03 -32.41
C ALA D 246 0.65 -15.39 -32.14
N GLY D 247 0.21 -15.64 -30.92
CA GLY D 247 -0.43 -16.91 -30.57
C GLY D 247 0.53 -17.95 -30.04
N LEU D 248 1.73 -17.53 -29.64
CA LEU D 248 2.68 -18.48 -29.06
C LEU D 248 2.43 -18.75 -27.60
N ARG D 249 2.71 -19.97 -27.17
CA ARG D 249 2.66 -20.31 -25.76
C ARG D 249 4.03 -19.93 -25.15
N VAL D 250 4.02 -19.30 -23.99
CA VAL D 250 5.27 -18.76 -23.44
C VAL D 250 5.66 -19.47 -22.17
N LEU D 251 6.95 -19.72 -21.99
CA LEU D 251 7.48 -20.21 -20.73
C LEU D 251 8.69 -19.34 -20.44
N GLY D 252 8.69 -18.68 -19.30
CA GLY D 252 9.72 -17.71 -18.93
C GLY D 252 10.44 -18.04 -17.64
N PHE D 253 11.76 -17.80 -17.64
CA PHE D 253 12.58 -18.00 -16.46
C PHE D 253 13.43 -16.74 -16.22
N SER D 254 13.50 -16.26 -14.97
CA SER D 254 14.56 -15.35 -14.55
C SER D 254 15.61 -16.03 -13.68
N VAL D 255 16.86 -15.67 -13.91
CA VAL D 255 17.91 -16.03 -12.98
C VAL D 255 18.17 -14.81 -12.11
N VAL D 256 18.01 -14.99 -10.80
CA VAL D 256 18.33 -13.96 -9.82
C VAL D 256 19.85 -13.75 -9.64
N THR D 257 20.36 -12.71 -10.27
CA THR D 257 21.79 -12.39 -10.32
C THR D 257 22.27 -11.46 -9.20
N ASP D 258 21.35 -10.74 -8.58
CA ASP D 258 21.69 -9.82 -7.50
C ASP D 258 20.47 -9.62 -6.61
N LEU D 259 20.71 -9.36 -5.34
CA LEU D 259 19.59 -9.16 -4.42
C LEU D 259 19.36 -7.68 -4.26
N CYS D 260 18.10 -7.28 -4.28
CA CYS D 260 17.78 -5.83 -4.23
C CYS D 260 17.02 -5.49 -2.97
N LEU D 261 17.69 -5.52 -1.82
CA LEU D 261 17.07 -5.16 -0.57
C LEU D 261 17.46 -3.72 -0.25
N PRO D 262 16.51 -2.77 -0.37
CA PRO D 262 16.86 -1.35 -0.25
C PRO D 262 17.46 -0.94 1.09
N ASP D 263 17.18 -1.71 2.15
CA ASP D 263 17.83 -1.41 3.42
C ASP D 263 19.17 -2.07 3.65
N ALA D 264 19.55 -2.94 2.74
CA ALA D 264 20.92 -3.46 2.72
C ALA D 264 21.35 -3.67 1.28
N LEU D 265 21.45 -2.57 0.52
CA LEU D 265 21.77 -2.67 -0.92
C LEU D 265 23.25 -2.38 -1.14
N GLU D 266 23.98 -3.35 -1.69
CA GLU D 266 25.41 -3.15 -1.98
C GLU D 266 25.58 -2.78 -3.47
N PRO D 267 26.67 -2.04 -3.83
CA PRO D 267 26.90 -1.75 -5.25
C PRO D 267 27.10 -3.01 -6.07
N VAL D 268 26.56 -3.05 -7.27
CA VAL D 268 26.85 -4.20 -8.15
C VAL D 268 27.41 -3.86 -9.53
N GLU D 269 28.26 -4.75 -10.01
CA GLU D 269 28.94 -4.59 -11.30
C GLU D 269 28.62 -5.77 -12.21
N LEU D 270 28.85 -5.59 -13.50
CA LEU D 270 28.45 -6.58 -14.50
C LEU D 270 29.15 -7.94 -14.28
N ASN D 271 30.43 -7.90 -13.90
CA ASN D 271 31.23 -9.12 -13.68
C ASN D 271 30.65 -10.06 -12.62
N LYS D 272 30.15 -9.49 -11.52
CA LYS D 272 29.44 -10.27 -10.51
C LYS D 272 28.13 -10.86 -11.05
N ILE D 273 27.34 -10.02 -11.74
CA ILE D 273 26.07 -10.41 -12.35
C ILE D 273 26.29 -11.59 -13.33
N LEU D 274 27.28 -11.44 -14.21
CA LEU D 274 27.66 -12.49 -15.15
C LEU D 274 28.04 -13.82 -14.47
N GLU D 275 28.80 -13.73 -13.38
CA GLU D 275 29.19 -14.90 -12.60
C GLU D 275 28.01 -15.64 -11.96
N VAL D 276 27.14 -14.89 -11.28
CA VAL D 276 25.95 -15.46 -10.68
C VAL D 276 24.99 -15.98 -11.74
N ALA D 277 24.90 -15.28 -12.87
CA ALA D 277 24.08 -15.70 -14.02
C ALA D 277 24.48 -17.06 -14.54
N ALA D 278 25.79 -17.35 -14.49
CA ALA D 278 26.34 -18.63 -14.93
C ALA D 278 25.93 -19.78 -14.00
N ARG D 279 25.81 -19.50 -12.70
CA ARG D 279 25.31 -20.51 -11.73
C ARG D 279 23.85 -20.88 -11.99
N GLY D 280 23.01 -19.88 -12.25
CA GLY D 280 21.62 -20.12 -12.62
C GLY D 280 21.53 -20.79 -13.99
N GLY D 281 22.42 -20.36 -14.91
CA GLY D 281 22.52 -20.95 -16.25
C GLY D 281 22.76 -22.45 -16.17
N ALA D 282 23.60 -22.86 -15.22
CA ALA D 282 23.86 -24.27 -15.02
C ALA D 282 22.57 -24.99 -14.64
N LYS D 283 21.74 -24.37 -13.79
CA LYS D 283 20.47 -24.98 -13.43
C LYS D 283 19.49 -25.09 -14.61
N LEU D 284 19.38 -24.04 -15.41
CA LEU D 284 18.56 -24.11 -16.60
C LEU D 284 19.10 -25.14 -17.61
N ALA D 285 20.42 -25.35 -17.61
CA ALA D 285 21.02 -26.39 -18.45
C ALA D 285 20.50 -27.80 -18.10
N ARG D 286 20.13 -28.03 -16.84
CA ARG D 286 19.55 -29.31 -16.43
C ARG D 286 18.06 -29.28 -16.73
N LEU D 287 17.43 -28.17 -16.40
CA LEU D 287 15.98 -28.04 -16.50
C LEU D 287 15.44 -28.11 -17.91
N ILE D 288 15.97 -27.27 -18.79
CA ILE D 288 15.44 -27.09 -20.13
C ILE D 288 15.41 -28.39 -20.97
N PRO D 289 16.48 -29.21 -20.94
CA PRO D 289 16.38 -30.43 -21.77
C PRO D 289 15.31 -31.41 -21.29
N GLU D 290 14.98 -31.39 -19.99
CA GLU D 290 13.92 -32.28 -19.48
C GLU D 290 12.54 -31.74 -19.81
N ILE D 291 12.40 -30.41 -19.78
CA ILE D 291 11.13 -29.77 -20.05
C ILE D 291 10.63 -29.90 -21.49
N LEU D 292 11.52 -29.66 -22.46
CA LEU D 292 11.13 -29.58 -23.88
C LEU D 292 10.28 -30.76 -24.43
N PRO D 293 10.69 -32.01 -24.19
CA PRO D 293 9.85 -33.12 -24.71
C PRO D 293 8.49 -33.21 -24.03
N ARG D 294 8.37 -32.65 -22.84
CA ARG D 294 7.13 -32.73 -22.06
C ARG D 294 6.15 -31.60 -22.41
N ILE D 295 6.63 -30.55 -23.07
CA ILE D 295 5.72 -29.50 -23.49
C ILE D 295 5.20 -29.68 -24.93
N SER E 24 31.42 8.71 -30.11
CA SER E 24 32.19 9.40 -31.19
C SER E 24 31.54 10.75 -31.54
N GLU E 25 30.25 10.69 -31.85
CA GLU E 25 29.42 11.87 -32.05
C GLU E 25 29.41 12.79 -30.81
N LEU E 26 29.19 12.19 -29.64
CA LEU E 26 28.97 12.93 -28.40
C LEU E 26 30.26 13.57 -27.88
N LYS E 27 31.32 12.77 -27.76
CA LYS E 27 32.63 13.22 -27.29
C LYS E 27 33.16 14.43 -28.06
N SER E 28 32.88 14.45 -29.36
CA SER E 28 33.22 15.57 -30.23
C SER E 28 32.50 16.82 -29.78
N ARG E 29 31.18 16.71 -29.60
CA ARG E 29 30.40 17.86 -29.15
C ARG E 29 30.87 18.30 -27.78
N ILE E 30 31.30 17.34 -26.95
CA ILE E 30 31.73 17.62 -25.57
C ILE E 30 33.01 18.43 -25.64
N ASP E 31 33.95 17.97 -26.47
CA ASP E 31 35.23 18.65 -26.72
C ASP E 31 35.05 20.03 -27.35
N GLN E 32 34.15 20.13 -28.32
CA GLN E 32 33.85 21.44 -28.94
C GLN E 32 33.29 22.47 -27.94
N ALA E 33 32.35 22.04 -27.10
CA ALA E 33 31.78 22.90 -26.06
C ALA E 33 32.87 23.42 -25.14
N THR E 34 33.64 22.49 -24.58
CA THR E 34 34.66 22.79 -23.58
C THR E 34 35.81 23.64 -24.15
N ALA E 35 36.14 23.41 -25.41
CA ALA E 35 37.15 24.19 -26.11
C ALA E 35 36.74 25.66 -26.23
N LYS E 36 35.46 25.92 -26.52
CA LYS E 36 34.99 27.30 -26.56
C LYS E 36 35.03 27.93 -25.17
N ILE E 37 34.62 27.16 -24.16
CA ILE E 37 34.55 27.66 -22.80
C ILE E 37 35.96 27.97 -22.26
N SER E 38 36.91 27.09 -22.56
CA SER E 38 38.30 27.31 -22.14
C SER E 38 38.88 28.60 -22.71
N GLN E 39 38.35 29.04 -23.85
CA GLN E 39 38.78 30.26 -24.50
C GLN E 39 38.29 31.53 -23.79
N LEU E 40 37.16 31.42 -23.10
CA LEU E 40 36.61 32.55 -22.35
C LEU E 40 36.95 32.48 -20.86
N TRP E 41 37.44 31.32 -20.41
CA TRP E 41 37.73 31.09 -18.99
C TRP E 41 38.81 30.02 -18.78
N GLN E 42 39.81 30.34 -17.97
CA GLN E 42 40.96 29.46 -17.75
C GLN E 42 40.80 28.53 -16.55
N GLY E 43 39.68 28.65 -15.85
CA GLY E 43 39.43 27.87 -14.63
C GLY E 43 39.34 26.36 -14.83
N GLU E 44 39.71 25.65 -13.77
CA GLU E 44 39.46 24.22 -13.64
C GLU E 44 38.52 24.06 -12.43
N PRO E 45 37.20 24.16 -12.67
CA PRO E 45 36.22 24.11 -11.57
C PRO E 45 36.21 22.79 -10.82
N ALA E 46 36.08 22.87 -9.49
CA ALA E 46 35.97 21.70 -8.61
C ALA E 46 34.51 21.27 -8.45
N VAL E 47 33.61 22.23 -8.58
CA VAL E 47 32.16 22.03 -8.42
C VAL E 47 31.42 22.63 -9.59
N GLY E 48 30.39 21.93 -10.06
CA GLY E 48 29.41 22.50 -10.98
C GLY E 48 28.05 22.58 -10.30
N ILE E 50 23.75 23.53 -10.73
CA ILE E 50 22.59 23.79 -11.59
C ILE E 50 21.48 24.47 -10.78
N LEU E 51 21.14 25.68 -11.18
CA LEU E 51 20.15 26.52 -10.48
C LEU E 51 18.78 26.43 -11.13
N GLY E 52 17.79 26.03 -10.33
CA GLY E 52 16.45 25.74 -10.84
C GLY E 52 15.52 26.93 -10.85
N THR E 53 14.24 26.66 -11.08
CA THR E 53 13.18 27.69 -11.16
C THR E 53 13.14 28.59 -9.91
N GLY E 54 13.24 29.89 -10.12
CA GLY E 54 13.31 30.86 -9.03
C GLY E 54 14.58 30.87 -8.18
N LEU E 55 15.57 30.07 -8.55
CA LEU E 55 16.82 29.99 -7.75
C LEU E 55 18.06 30.63 -8.40
N GLY E 56 17.87 31.21 -9.60
CA GLY E 56 18.98 31.85 -10.35
C GLY E 56 19.76 32.90 -9.58
N GLY E 57 19.18 33.38 -8.46
CA GLY E 57 19.79 34.40 -7.63
C GLY E 57 20.99 33.87 -6.88
N LEU E 58 21.08 32.54 -6.73
CA LEU E 58 22.26 31.93 -6.09
C LEU E 58 23.56 32.21 -6.87
N ALA E 59 23.45 32.55 -8.14
CA ALA E 59 24.62 32.95 -8.91
C ALA E 59 25.35 34.22 -8.40
N GLU E 60 24.61 35.14 -7.77
CA GLU E 60 25.20 36.37 -7.20
C GLU E 60 26.28 36.09 -6.17
N GLN E 61 26.31 34.86 -5.68
CA GLN E 61 27.21 34.43 -4.62
C GLN E 61 28.60 34.09 -5.17
N ILE E 62 28.67 33.88 -6.48
CA ILE E 62 29.92 33.63 -7.20
C ILE E 62 30.66 34.94 -7.51
N GLU E 63 31.93 35.00 -7.16
CA GLU E 63 32.80 36.08 -7.60
C GLU E 63 33.14 35.70 -9.04
N GLN E 64 32.47 36.34 -9.99
CA GLN E 64 32.47 35.80 -11.35
C GLN E 64 33.50 36.43 -12.28
N ASP E 65 34.23 35.57 -12.96
CA ASP E 65 35.17 35.99 -13.99
C ASP E 65 34.41 36.33 -15.25
N ILE E 66 33.42 35.50 -15.57
CA ILE E 66 32.72 35.55 -16.85
C ILE E 66 31.36 34.85 -16.73
N ALA E 67 30.37 35.38 -17.46
CA ALA E 67 29.01 34.82 -17.52
C ALA E 67 28.62 34.65 -18.98
N ILE E 68 28.75 33.42 -19.46
CA ILE E 68 28.66 33.10 -20.89
C ILE E 68 27.23 32.72 -21.26
N PRO E 69 26.59 33.47 -22.18
CA PRO E 69 25.27 32.99 -22.58
C PRO E 69 25.35 31.64 -23.31
N TYR E 70 24.37 30.78 -23.06
CA TYR E 70 24.31 29.45 -23.67
C TYR E 70 24.43 29.49 -25.17
N SER E 71 23.99 30.59 -25.79
CA SER E 71 24.13 30.82 -27.23
C SER E 71 25.57 30.78 -27.75
N ASP E 72 26.48 31.30 -26.94
CA ASP E 72 27.91 31.35 -27.27
C ASP E 72 28.61 30.00 -27.12
N ILE E 73 27.95 29.05 -26.46
CA ILE E 73 28.52 27.71 -26.32
C ILE E 73 27.85 26.78 -27.32
N PRO E 74 28.66 26.18 -28.22
CA PRO E 74 28.18 25.19 -29.17
C PRO E 74 27.42 24.03 -28.50
N HIS E 75 26.29 23.66 -29.12
CA HIS E 75 25.49 22.48 -28.76
C HIS E 75 24.60 22.64 -27.53
N PHE E 76 24.75 23.76 -26.81
CA PHE E 76 23.86 24.08 -25.69
C PHE E 76 22.51 24.58 -26.23
N PRO E 77 21.42 24.01 -25.72
CA PRO E 77 20.06 24.48 -26.01
C PRO E 77 19.70 25.79 -25.28
N THR E 78 18.50 26.31 -25.55
CA THR E 78 17.99 27.56 -24.97
C THR E 78 17.01 27.29 -23.80
N SER E 79 17.18 27.98 -22.67
CA SER E 79 16.19 27.97 -21.57
C SER E 79 15.00 28.86 -21.93
N THR E 80 13.81 28.27 -22.03
CA THR E 80 12.60 29.04 -22.39
C THR E 80 11.59 29.18 -21.24
N VAL E 81 11.95 28.71 -20.04
CA VAL E 81 11.09 28.89 -18.87
C VAL E 81 11.42 30.24 -18.20
N LYS E 82 10.37 30.92 -17.74
CA LYS E 82 10.50 32.16 -16.96
C LYS E 82 11.39 31.94 -15.74
N SER E 83 12.21 32.97 -15.43
CA SER E 83 13.16 33.00 -14.30
C SER E 83 14.51 32.31 -14.57
N HIS E 84 14.59 31.53 -15.64
CA HIS E 84 15.82 30.85 -16.04
C HIS E 84 16.61 31.77 -16.98
N ALA E 85 17.69 32.37 -16.46
CA ALA E 85 18.46 33.39 -17.19
C ALA E 85 19.16 32.88 -18.46
N GLY E 86 19.50 31.60 -18.47
CA GLY E 86 20.15 30.99 -19.63
C GLY E 86 21.59 31.45 -19.85
N ARG E 87 22.45 31.29 -18.83
CA ARG E 87 23.89 31.56 -19.00
C ARG E 87 24.78 30.79 -18.02
N LEU E 88 26.04 30.60 -18.41
CA LEU E 88 27.01 29.83 -17.64
C LEU E 88 27.97 30.71 -16.83
N VAL E 89 27.70 30.81 -15.53
CA VAL E 89 28.50 31.67 -14.67
C VAL E 89 29.74 30.93 -14.16
N CYS E 90 30.91 31.49 -14.44
CA CYS E 90 32.18 30.89 -14.04
C CYS E 90 32.91 31.82 -13.09
N GLY E 91 33.55 31.25 -12.08
CA GLY E 91 34.27 32.06 -11.12
C GLY E 91 34.59 31.30 -9.86
N ARG E 92 34.50 32.00 -8.73
CA ARG E 92 34.94 31.43 -7.49
C ARG E 92 33.96 31.78 -6.39
N LEU E 93 33.80 30.86 -5.45
CA LEU E 93 32.92 31.01 -4.30
C LEU E 93 33.68 30.49 -3.10
N ARG E 94 34.02 31.38 -2.17
CA ARG E 94 34.92 31.07 -1.07
C ARG E 94 36.26 30.54 -1.58
N GLY E 95 36.73 31.11 -2.70
CA GLY E 95 37.98 30.68 -3.32
C GLY E 95 37.93 29.28 -3.93
N ILE E 96 36.74 28.78 -4.23
CA ILE E 96 36.63 27.48 -4.89
C ILE E 96 36.22 27.71 -6.34
N PRO E 97 37.02 27.23 -7.30
CA PRO E 97 36.61 27.44 -8.67
C PRO E 97 35.32 26.67 -8.92
N ILE E 98 34.33 27.35 -9.51
CA ILE E 98 33.04 26.74 -9.79
C ILE E 98 32.46 27.21 -11.11
N VAL E 99 31.58 26.38 -11.66
CA VAL E 99 30.80 26.73 -12.82
C VAL E 99 29.30 26.49 -12.50
N ALA E 100 28.45 27.45 -12.86
CA ALA E 100 27.05 27.36 -12.51
C ALA E 100 26.15 27.60 -13.70
N GLU E 102 23.07 28.99 -14.80
CA GLU E 102 22.03 29.88 -14.31
C GLU E 102 20.80 29.69 -15.17
N GLY E 103 19.93 28.78 -14.72
CA GLY E 103 18.80 28.32 -15.50
C GLY E 103 19.15 26.98 -16.14
N ARG E 104 18.14 26.12 -16.28
CA ARG E 104 18.36 24.79 -16.86
C ARG E 104 17.40 24.46 -18.02
N PHE E 105 17.52 23.24 -18.54
CA PHE E 105 16.71 22.76 -19.67
C PHE E 105 15.79 21.68 -19.18
N HIS E 106 14.56 21.67 -19.68
CA HIS E 106 13.60 20.69 -19.24
C HIS E 106 13.06 19.89 -20.39
N TYR E 107 12.78 18.62 -20.07
CA TYR E 107 12.21 17.68 -21.01
C TYR E 107 10.88 18.18 -21.56
N TYR E 108 10.06 18.79 -20.70
CA TYR E 108 8.72 19.27 -21.08
C TYR E 108 8.74 20.46 -22.05
N GLU E 109 9.92 21.06 -22.21
CA GLU E 109 10.10 22.17 -23.15
C GLU E 109 10.24 21.64 -24.58
N GLY E 110 10.45 20.33 -24.73
CA GLY E 110 10.71 19.74 -26.07
C GLY E 110 12.13 19.24 -26.29
N TYR E 111 12.99 19.38 -25.29
CA TYR E 111 14.37 18.93 -25.37
C TYR E 111 14.49 17.44 -25.06
N SER E 112 15.39 16.76 -25.75
CA SER E 112 15.70 15.37 -25.43
C SER E 112 16.53 15.35 -24.14
N LEU E 113 16.66 14.18 -23.54
CA LEU E 113 17.43 14.08 -22.30
C LEU E 113 18.94 14.13 -22.54
N GLU E 114 19.35 13.73 -23.74
CA GLU E 114 20.70 14.00 -24.24
C GLU E 114 20.99 15.51 -24.24
N GLN E 115 20.02 16.32 -24.70
CA GLN E 115 20.18 17.77 -24.70
C GLN E 115 20.16 18.32 -23.26
N VAL E 116 19.24 17.84 -22.43
CA VAL E 116 19.12 18.31 -21.05
C VAL E 116 20.42 18.10 -20.26
N THR E 117 21.06 16.95 -20.49
CA THR E 117 22.21 16.54 -19.70
C THR E 117 23.57 16.82 -20.37
N PHE E 118 23.57 17.32 -21.60
CA PHE E 118 24.83 17.72 -22.23
C PHE E 118 25.68 18.61 -21.30
N PRO E 119 25.07 19.66 -20.68
CA PRO E 119 25.88 20.49 -19.76
C PRO E 119 26.55 19.73 -18.62
N VAL E 120 25.95 18.63 -18.13
CA VAL E 120 26.62 17.78 -17.13
C VAL E 120 27.85 17.06 -17.73
N ARG E 121 27.75 16.60 -18.98
CA ARG E 121 28.93 16.04 -19.67
C ARG E 121 30.05 17.08 -19.78
N VAL E 122 29.68 18.30 -20.13
CA VAL E 122 30.63 19.41 -20.27
C VAL E 122 31.34 19.74 -18.95
N LYS E 124 31.76 17.63 -16.38
CA LYS E 124 32.70 16.53 -16.17
C LYS E 124 34.01 16.80 -16.93
N ALA E 125 33.88 17.14 -18.21
CA ALA E 125 35.02 17.41 -19.09
C ALA E 125 35.89 18.56 -18.55
N GLY E 127 36.40 19.18 -15.59
CA GLY E 127 37.10 18.69 -14.42
C GLY E 127 36.36 18.76 -13.08
N VAL E 128 35.07 19.10 -13.10
CA VAL E 128 34.32 19.15 -11.84
C VAL E 128 34.26 17.76 -11.16
N LYS E 129 34.35 17.75 -9.84
CA LYS E 129 34.29 16.51 -9.07
C LYS E 129 32.89 16.27 -8.48
N THR E 130 32.18 17.36 -8.21
CA THR E 130 30.89 17.30 -7.55
C THR E 130 29.89 18.13 -8.31
N LEU E 131 28.67 17.62 -8.42
CA LEU E 131 27.54 18.39 -8.94
C LEU E 131 26.57 18.70 -7.81
N LEU E 132 26.25 19.98 -7.66
CA LEU E 132 25.25 20.45 -6.75
C LEU E 132 24.04 20.82 -7.62
N VAL E 133 22.91 20.17 -7.40
CA VAL E 133 21.69 20.46 -8.17
C VAL E 133 20.60 21.01 -7.25
N THR E 134 19.88 22.02 -7.71
CA THR E 134 18.77 22.59 -6.98
C THR E 134 17.53 22.54 -7.86
N ASN E 135 16.35 22.46 -7.23
CA ASN E 135 15.09 22.53 -7.99
C ASN E 135 13.97 23.11 -7.12
N ALA E 136 12.88 23.48 -7.77
CA ALA E 136 11.63 23.80 -7.10
C ALA E 136 10.77 22.55 -7.13
N ALA E 137 10.07 22.23 -6.06
CA ALA E 137 9.26 21.01 -6.06
C ALA E 137 7.97 21.16 -5.30
N GLY E 138 7.04 20.27 -5.60
CA GLY E 138 5.81 20.16 -4.83
C GLY E 138 6.03 19.32 -3.60
N GLY E 139 5.51 19.77 -2.46
CA GLY E 139 5.59 19.00 -1.20
C GLY E 139 4.50 17.94 -1.07
N ILE E 140 4.90 16.66 -1.13
CA ILE E 140 3.94 15.58 -0.93
C ILE E 140 3.85 15.19 0.54
N ASN E 141 5.01 15.01 1.19
CA ASN E 141 5.00 14.63 2.59
C ASN E 141 4.32 15.69 3.43
N PRO E 142 3.29 15.31 4.22
CA PRO E 142 2.57 16.33 4.98
C PRO E 142 3.37 16.94 6.14
N GLN E 143 4.51 16.37 6.48
CA GLN E 143 5.39 16.94 7.51
C GLN E 143 6.19 18.13 6.97
N LEU E 144 6.14 18.35 5.64
CA LEU E 144 6.81 19.51 5.02
C LEU E 144 6.09 20.84 5.16
N ASP E 145 6.89 21.91 5.14
CA ASP E 145 6.40 23.29 5.21
C ASP E 145 6.78 24.05 3.95
N LEU E 146 5.99 25.05 3.62
CA LEU E 146 6.27 25.94 2.50
C LEU E 146 7.67 26.61 2.64
N SER E 147 8.44 26.59 1.55
CA SER E 147 9.80 27.14 1.47
C SER E 147 10.84 26.34 2.25
N ASP E 148 10.46 25.16 2.74
CA ASP E 148 11.43 24.19 3.27
C ASP E 148 12.49 23.90 2.24
N VAL E 149 13.73 23.77 2.69
CA VAL E 149 14.81 23.33 1.83
C VAL E 149 15.06 21.85 2.19
N LEU E 150 14.74 20.97 1.25
CA LEU E 150 14.93 19.53 1.46
C LEU E 150 16.24 19.00 0.88
N ILE E 151 16.95 18.18 1.65
CA ILE E 151 18.12 17.52 1.13
C ILE E 151 17.69 16.23 0.47
N ILE E 152 18.09 16.04 -0.79
CA ILE E 152 17.60 14.89 -1.55
C ILE E 152 18.47 13.69 -1.17
N GLU E 153 17.81 12.65 -0.69
CA GLU E 153 18.47 11.48 -0.13
C GLU E 153 18.45 10.36 -1.18
N ASP E 154 17.47 10.44 -2.06
CA ASP E 154 17.25 9.41 -3.05
C ASP E 154 16.20 9.90 -4.03
N HIS E 155 15.99 9.19 -5.14
CA HIS E 155 14.96 9.60 -6.09
C HIS E 155 14.17 8.42 -6.71
N ILE E 156 13.07 8.76 -7.39
CA ILE E 156 12.30 7.82 -8.18
C ILE E 156 12.14 8.49 -9.57
N ASN E 157 12.49 7.77 -10.60
CA ASN E 157 12.44 8.30 -11.94
C ASN E 157 11.19 7.85 -12.61
N LEU E 158 10.21 8.74 -12.75
CA LEU E 158 9.00 8.41 -13.53
C LEU E 158 8.96 9.07 -14.89
N PRO E 160 9.52 9.34 -18.92
CA PRO E 160 9.32 8.31 -19.95
C PRO E 160 10.52 8.09 -20.87
N GLU E 161 11.65 8.75 -20.59
CA GLU E 161 12.87 8.57 -21.36
C GLU E 161 14.05 8.56 -20.37
N ASN E 162 15.18 7.99 -20.77
CA ASN E 162 16.34 7.91 -19.91
C ASN E 162 17.57 8.42 -20.67
N PRO E 163 18.30 9.41 -20.12
CA PRO E 163 19.42 10.00 -20.84
C PRO E 163 20.53 9.05 -21.29
N LEU E 164 20.62 7.87 -20.68
CA LEU E 164 21.69 6.93 -20.99
C LEU E 164 21.32 5.86 -22.02
N ARG E 165 20.09 5.93 -22.55
CA ARG E 165 19.66 4.97 -23.54
C ARG E 165 20.46 5.22 -24.83
N GLY E 166 20.82 4.12 -25.51
CA GLY E 166 21.68 4.19 -26.69
C GLY E 166 23.04 3.56 -26.44
N PRO E 167 23.92 3.62 -27.46
CA PRO E 167 25.27 3.08 -27.33
C PRO E 167 26.00 3.75 -26.16
N ASN E 168 26.70 2.94 -25.38
CA ASN E 168 27.41 3.44 -24.22
C ASN E 168 28.87 3.60 -24.59
N ASP E 169 29.45 4.72 -24.21
CA ASP E 169 30.87 4.97 -24.42
C ASP E 169 31.60 4.73 -23.11
N GLU E 170 32.29 3.60 -23.03
CA GLU E 170 32.88 3.11 -21.79
C GLU E 170 33.96 4.05 -21.23
N GLU E 171 34.38 5.01 -22.06
CA GLU E 171 35.30 6.08 -21.66
C GLU E 171 34.60 7.10 -20.79
N LEU E 172 33.28 7.16 -20.93
CA LEU E 172 32.46 8.09 -20.16
C LEU E 172 31.94 7.47 -18.87
N GLY E 173 31.52 6.21 -18.95
CA GLY E 173 30.99 5.50 -17.77
C GLY E 173 30.51 4.11 -18.16
N PRO E 174 30.08 3.33 -17.15
CA PRO E 174 29.71 1.94 -17.35
C PRO E 174 28.39 1.80 -18.12
N ARG E 175 28.15 0.63 -18.68
CA ARG E 175 26.91 0.33 -19.37
C ARG E 175 25.71 0.37 -18.41
N PHE E 176 25.94 -0.10 -17.17
CA PHE E 176 24.89 -0.31 -16.18
C PHE E 176 25.26 0.38 -14.86
N PRO E 177 25.16 1.73 -14.80
CA PRO E 177 25.56 2.42 -13.58
C PRO E 177 24.78 2.02 -12.35
N ASP E 178 25.50 1.82 -11.25
CA ASP E 178 24.91 1.48 -9.97
C ASP E 178 24.22 2.71 -9.39
N SER E 180 22.81 2.77 -6.06
CA SER E 180 22.56 2.53 -4.63
C SER E 180 22.79 3.76 -3.74
N HIS E 181 23.64 4.68 -4.18
CA HIS E 181 23.84 5.97 -3.47
C HIS E 181 24.07 7.13 -4.45
N PRO E 182 23.04 7.52 -5.19
CA PRO E 182 23.21 8.57 -6.19
C PRO E 182 23.54 9.92 -5.54
N TYR E 183 23.03 10.14 -4.33
CA TYR E 183 23.32 11.37 -3.60
C TYR E 183 24.37 11.01 -2.55
N ASP E 184 25.51 11.69 -2.64
CA ASP E 184 26.68 11.38 -1.85
C ASP E 184 26.39 11.44 -0.36
N CYS E 185 26.75 10.37 0.37
CA CYS E 185 26.46 10.29 1.80
C CYS E 185 27.22 11.35 2.60
N GLN E 186 28.50 11.56 2.26
CA GLN E 186 29.32 12.52 3.00
C GLN E 186 28.87 13.95 2.74
N HIS E 187 28.49 14.25 1.49
CA HIS E 187 28.00 15.59 1.16
C HIS E 187 26.71 15.89 1.90
N GLU E 189 25.83 14.59 4.74
CA GLU E 189 26.20 14.71 6.15
C GLU E 189 26.73 16.14 6.43
N VAL E 190 27.47 16.70 5.48
CA VAL E 190 27.97 18.06 5.58
C VAL E 190 26.81 19.06 5.44
N ALA E 191 25.88 18.80 4.52
CA ALA E 191 24.79 19.78 4.34
C ALA E 191 23.94 19.89 5.61
N ARG E 192 23.73 18.75 6.29
CA ARG E 192 22.95 18.73 7.54
C ARG E 192 23.72 19.44 8.65
N GLN E 193 25.01 19.13 8.76
CA GLN E 193 25.83 19.71 9.78
C GLN E 193 25.84 21.23 9.65
N VAL E 194 25.97 21.71 8.41
CA VAL E 194 25.94 23.15 8.15
C VAL E 194 24.56 23.71 8.51
N ALA E 195 23.48 23.07 8.05
CA ALA E 195 22.13 23.58 8.33
C ALA E 195 21.86 23.76 9.83
N LEU E 196 22.26 22.78 10.63
CA LEU E 196 22.23 22.88 12.09
C LEU E 196 23.07 23.97 12.72
N GLU E 197 24.23 24.27 12.15
CA GLU E 197 25.08 25.41 12.63
C GLU E 197 24.42 26.77 12.38
N LEU E 198 23.74 26.87 11.25
CA LEU E 198 23.00 28.05 10.86
C LEU E 198 21.60 28.11 11.48
N GLY E 199 21.18 27.08 12.22
CA GLY E 199 19.81 27.01 12.77
C GLY E 199 18.69 26.87 11.75
N ILE E 200 18.94 26.17 10.64
CA ILE E 200 17.93 25.95 9.59
C ILE E 200 17.52 24.49 9.59
N HIS E 201 16.20 24.24 9.50
CA HIS E 201 15.66 22.89 9.41
C HIS E 201 15.68 22.44 7.94
N CYS E 202 16.52 21.47 7.64
CA CYS E 202 16.60 20.86 6.31
C CYS E 202 16.29 19.37 6.40
N PRO E 203 15.03 18.96 6.14
CA PRO E 203 14.71 17.52 6.23
C PRO E 203 15.31 16.81 5.02
N LYS E 204 15.59 15.50 5.13
CA LYS E 204 16.01 14.67 4.01
C LYS E 204 14.79 13.97 3.42
N GLY E 205 14.79 13.68 2.13
CA GLY E 205 13.58 13.21 1.42
C GLY E 205 13.86 12.54 0.08
N VAL E 206 12.84 11.86 -0.46
CA VAL E 206 12.89 11.22 -1.76
C VAL E 206 12.21 12.14 -2.78
N PHE E 207 12.90 12.44 -3.87
CA PHE E 207 12.43 13.31 -4.95
C PHE E 207 11.93 12.37 -6.07
N VAL E 208 10.72 12.64 -6.56
CA VAL E 208 10.19 11.97 -7.74
C VAL E 208 10.15 12.94 -8.90
N ALA E 209 10.68 12.47 -10.03
CA ALA E 209 10.73 13.24 -11.24
C ALA E 209 9.66 12.75 -12.19
N VAL E 210 8.81 13.68 -12.60
CA VAL E 210 7.77 13.40 -13.59
C VAL E 210 8.00 14.39 -14.75
N SER E 211 7.38 14.15 -15.89
CA SER E 211 7.72 14.93 -17.08
C SER E 211 7.13 16.36 -17.08
N GLY E 212 5.96 16.52 -16.46
CA GLY E 212 5.22 17.76 -16.64
C GLY E 212 4.79 17.85 -18.11
N PRO E 213 4.42 19.04 -18.58
CA PRO E 213 4.43 20.36 -17.91
C PRO E 213 3.23 20.66 -17.00
N ASN E 214 2.10 19.96 -17.15
CA ASN E 214 0.99 20.07 -16.18
C ASN E 214 1.40 19.71 -14.76
N LEU E 215 0.76 20.37 -13.78
CA LEU E 215 0.82 19.92 -12.39
C LEU E 215 0.02 18.62 -12.23
N GLU E 216 0.21 17.93 -11.13
CA GLU E 216 -0.43 16.62 -10.94
C GLU E 216 -1.86 16.72 -10.41
N THR E 217 -2.68 15.71 -10.72
CA THR E 217 -4.02 15.61 -10.15
C THR E 217 -3.95 15.15 -8.68
N ARG E 218 -5.09 15.26 -7.99
CA ARG E 218 -5.22 14.77 -6.62
C ARG E 218 -4.94 13.25 -6.55
N ALA E 219 -5.55 12.48 -7.45
CA ALA E 219 -5.29 11.02 -7.53
C ALA E 219 -3.80 10.69 -7.74
N GLU E 220 -3.14 11.48 -8.57
CA GLU E 220 -1.69 11.30 -8.81
C GLU E 220 -0.83 11.63 -7.59
N TYR E 221 -1.16 12.70 -6.87
CA TYR E 221 -0.47 13.05 -5.61
C TYR E 221 -0.62 11.91 -4.61
N ARG E 222 -1.83 11.32 -4.52
CA ARG E 222 -2.00 10.12 -3.65
C ARG E 222 -1.11 8.99 -4.07
N LEU E 224 1.67 9.12 -5.86
CA LEU E 224 3.09 9.46 -5.63
C LEU E 224 3.50 9.25 -4.17
N LYS E 225 2.63 9.69 -3.26
CA LYS E 225 2.88 9.50 -1.85
C LYS E 225 2.98 8.01 -1.51
N LEU E 226 2.03 7.24 -2.00
CA LEU E 226 2.03 5.79 -1.82
C LEU E 226 3.30 5.13 -2.38
N GLY E 228 6.23 6.40 -2.38
CA GLY E 228 7.34 6.68 -1.45
C GLY E 228 7.91 8.08 -1.65
N ALA E 229 7.23 8.94 -2.40
CA ALA E 229 7.86 10.23 -2.74
C ALA E 229 7.55 11.27 -1.66
N ASP E 230 8.52 12.15 -1.38
CA ASP E 230 8.34 13.26 -0.43
C ASP E 230 8.09 14.56 -1.15
N VAL E 231 8.74 14.73 -2.32
CA VAL E 231 8.58 15.93 -3.15
C VAL E 231 8.59 15.46 -4.59
N VAL E 232 8.03 16.29 -5.45
CA VAL E 232 7.84 15.95 -6.84
C VAL E 232 8.28 17.17 -7.66
N GLY E 233 9.05 16.93 -8.70
CA GLY E 233 9.44 17.99 -9.68
C GLY E 233 9.59 17.45 -11.09
N SER E 235 12.44 17.89 -13.19
CA SER E 235 13.84 18.05 -13.59
C SER E 235 14.72 17.15 -12.74
N THR E 236 16.04 17.35 -12.86
CA THR E 236 17.04 16.95 -11.86
C THR E 236 17.49 15.49 -12.01
N VAL E 237 16.53 14.60 -12.06
CA VAL E 237 16.84 13.16 -12.19
C VAL E 237 17.72 12.84 -13.43
N PRO E 238 17.36 13.36 -14.62
CA PRO E 238 18.20 13.08 -15.81
C PRO E 238 19.63 13.53 -15.56
N GLU E 239 19.80 14.70 -14.93
CA GLU E 239 21.13 15.24 -14.68
C GLU E 239 21.91 14.37 -13.70
N VAL E 240 21.22 13.87 -12.67
CA VAL E 240 21.81 13.01 -11.64
C VAL E 240 22.25 11.66 -12.22
N LEU E 241 21.39 11.03 -13.03
CA LEU E 241 21.76 9.80 -13.75
C LEU E 241 23.07 9.95 -14.54
N VAL E 242 23.19 11.08 -15.25
CA VAL E 242 24.38 11.33 -16.07
C VAL E 242 25.58 11.61 -15.18
N ALA E 243 25.38 12.39 -14.11
CA ALA E 243 26.47 12.67 -13.16
C ALA E 243 27.00 11.37 -12.50
N VAL E 244 26.10 10.46 -12.14
CA VAL E 244 26.54 9.17 -11.55
C VAL E 244 27.30 8.31 -12.61
N HIS E 245 26.77 8.26 -13.82
CA HIS E 245 27.43 7.57 -14.95
C HIS E 245 28.87 8.11 -15.15
N ALA E 246 28.98 9.43 -15.05
CA ALA E 246 30.21 10.18 -15.21
C ALA E 246 31.14 10.19 -13.99
N GLY E 247 30.73 9.56 -12.88
CA GLY E 247 31.61 9.50 -11.69
C GLY E 247 31.62 10.74 -10.78
N LEU E 248 30.73 11.70 -11.03
CA LEU E 248 30.57 12.85 -10.14
C LEU E 248 29.89 12.49 -8.85
N ARG E 249 30.23 13.21 -7.78
CA ARG E 249 29.49 13.12 -6.54
C ARG E 249 28.36 14.15 -6.58
N VAL E 250 27.19 13.78 -6.10
CA VAL E 250 26.03 14.66 -6.21
C VAL E 250 25.51 15.14 -4.84
N LEU E 251 25.20 16.43 -4.74
CA LEU E 251 24.48 16.95 -3.58
C LEU E 251 23.27 17.66 -4.16
N GLY E 252 22.09 17.36 -3.63
CA GLY E 252 20.85 17.88 -4.21
C GLY E 252 19.93 18.50 -3.17
N PHE E 253 19.23 19.60 -3.55
CA PHE E 253 18.32 20.30 -2.68
C PHE E 253 17.02 20.58 -3.45
N SER E 254 15.87 20.41 -2.79
CA SER E 254 14.58 20.80 -3.32
C SER E 254 14.02 21.90 -2.46
N VAL E 255 13.58 22.98 -3.09
CA VAL E 255 12.80 23.99 -2.38
C VAL E 255 11.32 23.69 -2.56
N VAL E 256 10.64 23.54 -1.43
CA VAL E 256 9.22 23.20 -1.45
C VAL E 256 8.42 24.47 -1.72
N THR E 257 7.93 24.60 -2.94
CA THR E 257 7.30 25.87 -3.40
C THR E 257 5.77 25.85 -3.29
N ASP E 258 5.20 24.68 -3.02
CA ASP E 258 3.74 24.54 -3.00
C ASP E 258 3.40 23.21 -2.33
N LEU E 259 2.29 23.21 -1.58
CA LEU E 259 1.90 22.01 -0.84
C LEU E 259 0.89 21.20 -1.64
N CYS E 260 1.09 19.89 -1.68
CA CYS E 260 0.31 19.02 -2.54
C CYS E 260 -0.46 18.01 -1.69
N LEU E 261 -1.44 18.50 -0.93
CA LEU E 261 -2.26 17.65 -0.07
C LEU E 261 -3.57 17.47 -0.82
N PRO E 262 -3.81 16.25 -1.33
CA PRO E 262 -4.96 16.02 -2.21
C PRO E 262 -6.31 16.25 -1.56
N ASP E 263 -6.43 15.98 -0.25
CA ASP E 263 -7.68 16.26 0.41
C ASP E 263 -7.95 17.73 0.72
N ALA E 264 -6.98 18.58 0.41
CA ALA E 264 -7.07 20.03 0.62
C ALA E 264 -6.11 20.72 -0.38
N LEU E 265 -6.34 20.47 -1.68
CA LEU E 265 -5.43 20.98 -2.73
C LEU E 265 -6.00 22.27 -3.32
N GLU E 266 -5.24 23.36 -3.25
CA GLU E 266 -5.63 24.63 -3.90
C GLU E 266 -4.95 24.76 -5.29
N PRO E 267 -5.55 25.54 -6.22
CA PRO E 267 -4.86 25.91 -7.48
C PRO E 267 -3.54 26.62 -7.20
N VAL E 268 -2.54 26.36 -8.01
CA VAL E 268 -1.28 27.10 -7.91
C VAL E 268 -0.83 27.63 -9.28
N GLU E 269 -0.25 28.83 -9.26
CA GLU E 269 0.24 29.50 -10.47
C GLU E 269 1.73 29.83 -10.36
N LEU E 270 2.39 29.98 -11.51
CA LEU E 270 3.83 30.21 -11.58
C LEU E 270 4.27 31.35 -10.63
N ASN E 271 3.50 32.43 -10.65
CA ASN E 271 3.70 33.61 -9.83
C ASN E 271 4.02 33.31 -8.36
N LYS E 272 3.15 32.53 -7.71
CA LYS E 272 3.34 32.16 -6.28
C LYS E 272 4.53 31.22 -6.07
N ILE E 273 4.67 30.26 -6.98
CA ILE E 273 5.76 29.29 -6.93
C ILE E 273 7.08 30.05 -6.87
N LEU E 274 7.23 31.05 -7.74
CA LEU E 274 8.42 31.89 -7.83
C LEU E 274 8.72 32.61 -6.52
N GLU E 275 7.68 33.11 -5.88
CA GLU E 275 7.81 33.85 -4.62
C GLU E 275 8.27 32.94 -3.47
N VAL E 276 7.66 31.76 -3.38
CA VAL E 276 8.09 30.78 -2.37
C VAL E 276 9.50 30.31 -2.69
N ALA E 277 9.74 30.07 -3.98
CA ALA E 277 11.07 29.76 -4.48
C ALA E 277 12.11 30.75 -3.96
N ALA E 278 11.82 32.05 -4.08
CA ALA E 278 12.77 33.06 -3.61
C ALA E 278 13.12 32.90 -2.11
N ARG E 279 12.16 32.43 -1.30
CA ARG E 279 12.36 32.31 0.15
C ARG E 279 13.32 31.15 0.47
N GLY E 280 13.07 30.02 -0.19
CA GLY E 280 13.96 28.87 -0.07
C GLY E 280 15.35 29.19 -0.58
N GLY E 281 15.39 29.85 -1.74
CA GLY E 281 16.65 30.38 -2.27
C GLY E 281 17.51 31.25 -1.33
N ALA E 282 16.85 32.11 -0.54
CA ALA E 282 17.53 32.91 0.49
C ALA E 282 18.17 32.02 1.58
N LYS E 283 17.54 30.88 1.89
CA LYS E 283 18.16 29.89 2.79
C LYS E 283 19.36 29.22 2.14
N LEU E 284 19.19 28.77 0.89
CA LEU E 284 20.29 28.19 0.12
C LEU E 284 21.50 29.11 -0.03
N ALA E 285 21.23 30.41 -0.17
CA ALA E 285 22.27 31.44 -0.20
C ALA E 285 23.15 31.46 1.05
N ARG E 286 22.59 31.08 2.20
CA ARG E 286 23.35 30.93 3.43
C ARG E 286 24.01 29.56 3.50
N LEU E 287 23.27 28.53 3.09
CA LEU E 287 23.79 27.16 3.17
C LEU E 287 24.97 26.87 2.25
N ILE E 288 24.80 27.17 0.96
CA ILE E 288 25.78 26.73 -0.05
C ILE E 288 27.21 27.25 0.17
N PRO E 289 27.40 28.58 0.39
CA PRO E 289 28.79 29.02 0.65
C PRO E 289 29.49 28.39 1.88
N GLU E 290 28.72 27.95 2.88
CA GLU E 290 29.33 27.24 4.04
C GLU E 290 29.66 25.79 3.71
N ILE E 291 28.81 25.16 2.91
CA ILE E 291 28.97 23.77 2.53
C ILE E 291 30.14 23.56 1.59
N LEU E 292 30.25 24.39 0.57
CA LEU E 292 31.23 24.17 -0.51
C LEU E 292 32.69 23.88 -0.06
N PRO E 293 33.22 24.67 0.89
CA PRO E 293 34.61 24.37 1.31
C PRO E 293 34.77 23.06 2.09
N ARG E 294 33.67 22.54 2.66
CA ARG E 294 33.71 21.30 3.45
C ARG E 294 33.55 20.03 2.62
N ILE E 295 33.18 20.20 1.34
CA ILE E 295 32.99 19.09 0.40
C ILE E 295 33.94 19.13 -0.82
N ALA E 296 34.54 20.29 -1.13
CA ALA E 296 35.30 20.48 -2.38
C ALA E 296 36.77 20.81 -2.11
N GLU F 25 3.29 28.06 -34.19
CA GLU F 25 2.89 27.15 -35.31
C GLU F 25 1.55 26.43 -35.08
N LEU F 26 1.35 25.92 -33.88
CA LEU F 26 0.10 25.23 -33.54
C LEU F 26 -1.11 26.13 -33.79
N LYS F 27 -1.00 27.37 -33.31
CA LYS F 27 -2.09 28.34 -33.33
C LYS F 27 -2.50 28.63 -34.78
N SER F 28 -1.49 28.76 -35.63
CA SER F 28 -1.66 28.92 -37.08
C SER F 28 -2.46 27.76 -37.73
N ARG F 29 -2.24 26.53 -37.26
CA ARG F 29 -2.96 25.37 -37.82
C ARG F 29 -4.42 25.29 -37.32
N ILE F 30 -4.63 25.71 -36.07
CA ILE F 30 -5.95 25.65 -35.46
C ILE F 30 -6.90 26.65 -36.12
N ASP F 31 -6.46 27.90 -36.24
CA ASP F 31 -7.26 28.96 -36.86
C ASP F 31 -7.62 28.68 -38.33
N GLN F 32 -6.73 28.02 -39.06
CA GLN F 32 -7.02 27.55 -40.42
C GLN F 32 -8.06 26.44 -40.46
N ALA F 33 -7.97 25.51 -39.49
CA ALA F 33 -8.93 24.40 -39.39
C ALA F 33 -10.31 24.97 -39.12
N THR F 34 -10.35 25.92 -38.19
CA THR F 34 -11.56 26.61 -37.74
C THR F 34 -12.19 27.52 -38.78
N ALA F 35 -11.39 28.37 -39.41
CA ALA F 35 -11.86 29.27 -40.47
C ALA F 35 -12.53 28.53 -41.63
N LYS F 36 -12.09 27.30 -41.90
CA LYS F 36 -12.81 26.45 -42.86
C LYS F 36 -14.12 25.92 -42.31
N ILE F 37 -14.12 25.39 -41.09
CA ILE F 37 -15.40 24.98 -40.45
C ILE F 37 -16.37 26.18 -40.37
N SER F 38 -15.88 27.35 -39.95
CA SER F 38 -16.67 28.58 -39.93
C SER F 38 -17.35 28.84 -41.29
N GLN F 39 -16.63 28.55 -42.39
CA GLN F 39 -17.15 28.75 -43.75
C GLN F 39 -18.39 27.91 -44.07
N LEU F 40 -18.42 26.67 -43.58
CA LEU F 40 -19.50 25.75 -43.93
C LEU F 40 -20.48 25.42 -42.78
N TRP F 41 -20.43 26.20 -41.70
CA TRP F 41 -21.39 26.10 -40.62
C TRP F 41 -21.47 27.40 -39.84
N GLN F 42 -22.69 27.92 -39.70
CA GLN F 42 -22.94 29.18 -38.98
C GLN F 42 -23.12 28.95 -37.47
N GLY F 43 -23.20 27.68 -37.08
CA GLY F 43 -23.41 27.28 -35.69
C GLY F 43 -22.27 27.68 -34.78
N GLU F 44 -22.61 28.18 -33.59
CA GLU F 44 -21.61 28.47 -32.56
C GLU F 44 -21.86 27.54 -31.37
N PRO F 45 -21.24 26.35 -31.39
CA PRO F 45 -21.53 25.32 -30.39
C PRO F 45 -21.03 25.72 -29.00
N ALA F 46 -21.77 25.30 -27.99
CA ALA F 46 -21.39 25.55 -26.61
C ALA F 46 -20.69 24.31 -26.04
N VAL F 47 -20.87 23.17 -26.71
CA VAL F 47 -20.40 21.87 -26.21
C VAL F 47 -19.79 21.06 -27.35
N GLY F 48 -18.61 20.51 -27.07
CA GLY F 48 -17.96 19.58 -27.96
C GLY F 48 -18.03 18.21 -27.29
N ILE F 50 -16.72 13.97 -27.49
CA ILE F 50 -15.86 12.91 -28.04
C ILE F 50 -16.46 11.59 -27.56
N LEU F 51 -16.96 10.80 -28.49
CA LEU F 51 -17.77 9.63 -28.13
C LEU F 51 -16.99 8.34 -28.29
N GLY F 52 -16.98 7.56 -27.21
CA GLY F 52 -16.09 6.41 -27.08
C GLY F 52 -16.56 5.13 -27.73
N THR F 53 -15.70 4.11 -27.64
CA THR F 53 -15.86 2.82 -28.32
C THR F 53 -17.22 2.22 -28.04
N GLY F 54 -17.95 1.94 -29.12
CA GLY F 54 -19.31 1.39 -29.04
C GLY F 54 -20.37 2.28 -28.42
N LEU F 55 -20.19 3.60 -28.51
CA LEU F 55 -21.15 4.57 -27.95
C LEU F 55 -21.80 5.46 -29.04
N GLY F 56 -22.79 4.89 -29.75
CA GLY F 56 -23.41 5.52 -30.93
C GLY F 56 -24.92 5.72 -30.94
N GLY F 57 -25.62 5.20 -29.93
CA GLY F 57 -27.04 5.50 -29.72
C GLY F 57 -27.23 6.94 -29.26
N LEU F 58 -26.10 7.57 -28.93
CA LEU F 58 -26.01 8.97 -28.52
C LEU F 58 -25.97 9.84 -29.78
N ALA F 59 -25.10 9.47 -30.71
CA ALA F 59 -24.90 10.21 -31.95
C ALA F 59 -26.16 10.34 -32.83
N GLU F 60 -27.03 9.33 -32.82
CA GLU F 60 -28.19 9.34 -33.72
C GLU F 60 -29.45 10.01 -33.19
N GLN F 61 -29.26 10.94 -32.25
CA GLN F 61 -30.35 11.80 -31.78
C GLN F 61 -30.09 13.25 -32.20
N ILE F 62 -28.81 13.61 -32.19
CA ILE F 62 -28.33 14.87 -32.75
C ILE F 62 -29.05 15.17 -34.07
N GLU F 63 -29.63 16.36 -34.13
CA GLU F 63 -30.15 16.94 -35.35
C GLU F 63 -28.97 17.49 -36.14
N GLN F 64 -28.56 16.76 -37.18
CA GLN F 64 -27.42 17.13 -38.02
C GLN F 64 -27.72 18.32 -38.94
N ASP F 65 -26.91 19.37 -38.84
CA ASP F 65 -26.87 20.43 -39.84
C ASP F 65 -25.96 19.97 -40.99
N ILE F 66 -24.70 19.67 -40.66
CA ILE F 66 -23.67 19.30 -41.64
C ILE F 66 -22.62 18.38 -40.98
N ALA F 67 -22.39 17.22 -41.58
CA ALA F 67 -21.28 16.38 -41.14
C ALA F 67 -20.04 16.74 -41.99
N ILE F 68 -19.00 17.24 -41.34
CA ILE F 68 -17.77 17.65 -42.05
C ILE F 68 -16.70 16.57 -41.92
N PRO F 69 -16.51 15.77 -43.01
CA PRO F 69 -15.49 14.72 -42.96
C PRO F 69 -14.11 15.30 -42.70
N TYR F 70 -13.30 14.55 -41.94
CA TYR F 70 -11.99 15.00 -41.50
C TYR F 70 -11.09 15.46 -42.66
N SER F 71 -11.22 14.77 -43.80
CA SER F 71 -10.56 15.13 -45.07
C SER F 71 -10.66 16.59 -45.54
N ASP F 72 -11.77 17.25 -45.24
CA ASP F 72 -11.98 18.63 -45.73
C ASP F 72 -11.54 19.71 -44.73
N ILE F 73 -10.91 19.26 -43.64
CA ILE F 73 -10.44 20.16 -42.60
C ILE F 73 -8.92 20.22 -42.63
N PRO F 74 -8.37 21.41 -42.95
CA PRO F 74 -6.94 21.64 -42.83
C PRO F 74 -6.37 21.09 -41.51
N HIS F 75 -5.39 20.21 -41.63
CA HIS F 75 -4.56 19.73 -40.49
C HIS F 75 -5.20 18.70 -39.57
N PHE F 76 -6.43 18.30 -39.86
CA PHE F 76 -7.07 17.21 -39.13
C PHE F 76 -6.41 15.88 -39.44
N PRO F 77 -6.36 14.97 -38.45
CA PRO F 77 -6.00 13.57 -38.71
C PRO F 77 -7.16 12.87 -39.42
N THR F 78 -7.01 11.59 -39.78
CA THR F 78 -8.12 10.83 -40.38
C THR F 78 -8.27 9.38 -39.86
N SER F 79 -9.41 9.13 -39.21
CA SER F 79 -9.66 7.93 -38.40
C SER F 79 -9.72 6.62 -39.18
N THR F 80 -9.71 5.51 -38.44
CA THR F 80 -9.74 4.16 -39.01
C THR F 80 -10.40 3.10 -38.12
N VAL F 81 -10.21 3.24 -36.79
CA VAL F 81 -10.70 2.25 -35.80
C VAL F 81 -12.17 1.85 -35.95
N LYS F 82 -12.48 0.58 -35.63
CA LYS F 82 -13.83 0.04 -35.76
C LYS F 82 -14.82 0.62 -34.74
N SER F 83 -16.10 0.65 -35.12
CA SER F 83 -17.18 1.19 -34.29
C SER F 83 -17.16 2.72 -34.17
N HIS F 84 -16.47 3.38 -35.10
CA HIS F 84 -16.44 4.84 -35.20
C HIS F 84 -16.74 5.25 -36.66
N ALA F 85 -16.56 6.53 -37.00
CA ALA F 85 -16.88 7.03 -38.35
C ALA F 85 -15.72 7.70 -39.11
N GLY F 86 -15.59 9.03 -38.95
CA GLY F 86 -14.56 9.82 -39.65
C GLY F 86 -15.05 11.16 -40.14
N ARG F 87 -16.01 11.74 -39.41
CA ARG F 87 -16.61 13.02 -39.76
C ARG F 87 -16.82 13.85 -38.49
N LEU F 88 -16.87 15.17 -38.64
CA LEU F 88 -17.24 16.07 -37.56
C LEU F 88 -18.73 16.44 -37.68
N VAL F 89 -19.54 15.87 -36.79
CA VAL F 89 -21.00 16.11 -36.77
C VAL F 89 -21.30 17.48 -36.13
N CYS F 90 -21.92 18.38 -36.90
CA CYS F 90 -22.27 19.72 -36.45
C CYS F 90 -23.78 19.92 -36.48
N GLY F 91 -24.37 20.19 -35.32
CA GLY F 91 -25.82 20.34 -35.28
C GLY F 91 -26.34 20.70 -33.92
N ARG F 92 -27.48 20.11 -33.57
CA ARG F 92 -28.08 20.36 -32.27
C ARG F 92 -28.46 19.08 -31.52
N LEU F 93 -28.39 19.14 -30.21
CA LEU F 93 -28.86 18.06 -29.36
C LEU F 93 -29.80 18.66 -28.34
N ARG F 94 -31.08 18.27 -28.41
CA ARG F 94 -32.14 18.90 -27.61
C ARG F 94 -32.03 20.42 -27.66
N GLY F 95 -31.91 20.95 -28.88
CA GLY F 95 -31.90 22.40 -29.12
C GLY F 95 -30.56 23.05 -28.83
N ILE F 96 -29.61 22.27 -28.32
CA ILE F 96 -28.30 22.80 -27.87
C ILE F 96 -27.27 22.57 -28.97
N PRO F 97 -26.69 23.67 -29.51
CA PRO F 97 -25.68 23.60 -30.57
C PRO F 97 -24.46 22.78 -30.10
N ILE F 98 -24.12 21.77 -30.87
CA ILE F 98 -23.01 20.90 -30.49
C ILE F 98 -22.14 20.53 -31.67
N VAL F 99 -20.93 20.09 -31.36
CA VAL F 99 -20.04 19.55 -32.35
C VAL F 99 -19.50 18.27 -31.75
N ALA F 100 -19.56 17.21 -32.53
CA ALA F 100 -19.24 15.90 -32.00
C ALA F 100 -18.34 15.11 -32.92
N GLU F 102 -17.39 11.82 -34.25
CA GLU F 102 -17.69 10.43 -34.59
C GLU F 102 -16.61 10.00 -35.59
N GLY F 103 -15.71 9.14 -35.10
CA GLY F 103 -14.37 8.92 -35.67
C GLY F 103 -13.35 9.42 -34.66
N ARG F 104 -12.71 8.50 -33.93
CA ARG F 104 -11.81 8.86 -32.81
C ARG F 104 -10.37 8.37 -33.03
N PHE F 105 -9.39 9.14 -32.52
CA PHE F 105 -7.97 8.81 -32.69
C PHE F 105 -7.35 8.36 -31.38
N HIS F 106 -6.56 7.29 -31.41
CA HIS F 106 -5.94 6.74 -30.19
C HIS F 106 -4.42 6.65 -30.32
N TYR F 107 -3.73 6.85 -29.20
CA TYR F 107 -2.27 6.78 -29.18
C TYR F 107 -1.79 5.42 -29.67
N TYR F 108 -2.50 4.37 -29.27
CA TYR F 108 -2.11 2.98 -29.61
C TYR F 108 -2.18 2.73 -31.14
N GLU F 109 -2.97 3.51 -31.87
CA GLU F 109 -3.04 3.37 -33.33
C GLU F 109 -1.79 3.92 -34.04
N GLY F 110 -1.01 4.72 -33.33
CA GLY F 110 0.19 5.32 -33.91
C GLY F 110 0.13 6.83 -34.09
N TYR F 111 -0.98 7.45 -33.70
CA TYR F 111 -1.05 8.92 -33.70
C TYR F 111 -0.22 9.49 -32.55
N SER F 112 0.35 10.69 -32.76
CA SER F 112 0.94 11.45 -31.65
C SER F 112 -0.19 12.04 -30.81
N LEU F 113 0.09 12.46 -29.59
CA LEU F 113 -0.95 13.12 -28.81
C LEU F 113 -1.27 14.52 -29.34
N GLU F 114 -0.34 15.06 -30.11
CA GLU F 114 -0.56 16.25 -30.90
C GLU F 114 -1.77 16.05 -31.83
N GLN F 115 -1.80 14.91 -32.53
CA GLN F 115 -2.90 14.55 -33.43
C GLN F 115 -4.18 14.20 -32.66
N VAL F 116 -4.06 13.34 -31.64
CA VAL F 116 -5.22 12.99 -30.81
C VAL F 116 -5.99 14.23 -30.31
N THR F 117 -5.24 15.26 -29.93
CA THR F 117 -5.80 16.43 -29.23
C THR F 117 -6.07 17.66 -30.09
N PHE F 118 -5.63 17.60 -31.33
CA PHE F 118 -5.92 18.67 -32.28
C PHE F 118 -7.43 18.97 -32.36
N PRO F 119 -8.31 17.93 -32.40
CA PRO F 119 -9.75 18.30 -32.44
C PRO F 119 -10.25 19.07 -31.21
N VAL F 120 -9.57 18.91 -30.06
CA VAL F 120 -9.97 19.62 -28.86
C VAL F 120 -9.64 21.09 -29.06
N ARG F 121 -8.44 21.38 -29.56
CA ARG F 121 -8.03 22.77 -29.84
C ARG F 121 -9.00 23.48 -30.81
N VAL F 122 -9.49 22.72 -31.79
CA VAL F 122 -10.45 23.23 -32.78
C VAL F 122 -11.81 23.53 -32.13
N LYS F 124 -12.24 24.27 -29.08
CA LYS F 124 -11.97 25.51 -28.35
C LYS F 124 -12.07 26.76 -29.24
N ALA F 125 -11.47 26.70 -30.43
CA ALA F 125 -11.45 27.85 -31.34
C ALA F 125 -12.84 28.13 -31.90
N GLY F 127 -15.39 27.86 -30.27
CA GLY F 127 -16.11 28.54 -29.19
C GLY F 127 -16.83 27.64 -28.16
N VAL F 128 -16.59 26.34 -28.15
CA VAL F 128 -17.26 25.53 -27.11
C VAL F 128 -16.72 25.89 -25.72
N LYS F 129 -17.54 25.72 -24.70
CA LYS F 129 -17.15 26.04 -23.34
C LYS F 129 -16.84 24.77 -22.54
N THR F 130 -17.46 23.68 -22.97
CA THR F 130 -17.45 22.41 -22.23
C THR F 130 -17.14 21.32 -23.21
N LEU F 131 -16.28 20.40 -22.78
CA LEU F 131 -16.00 19.20 -23.53
C LEU F 131 -16.62 18.06 -22.76
N LEU F 132 -17.48 17.31 -23.44
CA LEU F 132 -17.99 16.07 -22.90
C LEU F 132 -17.24 14.90 -23.55
N VAL F 133 -16.61 14.04 -22.73
CA VAL F 133 -15.88 12.92 -23.26
C VAL F 133 -16.46 11.65 -22.70
N THR F 134 -16.66 10.65 -23.56
CA THR F 134 -17.02 9.33 -23.06
C THR F 134 -16.02 8.30 -23.55
N ASN F 135 -15.91 7.20 -22.81
CA ASN F 135 -15.01 6.11 -23.18
C ASN F 135 -15.51 4.74 -22.70
N ALA F 136 -14.92 3.67 -23.21
CA ALA F 136 -15.15 2.33 -22.66
C ALA F 136 -13.96 2.06 -21.77
N ALA F 137 -14.18 1.36 -20.64
CA ALA F 137 -13.13 1.12 -19.66
C ALA F 137 -13.26 -0.22 -18.94
N GLY F 138 -12.13 -0.71 -18.45
CA GLY F 138 -12.12 -1.91 -17.63
C GLY F 138 -12.45 -1.47 -16.22
N GLY F 139 -13.32 -2.20 -15.56
CA GLY F 139 -13.74 -1.91 -14.18
C GLY F 139 -12.74 -2.55 -13.25
N ILE F 140 -12.00 -1.74 -12.49
CA ILE F 140 -11.05 -2.29 -11.49
C ILE F 140 -11.65 -2.34 -10.10
N ASN F 141 -12.37 -1.29 -9.73
CA ASN F 141 -13.09 -1.27 -8.44
C ASN F 141 -14.16 -2.38 -8.41
N PRO F 142 -14.05 -3.33 -7.45
CA PRO F 142 -14.98 -4.47 -7.31
C PRO F 142 -16.44 -4.09 -7.03
N GLN F 143 -16.70 -2.86 -6.58
CA GLN F 143 -18.09 -2.35 -6.40
C GLN F 143 -18.78 -2.04 -7.73
N LEU F 144 -18.04 -2.12 -8.83
CA LEU F 144 -18.62 -1.84 -10.17
C LEU F 144 -19.26 -3.07 -10.84
N ASP F 145 -20.31 -2.81 -11.63
CA ASP F 145 -20.98 -3.85 -12.42
C ASP F 145 -20.82 -3.55 -13.90
N LEU F 146 -20.92 -4.61 -14.70
CA LEU F 146 -20.95 -4.50 -16.15
C LEU F 146 -22.01 -3.51 -16.62
N SER F 147 -21.61 -2.68 -17.59
CA SER F 147 -22.44 -1.63 -18.19
C SER F 147 -22.72 -0.42 -17.27
N ASP F 148 -22.07 -0.35 -16.11
CA ASP F 148 -22.13 0.87 -15.29
C ASP F 148 -21.67 2.11 -16.03
N VAL F 149 -22.31 3.24 -15.78
CA VAL F 149 -21.87 4.50 -16.34
C VAL F 149 -21.26 5.25 -15.16
N LEU F 150 -19.94 5.41 -15.17
CA LEU F 150 -19.27 6.06 -14.06
C LEU F 150 -19.01 7.49 -14.45
N ILE F 151 -19.24 8.42 -13.53
CA ILE F 151 -18.81 9.80 -13.72
C ILE F 151 -17.36 9.94 -13.29
N ILE F 152 -16.52 10.41 -14.21
CA ILE F 152 -15.06 10.55 -13.94
C ILE F 152 -14.81 11.77 -13.08
N GLU F 153 -14.27 11.53 -11.91
CA GLU F 153 -14.11 12.56 -10.91
C GLU F 153 -12.68 13.05 -10.92
N ASP F 154 -11.80 12.19 -11.41
CA ASP F 154 -10.35 12.49 -11.42
C ASP F 154 -9.68 11.49 -12.29
N HIS F 155 -8.39 11.68 -12.57
CA HIS F 155 -7.66 10.72 -13.36
C HIS F 155 -6.20 10.57 -12.91
N ILE F 156 -5.62 9.47 -13.37
CA ILE F 156 -4.19 9.18 -13.23
C ILE F 156 -3.71 9.00 -14.68
N ASN F 157 -2.64 9.71 -15.07
CA ASN F 157 -2.08 9.64 -16.45
C ASN F 157 -0.88 8.73 -16.45
N LEU F 158 -1.02 7.52 -16.98
CA LEU F 158 0.13 6.62 -17.07
C LEU F 158 0.57 6.46 -18.54
N PRO F 160 2.83 7.26 -21.79
CA PRO F 160 4.25 7.63 -21.91
C PRO F 160 4.55 8.97 -22.64
N GLU F 161 3.52 9.70 -23.07
CA GLU F 161 3.69 10.98 -23.77
C GLU F 161 2.67 11.97 -23.24
N ASN F 162 2.98 13.26 -23.37
CA ASN F 162 2.13 14.33 -22.88
C ASN F 162 1.88 15.32 -24.01
N PRO F 163 0.59 15.59 -24.32
CA PRO F 163 0.28 16.45 -25.47
C PRO F 163 0.74 17.90 -25.31
N LEU F 164 1.14 18.26 -24.10
CA LEU F 164 1.58 19.62 -23.80
C LEU F 164 3.09 19.77 -23.89
N ARG F 165 3.80 18.67 -24.13
CA ARG F 165 5.25 18.77 -24.18
C ARG F 165 5.67 19.62 -25.38
N GLY F 166 6.75 20.40 -25.23
CA GLY F 166 7.20 21.30 -26.29
C GLY F 166 6.98 22.74 -25.92
N PRO F 167 7.23 23.69 -26.89
CA PRO F 167 7.04 25.10 -26.58
C PRO F 167 5.57 25.38 -26.28
N ASN F 168 5.34 26.32 -25.37
CA ASN F 168 4.00 26.72 -24.99
C ASN F 168 3.61 28.08 -25.56
N ASP F 169 2.41 28.16 -26.12
CA ASP F 169 1.90 29.44 -26.58
C ASP F 169 0.87 29.94 -25.55
N GLU F 170 1.24 30.98 -24.82
CA GLU F 170 0.42 31.57 -23.75
C GLU F 170 -0.93 32.09 -24.23
N GLU F 171 -1.04 32.26 -25.54
CA GLU F 171 -2.32 32.57 -26.15
C GLU F 171 -3.28 31.39 -26.11
N LEU F 172 -2.74 30.18 -25.98
CA LEU F 172 -3.56 28.95 -25.92
C LEU F 172 -3.79 28.53 -24.49
N GLY F 173 -2.76 28.70 -23.65
CA GLY F 173 -2.83 28.38 -22.24
C GLY F 173 -1.50 28.44 -21.53
N PRO F 174 -1.52 28.26 -20.21
CA PRO F 174 -0.34 28.51 -19.41
C PRO F 174 0.69 27.39 -19.51
N ARG F 175 1.93 27.72 -19.21
CA ARG F 175 2.99 26.76 -19.29
C ARG F 175 2.74 25.57 -18.39
N PHE F 176 2.25 25.82 -17.18
CA PHE F 176 2.07 24.77 -16.15
C PHE F 176 0.60 24.69 -15.72
N PRO F 177 -0.27 24.11 -16.58
CA PRO F 177 -1.68 24.09 -16.17
C PRO F 177 -1.94 23.39 -14.84
N ASP F 178 -2.80 24.01 -14.03
CA ASP F 178 -3.28 23.42 -12.79
C ASP F 178 -4.23 22.24 -13.05
N SER F 180 -5.98 20.59 -10.41
CA SER F 180 -6.67 20.33 -9.14
C SER F 180 -8.14 19.97 -9.34
N HIS F 181 -8.74 20.45 -10.42
CA HIS F 181 -10.11 20.06 -10.74
C HIS F 181 -10.32 19.85 -12.23
N PRO F 182 -9.69 18.82 -12.81
CA PRO F 182 -9.80 18.68 -14.27
C PRO F 182 -11.25 18.41 -14.74
N TYR F 183 -12.06 17.77 -13.89
CA TYR F 183 -13.45 17.41 -14.17
C TYR F 183 -14.34 18.38 -13.39
N ASP F 184 -15.11 19.18 -14.11
CA ASP F 184 -15.77 20.34 -13.52
C ASP F 184 -16.76 19.97 -12.40
N CYS F 185 -16.67 20.65 -11.27
CA CYS F 185 -17.47 20.22 -10.10
C CYS F 185 -18.99 20.38 -10.31
N GLN F 186 -19.38 21.51 -10.87
CA GLN F 186 -20.79 21.77 -11.11
C GLN F 186 -21.35 20.87 -12.20
N HIS F 187 -20.58 20.61 -13.26
CA HIS F 187 -21.01 19.63 -14.27
C HIS F 187 -21.32 18.25 -13.69
N GLU F 189 -22.01 17.54 -10.56
CA GLU F 189 -23.16 17.72 -9.69
C GLU F 189 -24.48 17.58 -10.51
N VAL F 190 -24.50 18.19 -11.71
CA VAL F 190 -25.67 18.10 -12.58
C VAL F 190 -25.83 16.70 -13.16
N ALA F 191 -24.72 16.11 -13.60
CA ALA F 191 -24.73 14.71 -14.05
C ALA F 191 -25.37 13.80 -12.99
N ARG F 192 -24.96 13.95 -11.73
CA ARG F 192 -25.55 13.11 -10.67
C ARG F 192 -27.02 13.43 -10.41
N GLN F 193 -27.37 14.71 -10.47
CA GLN F 193 -28.77 15.14 -10.30
C GLN F 193 -29.70 14.51 -11.33
N VAL F 194 -29.29 14.57 -12.60
CA VAL F 194 -30.02 13.94 -13.68
C VAL F 194 -30.06 12.41 -13.53
N ALA F 195 -28.93 11.83 -13.13
CA ALA F 195 -28.84 10.37 -12.90
C ALA F 195 -29.94 9.93 -11.92
N LEU F 196 -29.99 10.60 -10.77
CA LEU F 196 -31.01 10.34 -9.74
C LEU F 196 -32.45 10.57 -10.22
N GLU F 197 -32.71 11.74 -10.81
CA GLU F 197 -34.02 11.99 -11.46
C GLU F 197 -34.44 10.86 -12.40
N LEU F 198 -33.50 10.36 -13.20
CA LEU F 198 -33.80 9.23 -14.08
C LEU F 198 -33.82 7.87 -13.41
N GLY F 199 -33.33 7.79 -12.17
CA GLY F 199 -33.23 6.51 -11.49
C GLY F 199 -32.10 5.65 -12.02
N ILE F 200 -30.98 6.28 -12.40
CA ILE F 200 -29.81 5.56 -12.92
C ILE F 200 -28.71 5.73 -11.87
N HIS F 201 -28.07 4.61 -11.50
CA HIS F 201 -26.89 4.63 -10.64
C HIS F 201 -25.66 4.95 -11.49
N CYS F 202 -25.09 6.14 -11.24
CA CYS F 202 -23.82 6.59 -11.80
C CYS F 202 -22.80 6.89 -10.67
N PRO F 203 -21.96 5.89 -10.28
CA PRO F 203 -20.94 6.20 -9.27
C PRO F 203 -19.87 7.13 -9.84
N LYS F 204 -19.14 7.80 -8.93
CA LYS F 204 -17.97 8.59 -9.29
C LYS F 204 -16.71 7.77 -9.09
N GLY F 205 -15.69 8.01 -9.91
CA GLY F 205 -14.41 7.32 -9.71
C GLY F 205 -13.24 7.88 -10.49
N VAL F 206 -12.08 7.25 -10.28
CA VAL F 206 -10.81 7.70 -10.86
C VAL F 206 -10.55 6.84 -12.09
N PHE F 207 -10.29 7.49 -13.22
CA PHE F 207 -9.96 6.83 -14.50
C PHE F 207 -8.46 6.85 -14.68
N VAL F 208 -7.84 5.70 -14.99
CA VAL F 208 -6.41 5.67 -15.28
C VAL F 208 -6.24 5.42 -16.79
N ALA F 209 -5.46 6.26 -17.46
CA ALA F 209 -5.14 6.05 -18.88
C ALA F 209 -3.86 5.26 -19.01
N VAL F 210 -3.91 4.23 -19.83
CA VAL F 210 -2.69 3.52 -20.18
C VAL F 210 -2.62 3.50 -21.72
N SER F 211 -1.45 3.23 -22.26
CA SER F 211 -1.32 3.34 -23.74
C SER F 211 -2.05 2.24 -24.49
N GLY F 212 -1.96 1.00 -23.99
CA GLY F 212 -2.40 -0.20 -24.70
C GLY F 212 -1.41 -0.55 -25.82
N PRO F 213 -1.83 -1.35 -26.83
CA PRO F 213 -3.18 -1.83 -27.09
C PRO F 213 -3.57 -3.13 -26.38
N ASN F 214 -2.59 -3.86 -25.86
CA ASN F 214 -2.90 -5.08 -25.15
C ASN F 214 -3.71 -4.74 -23.90
N LEU F 215 -4.54 -5.68 -23.47
CA LEU F 215 -5.21 -5.55 -22.18
C LEU F 215 -4.19 -5.84 -21.09
N GLU F 216 -4.50 -5.46 -19.85
CA GLU F 216 -3.54 -5.56 -18.74
C GLU F 216 -3.42 -6.99 -18.19
N THR F 217 -2.28 -7.30 -17.58
CA THR F 217 -2.08 -8.59 -16.87
C THR F 217 -2.81 -8.52 -15.52
N ARG F 218 -3.03 -9.67 -14.87
CA ARG F 218 -3.54 -9.76 -13.48
C ARG F 218 -2.68 -8.89 -12.54
N ALA F 219 -1.36 -9.03 -12.62
CA ALA F 219 -0.42 -8.23 -11.83
C ALA F 219 -0.57 -6.74 -12.08
N GLU F 220 -0.72 -6.34 -13.34
CA GLU F 220 -1.01 -4.91 -13.66
C GLU F 220 -2.33 -4.41 -13.07
N TYR F 221 -3.41 -5.19 -13.15
CA TYR F 221 -4.64 -4.78 -12.51
C TYR F 221 -4.52 -4.61 -10.98
N ARG F 222 -3.81 -5.53 -10.32
CA ARG F 222 -3.56 -5.35 -8.88
C ARG F 222 -2.84 -4.04 -8.61
N LEU F 224 -2.72 -1.26 -10.62
CA LEU F 224 -3.61 -0.11 -10.89
C LEU F 224 -4.61 0.13 -9.73
N LYS F 225 -5.18 -0.93 -9.16
CA LYS F 225 -6.08 -0.76 -8.00
C LYS F 225 -5.35 -0.10 -6.83
N LEU F 226 -4.16 -0.58 -6.52
CA LEU F 226 -3.37 -0.11 -5.41
C LEU F 226 -2.98 1.36 -5.60
N GLY F 228 -4.86 3.47 -7.02
CA GLY F 228 -6.06 4.29 -6.75
C GLY F 228 -7.05 4.35 -7.92
N ALA F 229 -6.83 3.53 -8.95
CA ALA F 229 -7.72 3.56 -10.13
C ALA F 229 -9.01 2.79 -9.91
N ASP F 230 -10.11 3.38 -10.31
CA ASP F 230 -11.40 2.62 -10.34
C ASP F 230 -11.71 1.96 -11.69
N VAL F 231 -11.34 2.63 -12.78
CA VAL F 231 -11.51 2.10 -14.15
C VAL F 231 -10.24 2.41 -14.94
N VAL F 232 -9.99 1.61 -15.98
CA VAL F 232 -8.80 1.77 -16.83
C VAL F 232 -9.20 1.84 -18.30
N GLY F 233 -8.60 2.77 -19.04
CA GLY F 233 -8.86 2.90 -20.49
C GLY F 233 -7.63 3.37 -21.25
N SER F 235 -7.62 5.99 -23.61
CA SER F 235 -7.93 7.27 -24.27
C SER F 235 -8.18 8.35 -23.23
N THR F 236 -8.70 9.51 -23.69
CA THR F 236 -9.39 10.47 -22.84
C THR F 236 -8.47 11.47 -22.09
N VAL F 237 -7.50 10.93 -21.37
CA VAL F 237 -6.63 11.76 -20.56
C VAL F 237 -5.91 12.86 -21.34
N PRO F 238 -5.32 12.51 -22.50
CA PRO F 238 -4.68 13.50 -23.39
C PRO F 238 -5.64 14.64 -23.75
N GLU F 239 -6.88 14.29 -24.09
CA GLU F 239 -7.90 15.31 -24.46
C GLU F 239 -8.27 16.20 -23.29
N VAL F 240 -8.37 15.60 -22.08
CA VAL F 240 -8.70 16.33 -20.86
C VAL F 240 -7.59 17.33 -20.51
N LEU F 241 -6.36 16.86 -20.53
CA LEU F 241 -5.18 17.72 -20.40
C LEU F 241 -5.24 18.96 -21.31
N VAL F 242 -5.38 18.73 -22.61
CA VAL F 242 -5.51 19.83 -23.58
C VAL F 242 -6.73 20.73 -23.35
N ALA F 243 -7.85 20.10 -22.99
CA ALA F 243 -9.06 20.84 -22.63
C ALA F 243 -8.79 21.81 -21.48
N VAL F 244 -8.22 21.31 -20.39
CA VAL F 244 -7.92 22.16 -19.21
C VAL F 244 -6.90 23.24 -19.54
N HIS F 245 -5.87 22.89 -20.32
CA HIS F 245 -4.90 23.89 -20.82
C HIS F 245 -5.61 25.01 -21.60
N ALA F 246 -6.60 24.62 -22.38
CA ALA F 246 -7.33 25.57 -23.21
C ALA F 246 -8.45 26.33 -22.49
N GLY F 247 -8.70 26.02 -21.22
CA GLY F 247 -9.74 26.70 -20.43
C GLY F 247 -11.16 26.15 -20.56
N LEU F 248 -11.32 24.95 -21.11
CA LEU F 248 -12.62 24.27 -21.21
C LEU F 248 -13.00 23.57 -19.94
N ARG F 249 -14.30 23.54 -19.67
CA ARG F 249 -14.83 22.71 -18.58
C ARG F 249 -15.07 21.29 -19.11
N VAL F 250 -14.75 20.28 -18.31
CA VAL F 250 -14.81 18.91 -18.80
C VAL F 250 -15.82 18.13 -17.99
N LEU F 251 -16.61 17.32 -18.68
CA LEU F 251 -17.47 16.35 -18.01
C LEU F 251 -17.18 15.02 -18.68
N GLY F 252 -16.85 14.00 -17.89
CA GLY F 252 -16.42 12.72 -18.47
C GLY F 252 -17.16 11.53 -17.89
N PHE F 253 -17.41 10.53 -18.73
CA PHE F 253 -18.08 9.32 -18.33
C PHE F 253 -17.31 8.11 -18.85
N SER F 254 -17.18 7.07 -18.03
CA SER F 254 -16.69 5.78 -18.51
C SER F 254 -17.83 4.77 -18.50
N VAL F 255 -17.95 3.99 -19.57
CA VAL F 255 -18.80 2.81 -19.54
C VAL F 255 -17.92 1.61 -19.24
N VAL F 256 -18.24 0.89 -18.16
CA VAL F 256 -17.57 -0.33 -17.71
C VAL F 256 -17.92 -1.51 -18.63
N THR F 257 -16.99 -1.92 -19.48
CA THR F 257 -17.32 -2.89 -20.54
C THR F 257 -16.88 -4.32 -20.20
N ASP F 258 -16.03 -4.45 -19.20
CA ASP F 258 -15.47 -5.74 -18.80
C ASP F 258 -14.95 -5.58 -17.38
N LEU F 259 -15.00 -6.65 -16.58
CA LEU F 259 -14.55 -6.55 -15.21
C LEU F 259 -13.13 -7.04 -15.14
N CYS F 260 -12.34 -6.37 -14.30
CA CYS F 260 -10.89 -6.66 -14.21
C CYS F 260 -10.49 -7.14 -12.80
N LEU F 261 -10.97 -8.32 -12.44
CA LEU F 261 -10.74 -8.89 -11.11
C LEU F 261 -9.61 -9.90 -11.23
N PRO F 262 -8.43 -9.56 -10.70
CA PRO F 262 -7.34 -10.43 -11.07
C PRO F 262 -7.39 -11.84 -10.50
N ASP F 263 -8.13 -12.04 -9.39
CA ASP F 263 -8.40 -13.38 -8.81
C ASP F 263 -9.45 -14.16 -9.61
N ALA F 264 -10.15 -13.51 -10.53
CA ALA F 264 -11.19 -14.14 -11.32
C ALA F 264 -11.28 -13.46 -12.69
N LEU F 265 -10.17 -13.44 -13.41
CA LEU F 265 -10.10 -12.71 -14.68
C LEU F 265 -10.39 -13.63 -15.84
N GLU F 266 -11.43 -13.31 -16.61
CA GLU F 266 -11.74 -14.10 -17.82
C GLU F 266 -11.12 -13.45 -19.07
N PRO F 267 -10.84 -14.26 -20.12
CA PRO F 267 -10.42 -13.68 -21.40
C PRO F 267 -11.53 -12.78 -21.96
N VAL F 268 -11.17 -11.63 -22.52
CA VAL F 268 -12.18 -10.82 -23.17
C VAL F 268 -11.93 -10.65 -24.66
N GLU F 269 -13.01 -10.58 -25.43
CA GLU F 269 -12.96 -10.31 -26.87
C GLU F 269 -13.68 -9.01 -27.22
N LEU F 270 -13.16 -8.33 -28.26
CA LEU F 270 -13.74 -7.07 -28.72
C LEU F 270 -15.27 -7.14 -28.88
N ASN F 271 -15.77 -8.31 -29.29
CA ASN F 271 -17.20 -8.49 -29.53
C ASN F 271 -18.09 -8.29 -28.29
N LYS F 272 -17.72 -8.92 -27.18
CA LYS F 272 -18.45 -8.77 -25.92
C LYS F 272 -18.33 -7.34 -25.39
N ILE F 273 -17.14 -6.77 -25.52
CA ILE F 273 -16.86 -5.37 -25.16
C ILE F 273 -17.85 -4.42 -25.83
N LEU F 274 -18.10 -4.66 -27.12
CA LEU F 274 -18.97 -3.79 -27.91
C LEU F 274 -20.43 -3.95 -27.51
N GLU F 275 -20.81 -5.16 -27.10
CA GLU F 275 -22.19 -5.43 -26.66
C GLU F 275 -22.49 -4.80 -25.29
N VAL F 276 -21.59 -4.97 -24.33
CA VAL F 276 -21.73 -4.31 -23.03
C VAL F 276 -21.66 -2.78 -23.23
N ALA F 277 -20.79 -2.32 -24.13
CA ALA F 277 -20.67 -0.89 -24.44
C ALA F 277 -21.99 -0.33 -24.96
N ALA F 278 -22.68 -1.11 -25.80
CA ALA F 278 -24.01 -0.74 -26.28
C ALA F 278 -25.01 -0.50 -25.13
N ARG F 279 -25.03 -1.40 -24.14
CA ARG F 279 -25.90 -1.26 -22.95
C ARG F 279 -25.61 0.01 -22.14
N GLY F 280 -24.33 0.35 -21.96
CA GLY F 280 -23.96 1.55 -21.21
C GLY F 280 -24.27 2.77 -22.06
N GLY F 281 -24.01 2.64 -23.36
CA GLY F 281 -24.34 3.66 -24.32
C GLY F 281 -25.80 4.07 -24.28
N ALA F 282 -26.67 3.10 -24.05
CA ALA F 282 -28.11 3.37 -24.01
C ALA F 282 -28.48 4.22 -22.78
N LYS F 283 -27.84 3.95 -21.65
CA LYS F 283 -28.02 4.79 -20.46
C LYS F 283 -27.54 6.23 -20.70
N LEU F 284 -26.43 6.38 -21.41
CA LEU F 284 -25.89 7.71 -21.75
C LEU F 284 -26.79 8.45 -22.74
N ALA F 285 -27.43 7.69 -23.64
CA ALA F 285 -28.43 8.18 -24.59
C ALA F 285 -29.55 8.90 -23.86
N ARG F 286 -29.79 8.48 -22.62
CA ARG F 286 -30.81 9.07 -21.76
C ARG F 286 -30.28 10.21 -20.88
N LEU F 287 -29.10 10.01 -20.31
CA LEU F 287 -28.47 10.97 -19.42
C LEU F 287 -28.06 12.27 -20.10
N ILE F 288 -27.35 12.13 -21.22
CA ILE F 288 -26.75 13.27 -21.88
C ILE F 288 -27.77 14.35 -22.37
N PRO F 289 -28.85 13.94 -23.06
CA PRO F 289 -29.76 15.01 -23.56
C PRO F 289 -30.40 15.79 -22.43
N GLU F 290 -30.52 15.14 -21.29
CA GLU F 290 -31.10 15.76 -20.10
C GLU F 290 -30.10 16.66 -19.40
N ILE F 291 -28.84 16.24 -19.36
CA ILE F 291 -27.75 17.05 -18.78
C ILE F 291 -27.43 18.31 -19.60
N LEU F 292 -27.38 18.19 -20.93
CA LEU F 292 -26.92 19.31 -21.77
C LEU F 292 -27.58 20.69 -21.53
N PRO F 293 -28.92 20.76 -21.50
CA PRO F 293 -29.50 22.10 -21.35
C PRO F 293 -29.25 22.68 -19.95
N ARG F 294 -28.72 21.85 -19.03
CA ARG F 294 -28.42 22.31 -17.68
C ARG F 294 -26.98 22.76 -17.49
N ILE F 295 -26.10 22.32 -18.39
CA ILE F 295 -24.68 22.69 -18.29
C ILE F 295 -24.27 23.72 -19.36
N ALA F 296 -25.02 23.78 -20.45
CA ALA F 296 -24.69 24.73 -21.53
C ALA F 296 -25.74 25.82 -21.70
#